data_8K27
#
_entry.id   8K27
#
loop_
_entity.id
_entity.type
_entity.pdbx_description
1 polymer Csy1
2 polymer Csy2
3 polymer Csy3
4 polymer 'RNA (60-MER)'
5 polymer 'DNA (49-MER)'
6 polymer 'DNA (25-MER)'
7 polymer Csy4
#
loop_
_entity_poly.entity_id
_entity_poly.type
_entity_poly.pdbx_seq_one_letter_code
_entity_poly.pdbx_strand_id
1 'polypeptide(L)'
;MIKEMIEDFISKGGLIFTHSGRYTNTNNSCFIFNKNDIGVDTKVDMYTPKSAGIKNEEGENLWQVLNKANMFYRIYSGEL
GEELQYLLKSCCTAKEDVTTLPQIYFKNGEGYDILVPIGNAHNLISGTEYLWEHKYYNTFTQKLGGSNPQNCTHACNKMR
GGFKQFNCTPPQVEDNYNA
;
A
2 'polypeptide(L)'
;MRKFIIVKNVKVDGINAKSSDITVGMPPATTFCGLGETMSIKTGIVVKAVSYGSVKFEVRGSRFNTSVTKFAWQDRGNGG
KANNNSPIQPKPLADGVFTLCFEVEWEDCAEVLVDKVTNFINTARIAGGTIASFNKPFVKVAKDAEELASVKNAMMPCYV
VVDCGVEVNIFEDAVNRKLQPMVNGYKKLEKIVDNKHMRDKFTPAYLATPTYTMIGYKMVSNVDNFDQALWQYGENTKVK
TIGGIYND
;
B
3 'polypeptide(L)'
;MTKLKAPAVLAYSRKINPTNALMFAVNWSDRDNTTAVMVGTKTVAGTQSVRGNPNDADKGNIQTVNFANLPHNKNTLLVK
YNVKFVGDVFKAELGGGEYSNTLQTALENTDFGTLAYRYVYNIAAGRTLWRNRVGAESIETVITVNDQTFTFSDLLVNEF
DEDVDVAEIADMVAGVLSGEGFVTLKVEHYMLLGEGSEVFPSQEFVENSKLSKQLFDLNGQAAMHDQKIGNAIRTIDTWY
EDATTPIAVEPYGSVVRNGVAYRAGNKTDLFTLMDGAVNGKSLTEEDQMFVTANLIRGGVFGGGKD
;
D,C,G,F,E,H
4 'polyribonucleotide' CUUAAAGAGUCAACCCUUUGCUUAUCUUCCCUAUUUAAAUGUUAGCAGCCGCAUAGGCUG P
5 'polydeoxyribonucleotide'
;(DA)(DT)(DT)(DT)(DA)(DA)(DA)(DT)(DA)(DG)(DG)(DG)(DA)(DA)(DG)(DA)(DT)(DA)(DA)(DG)
(DC)(DA)(DA)(DA)(DG)(DG)(DG)(DT)(DT)(DG)(DA)(DC)(DG)(DA)(DA)(DA)(DG)(DC)(DC)(DC)
(DT)(DT)(DT)(DG)(DT)(DC)(DC)(DC)(DT)
;
Q
6 'polydeoxyribonucleotide'
;(DA)(DG)(DG)(DG)(DA)(DC)(DA)(DA)(DA)(DG)(DG)(DG)(DC)(DT)(DT)(DT)(DC)(DC)(DA)(DT)
(DT)(DT)(DA)(DT)(DT)
;
R
7 'polypeptide(L)'
;MYNTISITVVDADDVGVNFVVSKVLSTLHNKGIFNGEVGVTFPRMDKNVGDIITLFSKTGVDRKVLTSTLNTLTDFIHIG
KPKEADKVKTYRKVDTKSKGKLIRRCIKRKGVSAETAESLYGNYKGEKCKLPYIVVNSKSTGQRFSMFLEECENSEKFNS
YGLCIVSC
;
I
#
# COMPACT_ATOMS: atom_id res chain seq x y z
N ILE A 2 -19.79 53.41 57.97
CA ILE A 2 -20.41 53.17 56.67
C ILE A 2 -21.86 53.62 56.70
N LYS A 3 -22.23 54.29 57.80
CA LYS A 3 -23.57 54.85 57.91
C LYS A 3 -23.79 55.98 56.92
N GLU A 4 -22.75 56.75 56.62
CA GLU A 4 -22.85 57.84 55.65
C GLU A 4 -23.06 57.33 54.23
N MET A 5 -22.75 56.06 53.96
CA MET A 5 -23.04 55.44 52.67
C MET A 5 -24.36 54.68 52.70
N ILE A 6 -24.72 54.12 53.88
CA ILE A 6 -26.01 53.44 54.03
C ILE A 6 -27.17 54.43 53.89
N GLU A 7 -27.07 55.60 54.52
CA GLU A 7 -28.14 56.59 54.36
C GLU A 7 -28.17 57.18 52.95
N ASP A 8 -27.03 57.21 52.26
CA ASP A 8 -27.03 57.67 50.87
C ASP A 8 -27.68 56.64 49.96
N PHE A 9 -27.47 55.35 50.22
CA PHE A 9 -28.13 54.31 49.45
C PHE A 9 -29.62 54.22 49.76
N ILE A 10 -30.03 54.56 50.99
CA ILE A 10 -31.45 54.54 51.31
C ILE A 10 -32.13 55.85 50.90
N SER A 11 -31.35 56.89 50.64
CA SER A 11 -31.91 58.11 50.06
C SER A 11 -32.23 57.93 48.58
N LYS A 12 -31.60 56.95 47.93
CA LYS A 12 -31.89 56.57 46.56
C LYS A 12 -33.04 55.55 46.57
N GLY A 13 -33.25 54.87 45.44
CA GLY A 13 -34.17 53.73 45.41
C GLY A 13 -33.80 52.65 46.38
N GLY A 14 -32.64 52.02 46.16
CA GLY A 14 -32.00 51.23 47.18
C GLY A 14 -32.65 49.93 47.61
N LEU A 15 -32.59 48.89 46.79
CA LEU A 15 -33.11 47.59 47.14
C LEU A 15 -31.99 46.56 47.21
N ILE A 16 -32.14 45.59 48.12
CA ILE A 16 -31.17 44.54 48.33
C ILE A 16 -31.88 43.20 48.19
N PHE A 17 -31.35 42.33 47.33
CA PHE A 17 -32.00 41.07 47.01
C PHE A 17 -30.97 39.96 46.92
N THR A 18 -31.46 38.73 46.95
CA THR A 18 -30.67 37.55 46.62
C THR A 18 -31.31 36.72 45.53
N HIS A 19 -32.45 37.16 44.99
CA HIS A 19 -33.13 36.47 43.90
C HIS A 19 -33.84 37.52 43.06
N SER A 20 -33.47 37.64 41.79
CA SER A 20 -34.06 38.66 40.93
C SER A 20 -34.31 38.07 39.54
N GLY A 21 -34.85 38.92 38.66
CA GLY A 21 -35.12 38.52 37.30
C GLY A 21 -34.45 39.43 36.29
N ARG A 22 -33.61 40.35 36.77
CA ARG A 22 -32.83 41.22 35.90
C ARG A 22 -31.68 40.48 35.22
N TYR A 23 -31.33 39.28 35.67
CA TYR A 23 -30.31 38.48 35.03
C TYR A 23 -30.82 37.70 33.84
N THR A 24 -32.15 37.68 33.64
CA THR A 24 -32.75 37.06 32.47
C THR A 24 -33.18 38.08 31.44
N ASN A 25 -33.98 39.06 31.84
CA ASN A 25 -34.37 40.16 30.98
C ASN A 25 -34.16 41.47 31.73
N THR A 26 -33.66 42.47 31.03
CA THR A 26 -33.30 43.75 31.63
C THR A 26 -34.54 44.53 32.07
N ASN A 27 -35.65 44.37 31.36
CA ASN A 27 -36.86 45.16 31.60
C ASN A 27 -37.79 44.53 32.63
N ASN A 28 -37.25 43.83 33.63
CA ASN A 28 -38.06 43.02 34.53
C ASN A 28 -38.47 43.78 35.79
N SER A 29 -37.48 44.19 36.59
CA SER A 29 -37.65 44.84 37.89
C SER A 29 -38.54 44.02 38.83
N CYS A 30 -38.03 42.83 39.15
CA CYS A 30 -38.65 41.93 40.13
C CYS A 30 -37.56 41.46 41.09
N PHE A 31 -37.73 41.76 42.37
CA PHE A 31 -36.68 41.57 43.37
C PHE A 31 -37.22 40.78 44.56
N ILE A 32 -36.50 39.74 44.97
CA ILE A 32 -36.92 38.86 46.05
C ILE A 32 -35.74 38.70 47.00
N PHE A 33 -36.00 38.92 48.29
CA PHE A 33 -35.00 38.67 49.33
C PHE A 33 -35.44 37.48 50.17
N ASN A 34 -34.55 36.51 50.30
CA ASN A 34 -34.85 35.29 51.04
C ASN A 34 -34.30 35.37 52.46
N LYS A 35 -35.10 34.87 53.41
CA LYS A 35 -34.71 34.89 54.81
C LYS A 35 -34.03 33.60 55.25
N ASN A 36 -34.37 32.48 54.62
CA ASN A 36 -33.88 31.18 55.05
C ASN A 36 -32.59 30.77 54.36
N ASP A 37 -32.03 31.60 53.49
CA ASP A 37 -30.84 31.24 52.73
C ASP A 37 -29.60 32.02 53.12
N ILE A 38 -29.71 33.06 53.93
CA ILE A 38 -28.56 33.87 54.30
C ILE A 38 -27.73 33.09 55.32
N GLY A 39 -26.42 33.01 55.07
CA GLY A 39 -25.53 32.26 55.95
C GLY A 39 -24.23 32.97 56.22
N VAL A 40 -23.15 32.19 56.42
CA VAL A 40 -21.87 32.81 56.78
C VAL A 40 -21.06 33.23 55.56
N ASP A 41 -21.47 32.84 54.35
CA ASP A 41 -20.75 33.24 53.15
C ASP A 41 -21.69 33.62 52.00
N THR A 42 -22.97 33.82 52.28
CA THR A 42 -23.94 34.11 51.24
C THR A 42 -23.80 35.55 50.78
N LYS A 43 -23.56 35.74 49.48
CA LYS A 43 -23.40 37.07 48.91
C LYS A 43 -24.70 37.52 48.25
N VAL A 44 -25.07 38.78 48.49
CA VAL A 44 -26.31 39.36 47.98
C VAL A 44 -25.96 40.45 46.98
N ASP A 45 -26.98 40.89 46.24
CA ASP A 45 -26.84 41.95 45.27
C ASP A 45 -27.78 43.10 45.61
N MET A 46 -27.57 44.23 44.93
CA MET A 46 -28.24 45.47 45.27
C MET A 46 -28.52 46.26 43.98
N TYR A 47 -29.66 46.94 43.96
CA TYR A 47 -30.08 47.72 42.80
C TYR A 47 -30.50 49.11 43.23
N THR A 48 -30.06 50.10 42.46
CA THR A 48 -30.53 51.47 42.52
C THR A 48 -30.65 51.94 41.08
N PRO A 49 -31.49 52.95 40.81
CA PRO A 49 -31.56 53.49 39.45
C PRO A 49 -30.25 54.09 38.98
N LYS A 50 -29.86 53.73 37.75
CA LYS A 50 -28.66 54.16 37.03
C LYS A 50 -27.36 53.74 37.70
N SER A 51 -27.42 52.81 38.67
CA SER A 51 -26.26 52.29 39.42
C SER A 51 -25.47 53.41 40.11
N ALA A 52 -26.18 54.38 40.66
CA ALA A 52 -25.54 55.52 41.30
C ALA A 52 -25.00 55.11 42.67
N GLY A 53 -23.73 55.46 42.93
CA GLY A 53 -23.10 55.09 44.18
C GLY A 53 -22.28 56.22 44.79
N ILE A 54 -21.47 55.88 45.79
CA ILE A 54 -20.60 56.85 46.46
C ILE A 54 -19.37 56.12 46.97
N LYS A 55 -18.20 56.73 46.75
CA LYS A 55 -16.94 56.13 47.15
C LYS A 55 -16.70 56.31 48.65
N ASN A 56 -15.62 55.71 49.15
CA ASN A 56 -15.25 55.80 50.55
C ASN A 56 -13.79 56.22 50.71
N GLU A 57 -13.33 57.13 49.85
CA GLU A 57 -11.95 57.61 49.74
C GLU A 57 -10.94 56.49 49.49
N GLU A 58 -11.39 55.39 48.87
CA GLU A 58 -10.51 54.34 48.40
C GLU A 58 -10.85 53.86 46.99
N GLY A 59 -12.07 54.08 46.51
CA GLY A 59 -12.49 53.57 45.22
C GLY A 59 -13.53 52.47 45.35
N GLU A 60 -14.04 52.29 46.56
CA GLU A 60 -15.00 51.23 46.86
C GLU A 60 -16.38 51.84 47.09
N ASN A 61 -17.40 51.22 46.48
CA ASN A 61 -18.79 51.59 46.72
C ASN A 61 -19.33 50.75 47.88
N LEU A 62 -20.66 50.75 48.05
CA LEU A 62 -21.27 49.96 49.11
C LEU A 62 -21.20 48.47 48.82
N TRP A 63 -21.26 48.08 47.54
CA TRP A 63 -21.23 46.67 47.17
C TRP A 63 -19.86 46.05 47.42
N GLN A 64 -18.79 46.81 47.18
CA GLN A 64 -17.45 46.27 47.42
C GLN A 64 -17.16 46.16 48.91
N VAL A 65 -17.75 47.02 49.73
CA VAL A 65 -17.58 46.93 51.17
C VAL A 65 -18.39 45.78 51.73
N LEU A 66 -19.65 45.65 51.31
CA LEU A 66 -20.60 44.73 51.92
C LEU A 66 -20.32 43.26 51.64
N ASN A 67 -19.50 42.93 50.65
CA ASN A 67 -19.21 41.53 50.37
C ASN A 67 -17.85 41.10 50.89
N LYS A 68 -16.97 42.03 51.24
CA LYS A 68 -15.64 41.69 51.71
C LYS A 68 -15.67 41.36 53.19
N ALA A 69 -14.98 40.26 53.56
CA ALA A 69 -14.76 39.80 54.93
C ALA A 69 -16.07 39.50 55.66
N ASN A 70 -17.10 39.08 54.90
CA ASN A 70 -18.41 38.66 55.40
C ASN A 70 -19.07 39.74 56.26
N MET A 71 -19.04 40.98 55.77
CA MET A 71 -19.56 42.10 56.55
C MET A 71 -21.09 42.09 56.61
N PHE A 72 -21.75 41.53 55.59
CA PHE A 72 -23.20 41.56 55.52
C PHE A 72 -23.83 40.70 56.62
N TYR A 73 -23.23 39.54 56.91
CA TYR A 73 -23.70 38.76 58.05
C TYR A 73 -23.36 39.43 59.36
N ARG A 74 -22.24 40.16 59.41
CA ARG A 74 -21.81 40.80 60.63
C ARG A 74 -22.73 41.95 61.03
N ILE A 75 -23.27 42.68 60.07
CA ILE A 75 -24.35 43.62 60.37
C ILE A 75 -25.67 42.89 60.53
N TYR A 76 -25.85 41.78 59.81
CA TYR A 76 -27.14 41.09 59.78
C TYR A 76 -27.40 40.34 61.08
N SER A 77 -26.37 39.72 61.65
CA SER A 77 -26.55 38.98 62.91
C SER A 77 -26.71 39.91 64.10
N GLY A 78 -26.32 41.18 63.98
CA GLY A 78 -26.54 42.15 65.02
C GLY A 78 -25.41 42.29 66.02
N GLU A 79 -24.20 41.93 65.61
CA GLU A 79 -23.02 42.07 66.47
C GLU A 79 -22.38 43.44 66.34
N LEU A 80 -22.83 44.26 65.39
CA LEU A 80 -22.39 45.64 65.27
C LEU A 80 -23.38 46.62 65.89
N GLY A 81 -24.36 46.13 66.63
CA GLY A 81 -25.35 46.96 67.27
C GLY A 81 -26.62 47.10 66.44
N GLU A 82 -27.62 47.71 67.07
CA GLU A 82 -28.91 47.95 66.42
C GLU A 82 -28.94 49.27 65.66
N GLU A 83 -27.83 50.02 65.67
CA GLU A 83 -27.77 51.28 64.94
C GLU A 83 -27.75 51.04 63.43
N LEU A 84 -27.02 50.03 62.99
CA LEU A 84 -26.95 49.69 61.57
C LEU A 84 -27.78 48.48 61.19
N GLN A 85 -28.11 47.62 62.15
CA GLN A 85 -28.89 46.42 61.85
C GLN A 85 -30.32 46.77 61.45
N TYR A 86 -30.91 47.77 62.10
CA TYR A 86 -32.25 48.23 61.73
C TYR A 86 -32.26 48.85 60.34
N LEU A 87 -31.22 49.63 60.00
CA LEU A 87 -31.11 50.20 58.66
C LEU A 87 -30.90 49.13 57.60
N LEU A 88 -30.17 48.07 57.95
CA LEU A 88 -29.99 46.96 57.01
C LEU A 88 -31.28 46.18 56.83
N LYS A 89 -32.04 45.97 57.91
CA LYS A 89 -33.31 45.24 57.81
C LYS A 89 -34.38 46.05 57.10
N SER A 90 -34.32 47.38 57.17
CA SER A 90 -35.27 48.21 56.43
C SER A 90 -34.91 48.36 54.95
N CYS A 91 -33.74 47.86 54.53
CA CYS A 91 -33.27 48.00 53.16
C CYS A 91 -33.86 46.93 52.24
N CYS A 92 -33.70 45.66 52.62
CA CYS A 92 -34.14 44.54 51.79
C CYS A 92 -35.65 44.32 51.86
N THR A 93 -36.38 44.80 50.87
CA THR A 93 -37.82 44.61 50.77
C THR A 93 -38.14 43.78 49.53
N ALA A 94 -39.40 43.36 49.44
CA ALA A 94 -39.87 42.56 48.32
C ALA A 94 -40.42 43.44 47.21
N LYS A 95 -40.20 43.01 45.97
CA LYS A 95 -40.66 43.74 44.79
C LYS A 95 -41.10 42.72 43.75
N GLU A 96 -42.40 42.63 43.49
CA GLU A 96 -42.98 41.52 42.75
C GLU A 96 -43.48 42.00 41.39
N ASP A 97 -42.95 41.41 40.32
CA ASP A 97 -43.40 41.67 38.96
C ASP A 97 -43.37 40.37 38.16
N VAL A 98 -44.29 40.26 37.21
CA VAL A 98 -44.43 39.04 36.43
C VAL A 98 -44.21 39.24 34.93
N THR A 99 -44.08 40.47 34.45
CA THR A 99 -44.02 40.70 33.02
C THR A 99 -42.67 40.30 32.45
N THR A 100 -42.70 39.90 31.16
CA THR A 100 -41.54 39.46 30.37
C THR A 100 -40.76 38.33 31.03
N LEU A 101 -41.47 37.37 31.61
CA LEU A 101 -40.85 36.24 32.29
C LEU A 101 -41.48 34.94 31.82
N PRO A 102 -40.73 33.83 31.81
CA PRO A 102 -41.33 32.54 31.48
C PRO A 102 -42.30 32.07 32.55
N GLN A 103 -43.42 31.52 32.10
CA GLN A 103 -44.45 30.98 32.99
C GLN A 103 -44.76 29.57 32.51
N ILE A 104 -44.42 28.57 33.31
CA ILE A 104 -44.63 27.18 32.91
C ILE A 104 -45.54 26.50 33.91
N TYR A 105 -46.15 25.41 33.48
CA TYR A 105 -46.96 24.62 34.40
C TYR A 105 -46.11 23.51 35.02
N PHE A 106 -46.55 23.03 36.17
CA PHE A 106 -45.93 21.86 36.78
C PHE A 106 -47.03 21.01 37.40
N LYS A 107 -46.80 19.70 37.43
CA LYS A 107 -47.82 18.75 37.88
C LYS A 107 -47.65 18.52 39.37
N ASN A 108 -48.56 19.06 40.18
CA ASN A 108 -48.58 18.80 41.60
C ASN A 108 -49.51 17.60 41.86
N GLY A 109 -49.77 17.32 43.13
CA GLY A 109 -50.68 16.25 43.46
C GLY A 109 -52.12 16.60 43.16
N GLU A 110 -52.66 15.97 42.10
CA GLU A 110 -54.03 16.18 41.59
C GLU A 110 -54.26 17.67 41.25
N GLY A 111 -53.50 18.13 40.28
CA GLY A 111 -53.63 19.50 39.81
C GLY A 111 -52.34 20.02 39.24
N TYR A 112 -52.40 21.26 38.77
CA TYR A 112 -51.27 21.93 38.15
C TYR A 112 -50.92 23.18 38.94
N ASP A 113 -49.75 23.73 38.65
CA ASP A 113 -49.23 24.89 39.33
C ASP A 113 -48.42 25.71 38.34
N ILE A 114 -48.89 26.92 38.04
CA ILE A 114 -48.14 27.80 37.15
C ILE A 114 -47.06 28.51 37.95
N LEU A 115 -45.83 28.46 37.46
CA LEU A 115 -44.70 28.96 38.21
C LEU A 115 -43.74 29.69 37.27
N VAL A 116 -43.01 30.65 37.84
CA VAL A 116 -42.14 31.57 37.12
C VAL A 116 -40.71 31.42 37.62
N PRO A 117 -39.79 30.93 36.80
CA PRO A 117 -38.39 30.81 37.25
C PRO A 117 -37.69 32.17 37.26
N ILE A 118 -36.99 32.46 38.34
CA ILE A 118 -36.18 33.66 38.47
C ILE A 118 -34.75 33.25 38.80
N GLY A 119 -33.84 34.22 38.69
CA GLY A 119 -32.42 33.95 38.86
C GLY A 119 -31.94 34.02 40.30
N ASN A 120 -30.74 33.50 40.52
CA ASN A 120 -30.11 33.47 41.82
C ASN A 120 -28.87 34.36 41.82
N ALA A 121 -28.80 35.27 42.79
CA ALA A 121 -27.69 36.21 42.84
C ALA A 121 -26.43 35.59 43.42
N HIS A 122 -26.56 34.69 44.39
CA HIS A 122 -25.40 34.08 45.02
C HIS A 122 -24.67 33.13 44.08
N ASN A 123 -25.44 32.37 43.27
CA ASN A 123 -24.88 31.31 42.45
C ASN A 123 -23.95 31.86 41.37
N LEU A 124 -24.34 32.98 40.76
CA LEU A 124 -23.55 33.58 39.68
C LEU A 124 -22.20 34.05 40.18
N ILE A 125 -22.19 34.82 41.28
CA ILE A 125 -20.97 35.41 41.81
C ILE A 125 -20.05 34.34 42.38
N SER A 126 -20.62 33.38 43.12
CA SER A 126 -19.81 32.28 43.66
C SER A 126 -19.25 31.42 42.55
N GLY A 127 -20.03 31.19 41.48
CA GLY A 127 -19.55 30.44 40.34
C GLY A 127 -18.39 31.09 39.61
N THR A 128 -18.47 32.40 39.32
CA THR A 128 -17.35 33.04 38.63
C THR A 128 -16.13 33.13 39.54
N GLU A 129 -16.30 33.51 40.80
CA GLU A 129 -15.15 33.69 41.69
C GLU A 129 -14.51 32.39 42.20
N TYR A 130 -15.09 31.24 41.86
CA TYR A 130 -14.54 29.98 42.34
C TYR A 130 -13.90 29.19 41.20
N LEU A 131 -14.55 29.13 40.06
CA LEU A 131 -14.04 28.34 38.95
C LEU A 131 -12.73 28.93 38.39
N TRP A 132 -12.49 30.22 38.61
CA TRP A 132 -11.28 30.83 38.07
C TRP A 132 -10.05 30.49 38.88
N GLU A 133 -10.27 30.39 40.19
CA GLU A 133 -9.16 30.13 41.07
C GLU A 133 -8.95 28.65 41.10
N HIS A 134 -9.98 27.87 40.77
CA HIS A 134 -9.69 26.45 40.86
C HIS A 134 -9.45 25.79 39.50
N LYS A 135 -9.28 26.60 38.44
CA LYS A 135 -8.78 26.18 37.13
C LYS A 135 -9.71 25.17 36.46
N TYR A 136 -10.94 25.60 36.22
CA TYR A 136 -11.95 24.81 35.51
C TYR A 136 -12.17 25.45 34.15
N TYR A 137 -11.73 24.76 33.09
CA TYR A 137 -11.65 25.34 31.75
C TYR A 137 -12.68 24.74 30.80
N ASN A 138 -13.89 24.47 31.28
CA ASN A 138 -14.99 24.06 30.41
C ASN A 138 -16.18 24.95 30.77
N THR A 139 -16.21 26.15 30.22
CA THR A 139 -17.17 27.17 30.61
C THR A 139 -17.51 28.05 29.42
N PHE A 140 -18.54 28.87 29.60
CA PHE A 140 -18.94 29.90 28.65
C PHE A 140 -18.84 31.24 29.37
N THR A 141 -18.05 32.16 28.84
CA THR A 141 -17.92 33.48 29.43
C THR A 141 -18.94 34.41 28.79
N GLN A 142 -19.88 34.91 29.58
CA GLN A 142 -20.97 35.75 29.04
C GLN A 142 -21.27 36.96 29.88
N LYS A 143 -21.18 38.15 29.29
CA LYS A 143 -21.46 39.38 30.01
C LYS A 143 -22.87 39.85 29.71
N LEU A 144 -23.56 40.34 30.74
CA LEU A 144 -24.92 40.82 30.56
C LEU A 144 -25.05 42.28 30.96
N GLY A 145 -25.97 42.99 30.32
CA GLY A 145 -26.08 44.43 30.46
C GLY A 145 -25.90 45.16 29.15
N GLY A 146 -25.15 44.56 28.23
CA GLY A 146 -24.93 45.18 26.94
C GLY A 146 -23.86 46.25 26.99
N SER A 147 -24.02 47.29 26.18
CA SER A 147 -23.04 48.36 26.15
C SER A 147 -23.09 49.21 27.41
N ASN A 148 -24.24 49.25 28.06
CA ASN A 148 -24.35 49.98 29.31
C ASN A 148 -24.83 49.05 30.41
N PRO A 149 -23.89 48.35 31.06
CA PRO A 149 -24.28 47.39 32.09
C PRO A 149 -24.71 48.11 33.35
N GLN A 150 -24.80 49.42 33.29
CA GLN A 150 -25.14 50.17 34.50
C GLN A 150 -26.63 50.20 34.78
N ASN A 151 -27.39 49.28 34.20
CA ASN A 151 -28.84 49.28 34.30
C ASN A 151 -29.41 48.07 35.02
N CYS A 152 -28.64 47.00 35.20
CA CYS A 152 -29.13 45.79 35.85
C CYS A 152 -28.78 45.69 37.34
N THR A 153 -27.51 45.70 37.71
CA THR A 153 -27.14 45.45 39.11
C THR A 153 -25.75 46.06 39.31
N HIS A 154 -25.42 46.41 40.56
CA HIS A 154 -24.06 46.85 40.87
C HIS A 154 -23.02 45.77 40.57
N ALA A 155 -23.40 44.49 40.75
CA ALA A 155 -22.51 43.39 40.41
C ALA A 155 -22.31 43.26 38.91
N CYS A 156 -23.30 43.73 38.12
CA CYS A 156 -23.06 43.86 36.69
C CYS A 156 -21.99 44.90 36.40
N ASN A 157 -22.02 46.01 37.12
CA ASN A 157 -21.17 47.16 36.82
C ASN A 157 -19.74 46.95 37.28
N LYS A 158 -19.55 46.32 38.44
CA LYS A 158 -18.22 46.24 39.02
C LYS A 158 -17.33 45.23 38.32
N MET A 159 -17.89 44.12 37.86
CA MET A 159 -17.15 43.11 37.10
C MET A 159 -17.74 42.99 35.70
N ARG A 160 -17.03 43.57 34.73
CA ARG A 160 -17.48 43.59 33.34
C ARG A 160 -16.99 42.38 32.56
N GLY A 161 -16.16 41.54 33.17
CA GLY A 161 -15.58 40.40 32.47
C GLY A 161 -16.56 39.29 32.16
N GLY A 162 -17.74 39.31 32.76
CA GLY A 162 -18.77 38.35 32.42
C GLY A 162 -18.76 37.15 33.34
N PHE A 163 -19.96 36.61 33.58
CA PHE A 163 -20.08 35.44 34.43
C PHE A 163 -19.69 34.19 33.65
N LYS A 164 -19.46 33.11 34.39
CA LYS A 164 -19.13 31.82 33.79
C LYS A 164 -20.31 30.88 33.90
N GLN A 165 -20.59 30.18 32.79
CA GLN A 165 -21.72 29.26 32.72
C GLN A 165 -21.18 27.88 32.39
N PHE A 166 -21.82 26.86 32.94
CA PHE A 166 -21.36 25.49 32.70
C PHE A 166 -21.68 25.05 31.28
N ASN A 167 -20.71 24.40 30.65
CA ASN A 167 -20.96 23.75 29.37
C ASN A 167 -21.56 22.38 29.60
N CYS A 168 -22.69 22.12 28.94
CA CYS A 168 -23.42 20.87 29.14
C CYS A 168 -23.60 20.15 27.81
N THR A 169 -22.60 20.23 26.95
CA THR A 169 -22.68 19.57 25.65
C THR A 169 -22.39 18.08 25.82
N PRO A 170 -23.31 17.20 25.46
CA PRO A 170 -23.08 15.76 25.60
C PRO A 170 -22.17 15.25 24.50
N PRO A 171 -21.47 14.14 24.72
CA PRO A 171 -20.75 13.50 23.62
C PRO A 171 -21.72 12.87 22.63
N GLN A 172 -21.22 12.64 21.42
CA GLN A 172 -22.06 12.20 20.32
C GLN A 172 -21.47 10.97 19.66
N VAL A 173 -22.33 10.22 18.98
CA VAL A 173 -21.95 8.98 18.31
C VAL A 173 -21.20 9.32 17.03
N GLU A 174 -20.00 8.76 16.88
CA GLU A 174 -19.21 8.96 15.67
C GLU A 174 -19.82 8.24 14.48
N MET B 1 -49.33 -4.74 32.64
CA MET B 1 -48.27 -4.98 31.67
C MET B 1 -47.87 -3.67 30.98
N ARG B 2 -46.58 -3.33 31.08
CA ARG B 2 -46.09 -2.07 30.54
C ARG B 2 -45.74 -2.22 29.06
N LYS B 3 -45.95 -1.13 28.32
CA LYS B 3 -45.63 -1.07 26.90
C LYS B 3 -44.70 0.10 26.65
N PHE B 4 -43.89 0.00 25.59
CA PHE B 4 -42.91 1.01 25.24
C PHE B 4 -43.08 1.41 23.79
N ILE B 5 -42.90 2.70 23.52
CA ILE B 5 -42.85 3.21 22.14
C ILE B 5 -41.56 4.00 21.98
N ILE B 6 -40.85 3.76 20.88
CA ILE B 6 -39.51 4.30 20.66
C ILE B 6 -39.51 5.04 19.35
N VAL B 7 -39.12 6.32 19.38
CA VAL B 7 -38.92 7.12 18.18
C VAL B 7 -37.42 7.37 18.05
N LYS B 8 -36.89 7.09 16.87
CA LYS B 8 -35.46 7.15 16.62
C LYS B 8 -35.14 8.26 15.63
N ASN B 9 -34.02 8.98 15.89
CA ASN B 9 -33.43 9.98 15.00
C ASN B 9 -34.41 11.12 14.71
N VAL B 10 -34.76 11.84 15.77
CA VAL B 10 -35.64 13.00 15.68
C VAL B 10 -34.74 14.22 15.51
N LYS B 11 -34.83 14.86 14.35
CA LYS B 11 -34.01 16.04 14.07
C LYS B 11 -34.73 17.30 14.55
N VAL B 12 -34.15 17.97 15.54
CA VAL B 12 -34.68 19.22 16.07
C VAL B 12 -33.71 20.34 15.74
N ASP B 13 -34.24 21.46 15.27
CA ASP B 13 -33.43 22.57 14.77
C ASP B 13 -33.86 23.87 15.43
N GLY B 14 -33.00 24.43 16.28
CA GLY B 14 -33.28 25.71 16.89
C GLY B 14 -33.69 25.65 18.34
N ILE B 15 -33.09 24.74 19.10
CA ILE B 15 -33.43 24.57 20.51
C ILE B 15 -32.75 25.67 21.32
N ASN B 16 -33.52 26.40 22.12
CA ASN B 16 -32.91 27.38 23.01
C ASN B 16 -32.26 26.64 24.17
N ALA B 17 -30.94 26.75 24.27
CA ALA B 17 -30.15 25.90 25.16
C ALA B 17 -29.99 26.47 26.56
N LYS B 18 -30.51 27.66 26.83
CA LYS B 18 -30.34 28.26 28.15
C LYS B 18 -31.32 27.61 29.11
N SER B 19 -30.91 26.49 29.70
CA SER B 19 -31.74 25.79 30.67
C SER B 19 -31.85 26.55 31.98
N SER B 20 -30.76 27.18 32.41
CA SER B 20 -30.76 28.04 33.58
C SER B 20 -29.71 29.13 33.36
N ASP B 21 -29.49 29.96 34.38
CA ASP B 21 -28.55 31.07 34.22
C ASP B 21 -27.10 30.62 34.30
N ILE B 22 -26.83 29.42 34.79
CA ILE B 22 -25.47 28.91 34.88
C ILE B 22 -25.23 27.67 34.03
N THR B 23 -26.28 27.12 33.41
CA THR B 23 -26.15 25.93 32.57
C THR B 23 -26.62 26.25 31.16
N VAL B 24 -25.75 26.03 30.19
CA VAL B 24 -26.07 26.17 28.77
C VAL B 24 -25.62 24.90 28.08
N GLY B 25 -26.55 24.21 27.43
CA GLY B 25 -26.24 22.94 26.81
C GLY B 25 -27.47 22.12 26.45
N MET B 26 -27.47 20.86 26.86
CA MET B 26 -28.64 20.01 26.67
C MET B 26 -29.82 20.54 27.50
N PRO B 27 -31.03 20.49 26.95
CA PRO B 27 -32.22 20.75 27.77
C PRO B 27 -32.36 19.70 28.87
N PRO B 28 -32.88 20.09 30.03
CA PRO B 28 -32.90 19.17 31.17
C PRO B 28 -34.00 18.13 31.02
N ALA B 29 -34.10 17.26 32.03
CA ALA B 29 -35.09 16.20 32.01
C ALA B 29 -36.51 16.70 32.19
N THR B 30 -36.70 17.85 32.85
CA THR B 30 -38.03 18.38 33.11
C THR B 30 -38.76 18.76 31.82
N THR B 31 -38.02 19.17 30.80
CA THR B 31 -38.58 19.40 29.48
C THR B 31 -39.17 18.11 28.90
N PHE B 32 -38.43 17.02 29.03
CA PHE B 32 -38.87 15.75 28.46
C PHE B 32 -39.98 15.09 29.26
N CYS B 33 -40.07 15.33 30.57
CA CYS B 33 -41.25 14.90 31.30
C CYS B 33 -42.42 15.87 31.16
N GLY B 34 -42.20 17.09 30.70
CA GLY B 34 -43.31 17.96 30.36
C GLY B 34 -43.88 17.60 29.01
N LEU B 35 -43.03 17.07 28.13
CA LEU B 35 -43.47 16.64 26.81
C LEU B 35 -44.43 15.45 26.90
N GLY B 36 -44.15 14.52 27.81
CA GLY B 36 -45.06 13.39 28.01
C GLY B 36 -46.41 13.81 28.58
N GLU B 37 -46.41 14.77 29.50
CA GLU B 37 -47.66 15.32 30.01
C GLU B 37 -48.43 16.07 28.93
N THR B 38 -47.71 16.76 28.04
CA THR B 38 -48.33 17.42 26.89
C THR B 38 -49.00 16.40 25.97
N MET B 39 -48.32 15.28 25.72
CA MET B 39 -48.91 14.18 24.95
C MET B 39 -50.13 13.58 25.66
N SER B 40 -50.07 13.47 26.99
CA SER B 40 -51.21 12.91 27.73
C SER B 40 -52.42 13.83 27.68
N ILE B 41 -52.22 15.14 27.74
CA ILE B 41 -53.34 16.07 27.59
C ILE B 41 -53.88 16.07 26.17
N LYS B 42 -52.99 16.12 25.17
CA LYS B 42 -53.45 16.29 23.79
C LYS B 42 -54.07 15.02 23.22
N THR B 43 -53.45 13.86 23.47
CA THR B 43 -53.90 12.62 22.84
C THR B 43 -54.87 11.84 23.73
N GLY B 44 -54.42 11.47 24.93
CA GLY B 44 -55.24 10.66 25.82
C GLY B 44 -54.48 9.47 26.37
N ILE B 45 -53.28 9.23 25.84
CA ILE B 45 -52.45 8.14 26.32
C ILE B 45 -51.80 8.54 27.64
N VAL B 46 -52.00 7.73 28.67
CA VAL B 46 -51.44 8.01 29.99
C VAL B 46 -49.98 7.56 30.00
N VAL B 47 -49.08 8.49 30.29
CA VAL B 47 -47.65 8.25 30.31
C VAL B 47 -47.13 8.46 31.72
N LYS B 48 -46.40 7.48 32.25
CA LYS B 48 -45.87 7.56 33.60
C LYS B 48 -44.35 7.72 33.65
N ALA B 49 -43.65 7.51 32.54
CA ALA B 49 -42.19 7.57 32.55
C ALA B 49 -41.69 7.95 31.18
N VAL B 50 -40.46 8.47 31.13
CA VAL B 50 -39.85 8.89 29.88
C VAL B 50 -38.33 8.78 29.96
N SER B 51 -37.73 8.19 28.95
CA SER B 51 -36.28 8.13 28.79
C SER B 51 -35.89 8.83 27.49
N TYR B 52 -34.63 9.23 27.41
CA TYR B 52 -34.17 9.99 26.26
C TYR B 52 -32.67 9.81 26.08
N GLY B 53 -32.23 9.85 24.82
CA GLY B 53 -30.82 9.79 24.48
C GLY B 53 -30.35 11.05 23.79
N SER B 54 -29.16 10.95 23.21
CA SER B 54 -28.58 12.07 22.47
C SER B 54 -27.65 11.49 21.41
N VAL B 55 -28.16 11.37 20.18
CA VAL B 55 -27.32 10.91 19.08
C VAL B 55 -26.31 11.97 18.69
N LYS B 56 -26.78 13.20 18.45
CA LYS B 56 -25.90 14.31 18.14
C LYS B 56 -26.41 15.57 18.81
N PHE B 57 -25.49 16.44 19.23
CA PHE B 57 -25.86 17.73 19.79
C PHE B 57 -24.72 18.70 19.59
N GLU B 58 -25.06 19.94 19.25
CA GLU B 58 -24.04 20.95 18.98
C GLU B 58 -24.65 22.32 19.21
N VAL B 59 -24.08 23.09 20.12
CA VAL B 59 -24.51 24.45 20.37
C VAL B 59 -23.79 25.33 19.35
N ARG B 60 -24.56 26.13 18.60
CA ARG B 60 -23.98 26.94 17.56
C ARG B 60 -23.20 28.12 18.16
N GLY B 61 -22.13 28.51 17.48
CA GLY B 61 -21.18 29.50 17.94
C GLY B 61 -19.80 28.90 18.02
N SER B 62 -18.87 29.66 18.58
CA SER B 62 -17.50 29.20 18.77
C SER B 62 -17.42 28.33 20.02
N ARG B 63 -16.21 27.90 20.38
CA ARG B 63 -16.02 27.02 21.54
C ARG B 63 -16.41 27.61 22.87
N PHE B 64 -15.88 28.77 23.20
CA PHE B 64 -16.13 29.33 24.54
C PHE B 64 -17.12 30.49 24.53
N ASN B 65 -17.60 30.85 23.34
CA ASN B 65 -18.57 31.92 23.22
C ASN B 65 -19.72 31.49 22.32
N THR B 66 -20.95 31.56 22.84
CA THR B 66 -22.10 31.20 22.05
C THR B 66 -22.57 32.39 21.23
N SER B 67 -23.29 32.12 20.14
CA SER B 67 -23.75 33.20 19.28
C SER B 67 -25.01 33.85 19.78
N VAL B 68 -25.18 35.12 19.42
CA VAL B 68 -26.35 35.87 19.84
C VAL B 68 -27.37 35.99 18.71
N THR B 69 -28.64 35.76 19.02
CA THR B 69 -29.67 35.93 18.00
C THR B 69 -29.98 37.41 17.88
N LYS B 70 -30.29 37.85 16.67
CA LYS B 70 -30.65 39.24 16.46
C LYS B 70 -32.06 39.47 16.99
N PHE B 71 -32.38 40.71 17.36
CA PHE B 71 -33.70 41.03 17.87
C PHE B 71 -34.40 42.01 16.96
N ALA B 72 -35.73 41.94 16.95
CA ALA B 72 -36.58 42.87 16.23
C ALA B 72 -37.45 43.64 17.21
N TRP B 73 -37.97 44.78 16.74
CA TRP B 73 -38.75 45.67 17.59
C TRP B 73 -40.17 45.13 17.75
N GLN B 74 -40.54 44.69 18.94
CA GLN B 74 -41.85 44.08 19.14
C GLN B 74 -42.59 44.66 20.32
N ASP B 75 -42.64 45.99 20.42
CA ASP B 75 -43.26 46.62 21.58
C ASP B 75 -44.03 47.88 21.24
N ARG B 76 -45.15 48.10 21.91
CA ARG B 76 -45.95 49.30 21.69
C ARG B 76 -45.19 50.57 22.08
N GLY B 77 -45.22 51.57 21.21
CA GLY B 77 -44.57 52.84 21.53
C GLY B 77 -43.12 52.92 21.15
N ASN B 78 -42.66 51.99 20.31
CA ASN B 78 -41.27 51.99 19.88
C ASN B 78 -41.18 52.50 18.44
N GLY B 79 -41.93 53.54 18.13
CA GLY B 79 -41.93 54.06 16.77
C GLY B 79 -40.74 54.92 16.46
N GLY B 80 -40.38 55.81 17.38
CA GLY B 80 -39.25 56.71 17.16
C GLY B 80 -37.96 55.97 16.92
N LYS B 81 -37.60 55.09 17.85
CA LYS B 81 -36.48 54.20 17.65
C LYS B 81 -36.93 52.89 17.03
N ALA B 82 -36.83 52.79 15.71
CA ALA B 82 -37.18 51.55 15.04
C ALA B 82 -36.20 51.39 13.91
N ASN B 83 -35.63 52.51 13.47
CA ASN B 83 -34.67 52.49 12.38
C ASN B 83 -33.34 51.91 12.82
N ASN B 84 -32.99 52.12 14.09
CA ASN B 84 -31.75 51.57 14.62
C ASN B 84 -31.96 50.12 15.01
N ASN B 85 -30.90 49.32 15.06
CA ASN B 85 -31.00 47.87 15.35
C ASN B 85 -32.01 47.37 16.38
N SER B 86 -31.61 47.27 17.66
CA SER B 86 -32.44 46.80 18.77
C SER B 86 -31.58 46.69 20.02
N PRO B 87 -32.15 46.85 21.21
CA PRO B 87 -31.55 46.23 22.39
C PRO B 87 -31.47 44.72 22.23
N ILE B 88 -30.42 44.14 22.80
CA ILE B 88 -30.17 42.70 22.70
C ILE B 88 -29.99 42.13 24.09
N GLN B 89 -30.82 41.08 24.45
CA GLN B 89 -30.90 40.23 25.62
C GLN B 89 -30.41 38.81 25.29
N PRO B 90 -29.79 38.11 26.23
CA PRO B 90 -29.13 36.84 25.89
C PRO B 90 -30.11 35.68 25.74
N LYS B 91 -29.94 34.91 24.64
CA LYS B 91 -30.49 33.58 24.46
C LYS B 91 -29.67 32.85 23.38
N PRO B 92 -29.12 31.68 23.69
CA PRO B 92 -28.40 30.92 22.66
C PRO B 92 -29.27 29.89 21.97
N LEU B 93 -28.74 29.26 20.93
CA LEU B 93 -29.47 28.25 20.16
C LEU B 93 -28.55 27.05 19.93
N ALA B 94 -29.17 25.91 19.62
CA ALA B 94 -28.42 24.68 19.44
C ALA B 94 -29.19 23.77 18.48
N ASP B 95 -28.47 22.82 17.89
CA ASP B 95 -29.03 21.90 16.91
C ASP B 95 -28.64 20.47 17.28
N GLY B 96 -29.59 19.54 17.17
CA GLY B 96 -29.28 18.18 17.57
C GLY B 96 -30.23 17.16 17.00
N VAL B 97 -29.83 15.89 17.13
CA VAL B 97 -30.61 14.72 16.76
C VAL B 97 -30.74 13.85 18.00
N PHE B 98 -31.98 13.55 18.39
CA PHE B 98 -32.30 12.86 19.64
C PHE B 98 -32.98 11.53 19.35
N THR B 99 -33.14 10.73 20.40
CA THR B 99 -33.96 9.52 20.37
C THR B 99 -34.84 9.52 21.61
N LEU B 100 -36.14 9.29 21.42
CA LEU B 100 -37.10 9.35 22.50
C LEU B 100 -37.71 7.98 22.76
N CYS B 101 -38.07 7.73 24.01
CA CYS B 101 -38.66 6.45 24.40
C CYS B 101 -39.64 6.71 25.53
N PHE B 102 -40.88 6.33 25.34
CA PHE B 102 -41.93 6.54 26.33
C PHE B 102 -42.24 5.23 27.04
N GLU B 103 -43.14 5.27 28.00
CA GLU B 103 -43.57 4.07 28.73
C GLU B 103 -45.06 4.22 29.00
N VAL B 104 -45.87 3.61 28.15
CA VAL B 104 -47.31 3.81 28.18
C VAL B 104 -48.02 2.49 28.46
N GLU B 105 -49.29 2.61 28.83
CA GLU B 105 -50.22 1.49 28.93
C GLU B 105 -51.43 1.82 28.07
N TRP B 106 -51.77 0.93 27.15
CA TRP B 106 -52.74 1.24 26.11
C TRP B 106 -53.92 0.27 26.09
N GLU B 107 -53.67 -1.01 26.43
CA GLU B 107 -54.67 -2.11 26.52
C GLU B 107 -55.62 -2.20 25.33
N ASP B 108 -55.08 -1.91 24.14
CA ASP B 108 -55.88 -1.93 22.92
C ASP B 108 -54.99 -2.39 21.78
N CYS B 109 -55.44 -2.18 20.54
CA CYS B 109 -54.71 -2.62 19.37
C CYS B 109 -53.47 -1.75 19.16
N ALA B 110 -52.47 -2.33 18.50
CA ALA B 110 -51.18 -1.68 18.30
C ALA B 110 -51.07 -0.95 16.96
N GLU B 111 -52.08 -1.04 16.10
CA GLU B 111 -52.04 -0.41 14.79
C GLU B 111 -52.77 0.93 14.75
N VAL B 112 -53.09 1.50 15.92
CA VAL B 112 -53.67 2.83 15.97
C VAL B 112 -52.85 3.67 16.94
N LEU B 113 -52.02 3.00 17.76
CA LEU B 113 -51.14 3.72 18.67
C LEU B 113 -50.04 4.46 17.92
N VAL B 114 -49.48 3.83 16.88
CA VAL B 114 -48.46 4.46 16.05
C VAL B 114 -49.05 5.66 15.31
N ASP B 115 -50.29 5.53 14.82
CA ASP B 115 -50.97 6.66 14.19
C ASP B 115 -51.26 7.79 15.17
N LYS B 116 -51.64 7.48 16.40
CA LYS B 116 -51.86 8.51 17.40
C LYS B 116 -50.57 9.22 17.81
N VAL B 117 -49.45 8.50 17.84
CA VAL B 117 -48.17 9.15 18.10
C VAL B 117 -47.76 10.02 16.92
N THR B 118 -47.96 9.53 15.69
CA THR B 118 -47.55 10.26 14.49
C THR B 118 -48.41 11.49 14.26
N ASN B 119 -49.67 11.46 14.70
CA ASN B 119 -50.50 12.66 14.62
C ASN B 119 -50.07 13.74 15.60
N PHE B 120 -49.31 13.39 16.63
CA PHE B 120 -48.83 14.34 17.62
C PHE B 120 -47.43 14.85 17.32
N ILE B 121 -46.56 14.00 16.76
CA ILE B 121 -45.18 14.39 16.51
C ILE B 121 -45.09 15.50 15.45
N ASN B 122 -45.99 15.48 14.47
CA ASN B 122 -46.04 16.53 13.45
C ASN B 122 -46.49 17.90 13.99
N THR B 123 -47.01 17.96 15.21
CA THR B 123 -47.53 19.21 15.78
C THR B 123 -46.62 19.81 16.84
N ALA B 124 -46.15 19.01 17.79
CA ALA B 124 -45.47 19.53 18.97
C ALA B 124 -44.03 19.93 18.66
N ARG B 125 -43.43 20.65 19.62
CA ARG B 125 -42.06 21.15 19.52
C ARG B 125 -41.24 20.58 20.66
N ILE B 126 -40.01 20.17 20.38
CA ILE B 126 -39.10 19.65 21.40
C ILE B 126 -38.27 20.83 21.88
N ALA B 127 -38.69 21.39 23.03
CA ALA B 127 -38.05 22.52 23.71
C ALA B 127 -37.92 23.74 22.80
N GLY B 128 -39.04 24.11 22.19
CA GLY B 128 -39.08 25.27 21.33
C GLY B 128 -38.41 25.11 19.98
N GLY B 129 -38.08 23.87 19.60
CA GLY B 129 -37.44 23.60 18.33
C GLY B 129 -38.44 23.25 17.24
N THR B 130 -37.88 22.82 16.10
CA THR B 130 -38.67 22.40 14.96
C THR B 130 -38.29 20.98 14.59
N ILE B 131 -39.26 20.07 14.61
CA ILE B 131 -39.00 18.67 14.28
C ILE B 131 -38.99 18.52 12.77
N ALA B 132 -37.86 18.10 12.22
CA ALA B 132 -37.72 18.01 10.77
C ALA B 132 -37.97 16.59 10.26
N SER B 133 -37.22 15.61 10.79
CA SER B 133 -37.34 14.23 10.32
C SER B 133 -37.32 13.29 11.51
N PHE B 134 -38.17 12.27 11.45
CA PHE B 134 -38.25 11.29 12.53
C PHE B 134 -38.67 9.94 11.94
N ASN B 135 -38.24 8.87 12.58
CA ASN B 135 -38.57 7.53 12.12
C ASN B 135 -39.91 7.08 12.69
N LYS B 136 -40.47 6.05 12.08
CA LYS B 136 -41.78 5.54 12.47
C LYS B 136 -41.66 4.77 13.79
N PRO B 137 -42.52 5.04 14.77
CA PRO B 137 -42.43 4.34 16.05
C PRO B 137 -42.88 2.89 15.95
N PHE B 138 -42.44 2.10 16.92
CA PHE B 138 -42.83 0.70 17.02
C PHE B 138 -43.06 0.34 18.48
N VAL B 139 -43.91 -0.67 18.70
CA VAL B 139 -44.35 -1.04 20.03
C VAL B 139 -43.50 -2.19 20.55
N LYS B 140 -42.99 -2.04 21.78
CA LYS B 140 -42.20 -3.07 22.44
C LYS B 140 -42.90 -3.47 23.73
N VAL B 141 -42.82 -4.77 24.04
CA VAL B 141 -43.47 -5.34 25.22
C VAL B 141 -42.41 -6.08 26.04
N ALA B 142 -42.32 -5.73 27.33
CA ALA B 142 -41.42 -6.41 28.25
C ALA B 142 -42.18 -6.76 29.52
N LYS B 143 -41.80 -7.88 30.13
CA LYS B 143 -42.44 -8.35 31.35
C LYS B 143 -41.51 -8.33 32.56
N ASP B 144 -40.35 -8.97 32.47
CA ASP B 144 -39.37 -9.00 33.55
C ASP B 144 -38.07 -8.37 33.06
N ALA B 145 -37.03 -8.48 33.89
CA ALA B 145 -35.73 -7.89 33.55
C ALA B 145 -35.04 -8.61 32.40
N GLU B 146 -35.35 -9.88 32.18
CA GLU B 146 -34.78 -10.60 31.04
C GLU B 146 -35.39 -10.16 29.72
N GLU B 147 -36.68 -9.85 29.70
CA GLU B 147 -37.33 -9.32 28.51
C GLU B 147 -37.17 -7.80 28.39
N LEU B 148 -36.69 -7.14 29.43
CA LEU B 148 -36.51 -5.68 29.41
C LEU B 148 -35.29 -5.31 28.58
N ALA B 149 -34.33 -6.20 28.49
CA ALA B 149 -33.12 -5.93 27.72
C ALA B 149 -33.44 -5.64 26.26
N SER B 150 -34.51 -6.23 25.75
CA SER B 150 -34.92 -6.00 24.37
C SER B 150 -35.19 -4.53 24.12
N VAL B 151 -36.02 -3.91 24.96
CA VAL B 151 -36.36 -2.50 24.79
C VAL B 151 -35.17 -1.60 25.07
N LYS B 152 -34.21 -2.07 25.84
CA LYS B 152 -33.02 -1.29 26.14
C LYS B 152 -32.11 -1.27 24.92
N ASN B 153 -31.89 -2.42 24.31
CA ASN B 153 -30.99 -2.51 23.17
C ASN B 153 -31.63 -2.11 21.86
N ALA B 154 -32.95 -1.94 21.84
CA ALA B 154 -33.65 -1.53 20.63
C ALA B 154 -33.05 -0.24 20.11
N MET B 155 -32.92 0.74 20.99
CA MET B 155 -32.30 2.00 20.58
C MET B 155 -30.81 1.87 20.82
N MET B 156 -30.08 1.40 19.81
CA MET B 156 -28.64 1.17 19.98
C MET B 156 -27.77 2.43 19.96
N PRO B 157 -27.78 3.24 18.85
CA PRO B 157 -26.89 4.41 18.95
C PRO B 157 -27.49 5.43 19.90
N CYS B 158 -26.93 5.57 21.10
CA CYS B 158 -27.53 6.45 22.09
C CYS B 158 -26.58 6.88 23.18
N TYR B 159 -26.99 7.86 23.98
CA TYR B 159 -26.18 8.29 25.12
C TYR B 159 -27.20 8.71 26.14
N VAL B 160 -27.65 7.78 26.97
CA VAL B 160 -28.72 8.09 27.91
C VAL B 160 -28.18 8.85 29.11
N VAL B 161 -29.08 9.44 29.88
CA VAL B 161 -28.73 10.28 31.04
C VAL B 161 -29.18 9.55 32.30
N VAL B 162 -28.24 9.29 33.19
CA VAL B 162 -28.55 8.65 34.46
C VAL B 162 -28.19 9.58 35.61
N ASP B 163 -28.85 9.36 36.74
CA ASP B 163 -28.63 10.19 37.92
C ASP B 163 -27.31 9.82 38.59
N CYS B 164 -26.76 10.77 39.33
CA CYS B 164 -25.53 10.52 40.09
C CYS B 164 -25.57 11.05 41.52
N GLY B 165 -26.39 12.03 41.84
CA GLY B 165 -26.47 12.50 43.21
C GLY B 165 -25.48 13.60 43.52
N VAL B 166 -25.81 14.40 44.53
CA VAL B 166 -25.00 15.53 44.96
C VAL B 166 -24.33 15.19 46.28
N GLU B 167 -23.05 15.54 46.40
CA GLU B 167 -22.32 15.30 47.64
C GLU B 167 -22.44 16.46 48.61
N VAL B 168 -21.98 17.65 48.20
CA VAL B 168 -22.12 18.84 49.03
C VAL B 168 -22.77 20.00 48.27
N ASN B 169 -22.25 20.36 47.11
CA ASN B 169 -22.86 21.36 46.23
C ASN B 169 -22.30 21.16 44.83
N ILE B 170 -22.93 21.81 43.86
CA ILE B 170 -22.64 21.55 42.45
C ILE B 170 -21.25 22.02 42.02
N PHE B 171 -20.73 23.07 42.65
CA PHE B 171 -19.46 23.65 42.22
C PHE B 171 -18.28 22.75 42.58
N GLU B 172 -18.18 22.38 43.86
CA GLU B 172 -17.11 21.49 44.31
C GLU B 172 -17.25 20.10 43.73
N ASP B 173 -18.49 19.62 43.54
CA ASP B 173 -18.69 18.31 42.91
C ASP B 173 -18.27 18.34 41.45
N ALA B 174 -18.57 19.45 40.75
CA ALA B 174 -18.16 19.57 39.35
C ALA B 174 -16.66 19.67 39.21
N VAL B 175 -15.99 20.36 40.14
CA VAL B 175 -14.53 20.47 40.08
C VAL B 175 -13.87 19.13 40.42
N ASN B 176 -14.34 18.46 41.47
CA ASN B 176 -13.67 17.25 41.95
C ASN B 176 -14.02 16.03 41.11
N ARG B 177 -15.32 15.74 40.97
CA ARG B 177 -15.76 14.49 40.38
C ARG B 177 -15.95 14.55 38.87
N LYS B 178 -15.75 15.73 38.26
CA LYS B 178 -15.86 15.96 36.81
C LYS B 178 -17.25 15.59 36.27
N LEU B 179 -18.26 16.29 36.77
CA LEU B 179 -19.64 16.07 36.36
C LEU B 179 -20.30 17.41 36.05
N GLN B 180 -21.25 17.38 35.13
CA GLN B 180 -21.93 18.60 34.71
C GLN B 180 -23.40 18.56 35.08
N PRO B 181 -23.94 19.65 35.63
CA PRO B 181 -25.26 19.60 36.28
C PRO B 181 -26.46 19.60 35.34
N MET B 182 -27.65 19.49 35.93
CA MET B 182 -28.94 19.60 35.26
C MET B 182 -29.98 19.95 36.32
N VAL B 183 -30.83 20.93 36.01
CA VAL B 183 -31.95 21.25 36.89
C VAL B 183 -32.98 20.12 36.86
N ASN B 184 -33.38 19.65 38.05
CA ASN B 184 -34.34 18.56 38.16
C ASN B 184 -35.53 18.94 39.03
N GLY B 185 -35.81 20.23 39.15
CA GLY B 185 -36.94 20.67 39.94
C GLY B 185 -36.83 22.13 40.31
N TYR B 186 -37.92 22.65 40.86
CA TYR B 186 -38.01 24.05 41.24
C TYR B 186 -38.54 24.16 42.66
N LYS B 187 -38.05 25.16 43.37
CA LYS B 187 -38.48 25.46 44.74
C LYS B 187 -39.21 26.79 44.74
N LYS B 188 -40.44 26.78 45.26
CA LYS B 188 -41.29 27.95 45.23
C LYS B 188 -40.95 28.90 46.39
N LEU B 189 -41.12 30.20 46.13
CA LEU B 189 -40.71 31.23 47.08
C LEU B 189 -41.87 32.06 47.60
N GLU B 190 -42.67 32.66 46.72
CA GLU B 190 -43.75 33.54 47.16
C GLU B 190 -44.88 33.51 46.15
N LYS B 191 -46.11 33.40 46.66
CA LYS B 191 -47.31 33.35 45.83
C LYS B 191 -47.59 34.70 45.20
N ILE B 192 -47.89 34.69 43.90
CA ILE B 192 -48.35 35.88 43.19
C ILE B 192 -49.81 36.11 43.54
N VAL B 193 -50.13 37.30 44.03
CA VAL B 193 -51.48 37.58 44.52
C VAL B 193 -52.41 38.08 43.43
N ASP B 194 -51.89 38.71 42.37
CA ASP B 194 -52.71 39.27 41.30
C ASP B 194 -52.51 38.41 40.05
N ASN B 195 -53.55 37.67 39.67
CA ASN B 195 -53.49 36.74 38.55
C ASN B 195 -54.19 37.25 37.30
N LYS B 196 -54.10 38.55 37.02
CA LYS B 196 -54.66 39.11 35.80
C LYS B 196 -53.64 39.16 34.66
N HIS B 197 -52.41 38.72 34.90
CA HIS B 197 -51.41 38.62 33.85
C HIS B 197 -50.97 37.20 33.58
N MET B 198 -51.46 36.22 34.33
CA MET B 198 -51.16 34.83 34.06
C MET B 198 -51.96 34.34 32.86
N ARG B 199 -51.63 33.14 32.39
CA ARG B 199 -52.31 32.56 31.24
C ARG B 199 -53.36 31.54 31.62
N ASP B 200 -53.78 31.50 32.89
CA ASP B 200 -54.82 30.57 33.29
C ASP B 200 -55.97 31.21 34.04
N LYS B 201 -55.70 32.19 34.90
CA LYS B 201 -56.62 33.02 35.70
C LYS B 201 -57.25 32.21 36.85
N PHE B 202 -57.06 30.90 36.86
CA PHE B 202 -57.61 30.03 37.90
C PHE B 202 -56.55 29.30 38.69
N THR B 203 -55.46 28.88 38.06
CA THR B 203 -54.41 28.14 38.76
C THR B 203 -53.62 29.08 39.66
N PRO B 204 -53.35 28.69 40.91
CA PRO B 204 -52.49 29.50 41.77
C PRO B 204 -51.06 29.57 41.26
N ALA B 205 -50.41 30.68 41.57
CA ALA B 205 -49.09 30.99 41.00
C ALA B 205 -48.07 31.17 42.10
N TYR B 206 -46.82 30.78 41.82
CA TYR B 206 -45.73 30.88 42.77
C TYR B 206 -44.44 31.25 42.05
N LEU B 207 -43.68 32.18 42.64
CA LEU B 207 -42.34 32.46 42.15
C LEU B 207 -41.38 31.37 42.62
N ALA B 208 -40.53 30.90 41.72
CA ALA B 208 -39.69 29.73 42.00
C ALA B 208 -38.27 29.95 41.52
N THR B 209 -37.39 29.08 42.00
CA THR B 209 -35.98 29.08 41.64
C THR B 209 -35.56 27.65 41.32
N PRO B 210 -34.62 27.44 40.40
CA PRO B 210 -34.19 26.07 40.08
C PRO B 210 -33.40 25.43 41.21
N THR B 211 -33.45 24.09 41.22
CA THR B 211 -32.65 23.28 42.14
C THR B 211 -31.96 22.21 41.31
N TYR B 212 -30.65 22.04 41.51
CA TYR B 212 -29.82 21.28 40.61
C TYR B 212 -29.55 19.88 41.13
N THR B 213 -28.92 19.07 40.29
CA THR B 213 -28.37 17.75 40.62
C THR B 213 -27.20 17.51 39.67
N MET B 214 -26.58 16.33 39.78
CA MET B 214 -25.54 15.95 38.84
C MET B 214 -25.96 14.69 38.08
N ILE B 215 -25.53 14.62 36.82
CA ILE B 215 -25.93 13.57 35.89
C ILE B 215 -24.69 12.89 35.33
N GLY B 216 -24.94 11.82 34.59
CA GLY B 216 -23.91 11.13 33.84
C GLY B 216 -24.43 10.64 32.50
N TYR B 217 -23.71 10.94 31.43
CA TYR B 217 -24.04 10.41 30.11
C TYR B 217 -23.40 9.05 29.94
N LYS B 218 -24.20 8.04 29.64
CA LYS B 218 -23.72 6.67 29.59
C LYS B 218 -24.21 5.99 28.31
N MET B 219 -23.39 5.04 27.83
CA MET B 219 -23.81 4.14 26.76
C MET B 219 -25.02 3.36 27.19
N VAL B 220 -26.03 3.28 26.31
CA VAL B 220 -27.26 2.59 26.67
C VAL B 220 -27.05 1.07 26.74
N SER B 221 -26.11 0.53 25.97
CA SER B 221 -25.82 -0.90 25.98
C SER B 221 -24.82 -1.27 27.07
N ASN B 222 -24.52 -0.36 28.00
CA ASN B 222 -23.66 -0.64 29.13
C ASN B 222 -24.34 -0.27 30.44
N VAL B 223 -25.65 -0.42 30.50
CA VAL B 223 -26.44 -0.16 31.70
C VAL B 223 -27.05 -1.49 32.15
N ASP B 224 -26.89 -1.80 33.45
CA ASP B 224 -27.34 -3.08 33.96
C ASP B 224 -28.86 -3.14 34.05
N ASN B 225 -29.47 -2.26 34.84
CA ASN B 225 -30.91 -2.21 34.98
C ASN B 225 -31.43 -0.97 34.27
N PHE B 226 -32.46 -1.15 33.44
CA PHE B 226 -32.97 -0.06 32.62
C PHE B 226 -33.74 0.97 33.44
N ASP B 227 -34.21 0.59 34.63
CA ASP B 227 -34.98 1.49 35.48
C ASP B 227 -34.17 2.64 36.06
N GLN B 228 -32.84 2.58 36.01
CA GLN B 228 -32.04 3.73 36.38
C GLN B 228 -31.87 4.72 35.22
N ALA B 229 -32.43 4.43 34.05
CA ALA B 229 -32.38 5.35 32.92
C ALA B 229 -33.72 6.01 32.64
N LEU B 230 -34.66 5.97 33.59
CA LEU B 230 -35.97 6.54 33.40
C LEU B 230 -36.16 7.76 34.31
N TRP B 231 -37.14 8.59 33.95
CA TRP B 231 -37.41 9.82 34.69
C TRP B 231 -38.91 9.97 34.85
N GLN B 232 -39.33 10.46 36.03
CA GLN B 232 -40.75 10.68 36.25
C GLN B 232 -40.92 11.79 37.29
N TYR B 233 -42.15 12.32 37.41
CA TYR B 233 -42.41 13.43 38.34
C TYR B 233 -42.42 13.02 39.80
N GLY B 234 -43.59 13.05 40.43
CA GLY B 234 -43.69 12.60 41.81
C GLY B 234 -43.37 13.52 42.97
N GLU B 235 -42.08 13.75 43.25
CA GLU B 235 -41.70 14.55 44.42
C GLU B 235 -42.12 16.01 44.41
N ASN B 236 -41.96 16.68 45.55
CA ASN B 236 -42.32 18.09 45.67
C ASN B 236 -41.73 18.91 44.53
N THR B 237 -42.56 19.29 43.56
CA THR B 237 -42.09 20.02 42.38
C THR B 237 -40.72 19.51 41.95
N LYS B 238 -40.61 18.21 41.66
CA LYS B 238 -39.30 17.64 41.34
C LYS B 238 -39.44 16.39 40.48
N VAL B 239 -38.38 16.04 39.75
CA VAL B 239 -38.37 14.80 38.98
C VAL B 239 -37.32 13.88 39.59
N LYS B 240 -37.48 12.59 39.34
CA LYS B 240 -36.58 11.62 39.94
C LYS B 240 -36.52 10.36 39.07
N THR B 241 -35.46 9.59 39.29
CA THR B 241 -35.28 8.31 38.64
C THR B 241 -36.19 7.26 39.26
N ILE B 242 -36.69 6.34 38.43
CA ILE B 242 -37.49 5.23 38.94
C ILE B 242 -36.60 4.28 39.74
N GLY B 243 -35.45 3.93 39.19
CA GLY B 243 -34.56 2.95 39.82
C GLY B 243 -33.55 3.55 40.77
N GLY B 244 -33.87 4.69 41.37
CA GLY B 244 -33.02 5.29 42.37
C GLY B 244 -31.74 5.89 41.80
N ILE B 245 -30.82 6.16 42.72
CA ILE B 245 -29.54 6.77 42.35
C ILE B 245 -28.62 5.71 41.78
N TYR B 246 -28.04 5.99 40.62
CA TYR B 246 -27.09 5.08 40.00
C TYR B 246 -25.75 5.16 40.72
N THR C 2 -27.78 70.85 3.75
CA THR C 2 -26.58 70.35 3.09
C THR C 2 -25.60 69.77 4.10
N LYS C 3 -24.47 69.28 3.58
CA LYS C 3 -23.38 68.64 4.34
C LYS C 3 -23.92 67.45 5.14
N LEU C 4 -24.34 66.43 4.40
CA LEU C 4 -24.81 65.19 4.99
C LEU C 4 -23.64 64.24 5.20
N LYS C 5 -23.57 63.65 6.39
CA LYS C 5 -22.49 62.75 6.74
C LYS C 5 -22.77 61.35 6.22
N ALA C 6 -21.70 60.59 5.98
CA ALA C 6 -21.85 59.21 5.56
C ALA C 6 -22.37 58.36 6.71
N PRO C 7 -23.20 57.34 6.44
CA PRO C 7 -23.70 56.47 7.50
C PRO C 7 -22.58 55.64 8.11
N ALA C 8 -22.84 55.17 9.34
CA ALA C 8 -21.84 54.44 10.10
C ALA C 8 -21.57 53.04 9.56
N VAL C 9 -22.47 52.49 8.75
CA VAL C 9 -22.25 51.18 8.12
C VAL C 9 -22.50 51.23 6.62
N LEU C 10 -21.44 51.12 5.84
CA LEU C 10 -21.52 50.97 4.40
C LEU C 10 -20.72 49.76 3.96
N ALA C 11 -21.20 49.07 2.94
CA ALA C 11 -20.56 47.85 2.47
C ALA C 11 -20.84 47.67 0.99
N TYR C 12 -19.82 47.27 0.25
CA TYR C 12 -19.93 47.02 -1.18
C TYR C 12 -19.35 45.65 -1.48
N SER C 13 -20.11 44.82 -2.19
CA SER C 13 -19.66 43.48 -2.50
C SER C 13 -18.65 43.50 -3.64
N ARG C 14 -18.02 42.35 -3.87
CA ARG C 14 -17.14 42.19 -5.01
C ARG C 14 -17.94 42.18 -6.31
N LYS C 15 -17.39 42.83 -7.33
CA LYS C 15 -17.96 42.79 -8.66
C LYS C 15 -17.08 42.02 -9.64
N ILE C 16 -15.88 41.61 -9.22
CA ILE C 16 -15.02 40.74 -10.01
C ILE C 16 -14.72 39.52 -9.17
N ASN C 17 -15.11 38.34 -9.66
CA ASN C 17 -14.93 37.09 -8.91
C ASN C 17 -14.02 36.15 -9.69
N PRO C 18 -12.74 36.07 -9.33
CA PRO C 18 -11.89 35.03 -9.91
C PRO C 18 -11.87 33.78 -9.05
N THR C 19 -11.47 32.68 -9.68
CA THR C 19 -11.32 31.41 -8.98
C THR C 19 -9.84 31.08 -8.84
N ASN C 20 -9.54 30.15 -7.94
CA ASN C 20 -8.16 29.76 -7.71
C ASN C 20 -7.65 28.94 -8.89
N ALA C 21 -6.51 29.35 -9.44
CA ALA C 21 -6.00 28.78 -10.67
C ALA C 21 -5.42 27.39 -10.42
N LEU C 22 -5.26 26.63 -11.51
CA LEU C 22 -4.65 25.31 -11.45
C LEU C 22 -3.49 25.24 -12.43
N MET C 23 -2.49 24.43 -12.08
CA MET C 23 -1.28 24.27 -12.87
C MET C 23 -1.19 22.87 -13.45
N PHE C 24 -0.88 22.79 -14.74
CA PHE C 24 -0.69 21.54 -15.46
C PHE C 24 0.59 21.62 -16.28
N ALA C 25 1.07 20.47 -16.72
CA ALA C 25 2.27 20.39 -17.55
C ALA C 25 1.91 19.75 -18.88
N VAL C 26 2.16 20.49 -19.98
CA VAL C 26 1.90 20.01 -21.34
C VAL C 26 3.10 20.36 -22.21
N ASN C 27 3.16 19.70 -23.37
CA ASN C 27 4.15 20.05 -24.38
C ASN C 27 3.65 21.22 -25.22
N TRP C 28 4.60 21.86 -25.91
CA TRP C 28 4.26 23.06 -26.67
C TRP C 28 3.47 22.72 -27.93
N SER C 29 3.79 21.61 -28.58
CA SER C 29 3.13 21.18 -29.80
C SER C 29 2.02 20.17 -29.54
N ASP C 30 1.68 19.94 -28.27
CA ASP C 30 0.64 19.00 -27.89
C ASP C 30 -0.06 19.57 -26.65
N ARG C 31 -1.21 20.22 -26.88
CA ARG C 31 -1.87 21.02 -25.87
C ARG C 31 -2.93 20.26 -25.08
N ASP C 32 -2.99 18.93 -25.22
CA ASP C 32 -4.04 18.15 -24.59
C ASP C 32 -3.56 17.14 -23.57
N ASN C 33 -2.27 16.80 -23.55
CA ASN C 33 -1.74 15.81 -22.61
C ASN C 33 -1.42 16.49 -21.29
N THR C 34 -2.48 16.74 -20.50
CA THR C 34 -2.36 17.44 -19.24
C THR C 34 -2.03 16.46 -18.12
N THR C 35 -0.99 16.79 -17.35
CA THR C 35 -0.65 16.04 -16.15
C THR C 35 -0.47 17.02 -14.99
N ALA C 36 -0.70 16.53 -13.78
CA ALA C 36 -0.68 17.38 -12.61
C ALA C 36 0.75 17.70 -12.19
N VAL C 37 0.94 18.89 -11.64
CA VAL C 37 2.21 19.33 -11.06
C VAL C 37 2.04 19.24 -9.56
N MET C 38 2.57 18.17 -8.96
CA MET C 38 2.37 17.93 -7.54
C MET C 38 3.48 18.58 -6.71
N VAL C 39 3.17 18.77 -5.43
CA VAL C 39 4.04 19.49 -4.50
C VAL C 39 4.79 18.48 -3.64
N GLY C 40 6.12 18.59 -3.61
CA GLY C 40 6.95 17.71 -2.81
C GLY C 40 7.69 18.50 -1.74
N THR C 41 8.36 17.74 -0.87
CA THR C 41 9.08 18.30 0.27
C THR C 41 10.54 17.86 0.22
N LYS C 42 11.46 18.80 0.40
CA LYS C 42 12.88 18.49 0.42
C LYS C 42 13.54 19.16 1.63
N THR C 43 14.77 18.74 1.92
CA THR C 43 15.52 19.26 3.05
C THR C 43 16.87 19.77 2.56
N VAL C 44 17.19 21.00 2.91
CA VAL C 44 18.34 21.73 2.39
C VAL C 44 19.26 22.05 3.56
N ALA C 45 20.58 22.07 3.30
CA ALA C 45 21.59 22.10 4.35
C ALA C 45 22.61 23.22 4.11
N GLY C 46 22.12 24.44 3.89
CA GLY C 46 22.99 25.57 3.66
C GLY C 46 23.52 26.21 4.93
N THR C 47 24.14 27.38 4.76
CA THR C 47 24.73 28.12 5.86
C THR C 47 23.77 29.21 6.34
N GLN C 48 24.13 29.87 7.43
CA GLN C 48 23.31 30.94 7.99
C GLN C 48 24.11 32.24 8.04
N SER C 49 23.41 33.36 7.85
CA SER C 49 24.05 34.67 7.80
C SER C 49 23.00 35.74 8.07
N VAL C 50 23.19 36.49 9.17
CA VAL C 50 22.28 37.52 9.63
C VAL C 50 23.09 38.81 9.69
N ARG C 51 22.40 39.96 9.62
CA ARG C 51 23.04 41.26 9.87
C ARG C 51 23.14 41.52 11.38
N GLY C 52 23.67 40.55 12.11
CA GLY C 52 23.92 40.49 13.54
C GLY C 52 24.57 39.13 13.75
N ASN C 53 25.11 38.89 14.94
CA ASN C 53 25.73 37.60 15.26
C ASN C 53 26.73 37.13 14.21
N PRO C 54 27.82 37.87 14.07
CA PRO C 54 28.87 37.46 13.12
C PRO C 54 29.65 36.29 13.69
N ASN C 55 29.47 36.01 14.98
CA ASN C 55 30.15 34.89 15.62
C ASN C 55 29.63 33.56 15.12
N ASP C 56 28.35 33.51 14.76
CA ASP C 56 27.77 32.27 14.26
C ASP C 56 27.75 32.23 12.74
N ALA C 57 28.92 32.41 12.15
CA ALA C 57 29.08 32.25 10.71
C ALA C 57 29.93 31.03 10.41
N ASP C 58 29.55 29.88 10.95
CA ASP C 58 30.29 28.65 10.71
C ASP C 58 29.40 27.44 10.91
N LYS C 59 28.15 27.68 11.32
CA LYS C 59 27.24 26.58 11.58
C LYS C 59 26.15 26.49 10.51
N GLY C 60 26.19 25.44 9.71
CA GLY C 60 25.22 25.29 8.63
C GLY C 60 23.86 24.89 9.18
N ASN C 61 22.86 25.72 8.89
CA ASN C 61 21.52 25.43 9.38
C ASN C 61 20.82 24.46 8.44
N ILE C 62 19.76 23.83 8.94
CA ILE C 62 19.04 22.82 8.18
C ILE C 62 17.59 23.28 8.04
N GLN C 63 17.10 23.36 6.81
CA GLN C 63 15.75 23.84 6.55
C GLN C 63 14.97 22.79 5.77
N THR C 64 13.66 22.80 5.94
CA THR C 64 12.76 21.85 5.29
C THR C 64 11.75 22.65 4.48
N VAL C 65 11.88 22.62 3.16
CA VAL C 65 11.06 23.46 2.31
C VAL C 65 10.20 22.61 1.39
N ASN C 66 9.23 23.25 0.77
CA ASN C 66 8.42 22.63 -0.27
C ASN C 66 8.86 23.12 -1.64
N PHE C 67 8.55 22.32 -2.65
CA PHE C 67 8.97 22.64 -4.01
C PHE C 67 8.03 21.98 -5.00
N ALA C 68 8.03 22.49 -6.23
CA ALA C 68 7.28 21.92 -7.32
C ALA C 68 8.00 22.25 -8.62
N ASN C 69 8.21 21.24 -9.47
CA ASN C 69 8.92 21.42 -10.73
C ASN C 69 8.18 20.69 -11.84
N LEU C 70 8.43 21.13 -13.06
CA LEU C 70 7.96 20.42 -14.23
C LEU C 70 8.74 19.12 -14.39
N PRO C 71 8.12 18.08 -14.96
CA PRO C 71 8.88 16.86 -15.27
C PRO C 71 9.85 17.06 -16.42
N HIS C 72 10.71 16.08 -16.67
CA HIS C 72 11.77 16.23 -17.66
C HIS C 72 11.34 15.90 -19.09
N ASN C 73 10.14 15.37 -19.28
CA ASN C 73 9.64 15.07 -20.62
C ASN C 73 8.66 16.11 -21.14
N LYS C 74 8.39 17.16 -20.36
CA LYS C 74 7.45 18.21 -20.75
C LYS C 74 8.08 19.55 -20.46
N ASN C 75 7.69 20.56 -21.25
CA ASN C 75 8.36 21.85 -21.14
C ASN C 75 7.43 23.04 -21.26
N THR C 76 6.14 22.87 -20.96
CA THR C 76 5.19 23.98 -21.07
C THR C 76 4.28 23.96 -19.86
N LEU C 77 4.18 25.10 -19.18
CA LEU C 77 3.31 25.23 -18.02
C LEU C 77 1.95 25.80 -18.45
N LEU C 78 0.89 25.20 -17.94
CA LEU C 78 -0.49 25.55 -18.25
C LEU C 78 -1.15 26.07 -16.98
N VAL C 79 -1.78 27.23 -17.04
CA VAL C 79 -2.50 27.80 -15.92
C VAL C 79 -3.95 28.01 -16.33
N LYS C 80 -4.88 27.47 -15.55
CA LYS C 80 -6.30 27.53 -15.87
C LYS C 80 -7.08 28.25 -14.77
N TYR C 81 -7.92 29.21 -15.16
CA TYR C 81 -8.87 29.79 -14.21
C TYR C 81 -10.06 30.39 -14.94
N ASN C 82 -11.05 30.83 -14.15
CA ASN C 82 -12.27 31.46 -14.66
C ASN C 82 -12.49 32.77 -13.92
N VAL C 83 -12.94 33.79 -14.64
CA VAL C 83 -13.20 35.12 -14.10
C VAL C 83 -14.65 35.49 -14.37
N LYS C 84 -15.35 35.98 -13.37
CA LYS C 84 -16.75 36.36 -13.50
C LYS C 84 -16.90 37.85 -13.24
N PHE C 85 -17.60 38.55 -14.14
CA PHE C 85 -17.89 39.98 -13.99
C PHE C 85 -19.37 40.13 -13.71
N VAL C 86 -19.70 40.82 -12.62
CA VAL C 86 -21.07 41.01 -12.15
C VAL C 86 -21.41 42.50 -12.24
N GLY C 87 -22.60 42.79 -12.75
CA GLY C 87 -23.06 44.16 -12.91
C GLY C 87 -23.68 44.73 -11.64
N ASP C 88 -24.33 45.89 -11.81
CA ASP C 88 -25.01 46.67 -10.77
C ASP C 88 -24.03 47.04 -9.65
N VAL C 89 -23.06 47.88 -10.03
CA VAL C 89 -21.92 48.19 -9.18
C VAL C 89 -22.20 49.35 -8.24
N PHE C 90 -23.43 49.88 -8.26
CA PHE C 90 -23.77 51.03 -7.45
C PHE C 90 -24.77 50.72 -6.35
N LYS C 91 -25.23 49.47 -6.22
CA LYS C 91 -26.20 49.11 -5.20
C LYS C 91 -25.46 48.72 -3.92
N ALA C 92 -25.75 49.39 -2.82
CA ALA C 92 -25.06 49.12 -1.56
C ALA C 92 -25.64 47.94 -0.80
N GLU C 93 -24.78 47.14 -0.18
CA GLU C 93 -25.27 46.03 0.64
C GLU C 93 -25.73 46.57 1.97
N LEU C 94 -24.81 47.14 2.74
CA LEU C 94 -25.18 47.75 4.02
C LEU C 94 -25.25 49.24 3.79
N GLY C 95 -26.21 49.90 4.41
CA GLY C 95 -26.38 51.33 4.18
C GLY C 95 -27.41 51.54 3.10
N GLY C 96 -28.35 52.46 3.34
CA GLY C 96 -29.41 52.69 2.38
C GLY C 96 -29.13 53.85 1.46
N GLY C 97 -30.12 54.72 1.28
CA GLY C 97 -29.97 55.83 0.37
C GLY C 97 -29.46 57.10 1.00
N GLU C 98 -29.88 58.25 0.50
CA GLU C 98 -29.43 59.55 1.00
C GLU C 98 -27.94 59.77 0.80
N TYR C 99 -27.18 58.69 0.59
CA TYR C 99 -25.75 58.81 0.34
C TYR C 99 -25.32 58.04 -0.89
N SER C 100 -25.66 56.76 -0.98
CA SER C 100 -25.35 55.99 -2.18
C SER C 100 -26.19 56.45 -3.36
N ASN C 101 -27.43 56.88 -3.11
CA ASN C 101 -28.29 57.35 -4.19
C ASN C 101 -27.82 58.67 -4.76
N THR C 102 -27.27 59.56 -3.92
CA THR C 102 -26.72 60.81 -4.43
C THR C 102 -25.27 60.68 -4.88
N LEU C 103 -24.61 59.57 -4.55
CA LEU C 103 -23.33 59.26 -5.17
C LEU C 103 -23.48 58.62 -6.55
N GLN C 104 -24.55 57.85 -6.75
CA GLN C 104 -24.80 57.21 -8.04
C GLN C 104 -25.11 58.25 -9.12
N THR C 105 -25.85 59.30 -8.77
CA THR C 105 -26.15 60.35 -9.72
C THR C 105 -24.97 61.26 -10.01
N ALA C 106 -23.91 61.20 -9.21
CA ALA C 106 -22.68 61.93 -9.50
C ALA C 106 -21.63 61.09 -10.20
N LEU C 107 -21.68 59.77 -10.04
CA LEU C 107 -20.80 58.85 -10.73
C LEU C 107 -21.47 58.18 -11.92
N GLU C 108 -22.51 58.80 -12.47
CA GLU C 108 -23.26 58.20 -13.57
C GLU C 108 -22.51 58.28 -14.89
N ASN C 109 -21.82 59.40 -15.15
CA ASN C 109 -21.25 59.69 -16.46
C ASN C 109 -19.76 59.36 -16.58
N THR C 110 -19.27 58.38 -15.81
CA THR C 110 -17.88 57.99 -15.89
C THR C 110 -17.62 57.17 -17.17
N ASP C 111 -16.36 56.92 -17.47
CA ASP C 111 -15.94 56.24 -18.69
C ASP C 111 -15.67 54.78 -18.35
N PHE C 112 -16.68 53.93 -18.54
CA PHE C 112 -16.54 52.51 -18.26
C PHE C 112 -15.68 51.79 -19.29
N GLY C 113 -15.53 52.35 -20.49
CA GLY C 113 -14.71 51.71 -21.51
C GLY C 113 -13.23 51.69 -21.14
N THR C 114 -12.74 52.78 -20.55
CA THR C 114 -11.34 52.85 -20.14
C THR C 114 -11.03 51.88 -19.01
N LEU C 115 -11.96 51.69 -18.07
CA LEU C 115 -11.77 50.71 -17.01
C LEU C 115 -11.85 49.29 -17.55
N ALA C 116 -12.87 49.01 -18.36
CA ALA C 116 -13.10 47.66 -18.85
C ALA C 116 -12.05 47.24 -19.88
N TYR C 117 -11.39 48.19 -20.53
CA TYR C 117 -10.27 47.84 -21.38
C TYR C 117 -9.08 47.36 -20.56
N ARG C 118 -8.78 48.04 -19.46
CA ARG C 118 -7.61 47.69 -18.65
C ARG C 118 -7.84 46.42 -17.85
N TYR C 119 -9.09 46.19 -17.40
CA TYR C 119 -9.39 44.97 -16.64
C TYR C 119 -9.23 43.71 -17.48
N VAL C 120 -9.46 43.81 -18.79
CA VAL C 120 -9.24 42.67 -19.66
C VAL C 120 -7.80 42.63 -20.19
N TYR C 121 -7.17 43.80 -20.37
CA TYR C 121 -5.79 43.84 -20.84
C TYR C 121 -4.81 43.32 -19.79
N ASN C 122 -5.14 43.42 -18.51
CA ASN C 122 -4.28 42.80 -17.50
C ASN C 122 -4.37 41.27 -17.51
N ILE C 123 -5.46 40.72 -18.04
CA ILE C 123 -5.58 39.27 -18.19
C ILE C 123 -4.96 38.80 -19.50
N ALA C 124 -5.12 39.58 -20.56
CA ALA C 124 -4.65 39.18 -21.88
C ALA C 124 -3.13 39.25 -21.98
N ALA C 125 -2.52 40.24 -21.33
CA ALA C 125 -1.07 40.41 -21.43
C ALA C 125 -0.31 39.36 -20.64
N GLY C 126 -0.89 38.84 -19.56
CA GLY C 126 -0.21 37.84 -18.76
C GLY C 126 0.40 38.41 -17.51
N ARG C 127 -0.27 39.40 -16.90
CA ARG C 127 0.19 39.96 -15.64
C ARG C 127 -0.23 39.10 -14.46
N THR C 128 -1.00 38.03 -14.71
CA THR C 128 -1.65 37.25 -13.66
C THR C 128 -0.75 36.08 -13.21
N LEU C 129 0.54 36.15 -13.53
CA LEU C 129 1.49 35.08 -13.26
C LEU C 129 2.53 35.42 -12.21
N TRP C 130 3.24 36.55 -12.37
CA TRP C 130 4.06 37.23 -11.38
C TRP C 130 5.36 36.55 -10.97
N ARG C 131 5.56 35.29 -11.30
CA ARG C 131 6.89 34.71 -11.25
C ARG C 131 7.18 33.74 -12.39
N ASN C 132 6.16 33.13 -12.98
CA ASN C 132 6.37 32.22 -14.10
C ASN C 132 6.57 32.97 -15.41
N ARG C 133 6.27 34.26 -15.45
CA ARG C 133 6.54 35.09 -16.62
C ARG C 133 8.03 35.36 -16.81
N VAL C 134 8.78 35.45 -15.72
CA VAL C 134 10.21 35.73 -15.80
C VAL C 134 10.94 34.48 -16.26
N GLY C 135 11.64 34.58 -17.39
CA GLY C 135 12.36 33.46 -17.93
C GLY C 135 11.50 32.56 -18.79
N ALA C 136 10.73 33.16 -19.68
CA ALA C 136 9.85 32.42 -20.58
C ALA C 136 10.11 32.88 -22.01
N GLU C 137 10.27 31.91 -22.92
CA GLU C 137 10.56 32.24 -24.31
C GLU C 137 9.33 32.77 -25.04
N SER C 138 8.16 32.18 -24.77
CA SER C 138 6.95 32.61 -25.46
C SER C 138 5.74 32.32 -24.57
N ILE C 139 4.86 33.30 -24.43
CA ILE C 139 3.63 33.16 -23.69
C ILE C 139 2.47 33.17 -24.69
N GLU C 140 1.38 32.48 -24.35
CA GLU C 140 0.22 32.42 -25.23
C GLU C 140 -1.03 32.27 -24.38
N THR C 141 -1.96 33.22 -24.50
CA THR C 141 -3.16 33.23 -23.69
C THR C 141 -4.39 32.96 -24.55
N VAL C 142 -5.29 32.13 -24.04
CA VAL C 142 -6.52 31.78 -24.74
C VAL C 142 -7.68 32.16 -23.83
N ILE C 143 -8.59 33.00 -24.35
CA ILE C 143 -9.73 33.49 -23.60
C ILE C 143 -11.01 33.01 -24.30
N THR C 144 -11.86 32.31 -23.58
CA THR C 144 -13.11 31.81 -24.11
C THR C 144 -14.27 32.50 -23.42
N VAL C 145 -15.15 33.11 -24.21
CA VAL C 145 -16.39 33.71 -23.70
C VAL C 145 -17.51 33.39 -24.68
N ASN C 146 -18.63 32.88 -24.14
CA ASN C 146 -19.92 32.51 -24.75
C ASN C 146 -19.83 31.98 -26.18
N ASP C 147 -19.08 30.88 -26.34
CA ASP C 147 -18.77 30.24 -27.63
C ASP C 147 -18.06 31.20 -28.57
N GLN C 148 -16.93 31.72 -28.10
CA GLN C 148 -16.07 32.59 -28.88
C GLN C 148 -14.68 32.56 -28.25
N THR C 149 -13.67 32.25 -29.07
CA THR C 149 -12.32 31.98 -28.60
C THR C 149 -11.36 33.03 -29.17
N PHE C 150 -10.55 33.62 -28.30
CA PHE C 150 -9.56 34.61 -28.69
C PHE C 150 -8.18 34.18 -28.23
N THR C 151 -7.16 34.49 -29.03
CA THR C 151 -5.79 34.08 -28.77
C THR C 151 -4.88 35.30 -28.80
N PHE C 152 -4.04 35.44 -27.78
CA PHE C 152 -3.10 36.55 -27.65
C PHE C 152 -1.69 36.00 -27.50
N SER C 153 -0.76 36.52 -28.29
CA SER C 153 0.61 36.01 -28.29
C SER C 153 1.57 36.92 -27.52
N ASP C 154 1.74 38.16 -27.94
CA ASP C 154 2.75 39.03 -27.34
C ASP C 154 2.14 40.40 -27.09
N LEU C 155 2.13 40.81 -25.82
CA LEU C 155 1.61 42.11 -25.42
C LEU C 155 2.53 42.72 -24.37
N LEU C 156 2.80 44.01 -24.50
CA LEU C 156 3.55 44.72 -23.49
C LEU C 156 2.69 44.91 -22.25
N VAL C 157 3.32 44.77 -21.08
CA VAL C 157 2.60 44.75 -19.81
C VAL C 157 2.56 46.12 -19.16
N ASN C 158 3.68 46.83 -19.14
CA ASN C 158 3.72 48.15 -18.51
C ASN C 158 3.00 49.22 -19.34
N GLU C 159 2.78 48.99 -20.63
CA GLU C 159 2.11 49.94 -21.50
C GLU C 159 0.76 49.39 -21.93
N PHE C 160 -0.27 50.22 -21.83
CA PHE C 160 -1.63 49.85 -22.20
C PHE C 160 -1.80 50.16 -23.69
N ASP C 161 -1.40 49.19 -24.52
CA ASP C 161 -1.42 49.36 -25.96
C ASP C 161 -2.84 49.25 -26.51
N GLU C 162 -3.00 49.65 -27.77
CA GLU C 162 -4.28 49.62 -28.46
C GLU C 162 -4.23 48.55 -29.55
N ASP C 163 -5.21 47.65 -29.54
CA ASP C 163 -5.33 46.63 -30.58
C ASP C 163 -6.80 46.41 -30.86
N VAL C 164 -7.11 45.34 -31.60
CA VAL C 164 -8.44 45.14 -32.16
C VAL C 164 -9.20 44.01 -31.49
N ASP C 165 -8.54 43.12 -30.74
CA ASP C 165 -9.22 41.98 -30.15
C ASP C 165 -9.53 42.16 -28.67
N VAL C 166 -8.76 42.96 -27.94
CA VAL C 166 -9.10 43.27 -26.56
C VAL C 166 -10.33 44.17 -26.50
N ALA C 167 -10.45 45.08 -27.47
CA ALA C 167 -11.62 45.96 -27.55
C ALA C 167 -12.90 45.21 -27.90
N GLU C 168 -12.81 44.00 -28.46
CA GLU C 168 -13.98 43.18 -28.68
C GLU C 168 -14.52 42.56 -27.40
N ILE C 169 -13.66 42.34 -26.41
CA ILE C 169 -14.14 41.84 -25.11
C ILE C 169 -14.49 43.00 -24.18
N ALA C 170 -13.80 44.14 -24.32
CA ALA C 170 -14.06 45.28 -23.45
C ALA C 170 -15.44 45.88 -23.67
N ASP C 171 -15.94 45.85 -24.91
CA ASP C 171 -17.30 46.30 -25.18
C ASP C 171 -18.36 45.38 -24.61
N MET C 172 -18.01 44.11 -24.36
CA MET C 172 -18.93 43.20 -23.69
C MET C 172 -18.87 43.38 -22.17
N VAL C 173 -17.67 43.62 -21.64
CA VAL C 173 -17.51 43.80 -20.20
C VAL C 173 -18.13 45.12 -19.73
N ALA C 174 -17.97 46.18 -20.52
CA ALA C 174 -18.51 47.48 -20.15
C ALA C 174 -20.03 47.50 -20.19
N GLY C 175 -20.64 46.68 -21.04
CA GLY C 175 -22.08 46.56 -21.03
C GLY C 175 -22.62 45.92 -19.78
N VAL C 176 -21.89 44.95 -19.22
CA VAL C 176 -22.25 44.36 -17.94
C VAL C 176 -22.03 45.34 -16.80
N LEU C 177 -20.87 46.03 -16.81
CA LEU C 177 -20.55 46.95 -15.72
C LEU C 177 -21.37 48.23 -15.75
N SER C 178 -22.00 48.57 -16.88
CA SER C 178 -22.89 49.72 -16.96
C SER C 178 -24.34 49.38 -16.72
N GLY C 179 -24.67 48.10 -16.57
CA GLY C 179 -26.05 47.69 -16.38
C GLY C 179 -26.21 46.59 -15.37
N GLU C 180 -26.89 45.52 -15.77
CA GLU C 180 -27.15 44.38 -14.89
C GLU C 180 -26.80 43.09 -15.62
N GLY C 181 -26.51 42.05 -14.85
CA GLY C 181 -26.18 40.76 -15.42
C GLY C 181 -24.81 40.26 -15.01
N PHE C 182 -24.26 39.34 -15.78
CA PHE C 182 -22.93 38.81 -15.50
C PHE C 182 -22.36 38.26 -16.81
N VAL C 183 -21.04 38.08 -16.82
CA VAL C 183 -20.34 37.48 -17.96
C VAL C 183 -19.17 36.67 -17.42
N THR C 184 -18.87 35.56 -18.07
CA THR C 184 -17.84 34.62 -17.63
C THR C 184 -16.76 34.49 -18.68
N LEU C 185 -15.51 34.64 -18.26
CA LEU C 185 -14.34 34.40 -19.11
C LEU C 185 -13.61 33.17 -18.60
N LYS C 186 -13.14 32.34 -19.52
CA LYS C 186 -12.31 31.18 -19.18
C LYS C 186 -10.93 31.40 -19.76
N VAL C 187 -9.92 31.49 -18.90
CA VAL C 187 -8.58 31.89 -19.30
C VAL C 187 -7.61 30.73 -19.11
N GLU C 188 -6.83 30.46 -20.16
CA GLU C 188 -5.76 29.46 -20.14
C GLU C 188 -4.47 30.12 -20.59
N HIS C 189 -3.43 30.01 -19.77
CA HIS C 189 -2.11 30.54 -20.09
C HIS C 189 -1.14 29.41 -20.37
N TYR C 190 -0.41 29.52 -21.48
CA TYR C 190 0.63 28.58 -21.85
C TYR C 190 1.96 29.31 -21.88
N MET C 191 2.94 28.84 -21.09
CA MET C 191 4.28 29.40 -21.15
C MET C 191 5.31 28.31 -21.38
N LEU C 192 6.26 28.59 -22.27
CA LEU C 192 7.33 27.67 -22.65
C LEU C 192 8.56 28.01 -21.79
N LEU C 193 8.74 27.27 -20.71
CA LEU C 193 9.83 27.51 -19.76
C LEU C 193 11.07 26.68 -20.04
N GLY C 194 10.89 25.40 -20.36
CA GLY C 194 12.02 24.49 -20.53
C GLY C 194 11.84 23.26 -19.69
N GLU C 195 12.55 22.18 -20.03
CA GLU C 195 12.39 20.92 -19.32
C GLU C 195 13.03 20.99 -17.94
N GLY C 196 12.29 20.52 -16.94
CA GLY C 196 12.82 20.46 -15.59
C GLY C 196 12.92 21.81 -14.89
N SER C 197 12.17 22.81 -15.35
CA SER C 197 12.22 24.14 -14.76
C SER C 197 11.42 24.17 -13.45
N GLU C 198 11.45 25.31 -12.78
CA GLU C 198 10.79 25.49 -11.50
C GLU C 198 9.51 26.31 -11.70
N VAL C 199 8.41 25.80 -11.14
CA VAL C 199 7.14 26.52 -11.16
C VAL C 199 6.94 27.13 -9.78
N PHE C 200 6.09 28.16 -9.73
CA PHE C 200 5.94 28.96 -8.51
C PHE C 200 4.47 29.07 -8.10
N PRO C 201 4.02 28.24 -7.18
CA PRO C 201 2.67 28.40 -6.62
C PRO C 201 2.67 29.52 -5.59
N SER C 202 1.52 29.73 -4.97
CA SER C 202 1.37 30.73 -3.93
C SER C 202 1.72 30.12 -2.58
N GLN C 203 2.48 30.85 -1.77
CA GLN C 203 2.81 30.37 -0.43
C GLN C 203 1.60 30.50 0.49
N GLU C 204 1.70 29.83 1.64
CA GLU C 204 0.62 29.82 2.61
C GLU C 204 1.14 30.36 3.93
N PHE C 205 0.31 31.13 4.63
CA PHE C 205 0.69 31.70 5.91
C PHE C 205 0.54 30.62 6.97
N VAL C 206 1.65 30.20 7.55
CA VAL C 206 1.58 29.22 8.63
C VAL C 206 2.27 29.74 9.88
N GLU C 207 1.87 29.23 11.03
CA GLU C 207 2.47 29.67 12.28
C GLU C 207 3.38 28.61 12.85
N ASN C 208 4.68 28.92 12.95
CA ASN C 208 5.66 27.99 13.52
C ASN C 208 5.51 26.54 13.06
N SER C 209 5.47 26.31 11.75
CA SER C 209 5.37 24.96 11.23
C SER C 209 6.76 24.37 11.11
N LYS C 210 6.85 23.04 11.05
CA LYS C 210 8.14 22.40 10.90
C LYS C 210 8.73 22.75 9.53
N LEU C 211 7.89 23.27 8.64
CA LEU C 211 8.37 23.65 7.31
C LEU C 211 8.71 25.13 7.30
N SER C 212 9.85 25.46 6.71
CA SER C 212 10.24 26.85 6.53
C SER C 212 9.55 27.50 5.33
N LYS C 213 8.88 26.73 4.50
CA LYS C 213 8.20 27.25 3.31
C LYS C 213 7.12 26.26 2.91
N GLN C 214 5.86 26.66 3.01
CA GLN C 214 4.73 25.82 2.67
C GLN C 214 3.98 26.42 1.50
N LEU C 215 3.67 25.59 0.50
CA LEU C 215 3.01 26.03 -0.71
C LEU C 215 1.55 25.57 -0.72
N PHE C 216 0.72 26.34 -1.43
CA PHE C 216 -0.70 26.05 -1.52
C PHE C 216 -0.94 24.84 -2.42
N ASP C 217 -1.92 24.02 -2.04
CA ASP C 217 -2.20 22.81 -2.78
C ASP C 217 -3.69 22.47 -2.70
N LEU C 218 -4.24 22.01 -3.81
CA LEU C 218 -5.62 21.52 -3.89
C LEU C 218 -5.56 20.04 -4.24
N ASN C 219 -5.82 19.18 -3.24
CA ASN C 219 -5.70 17.73 -3.34
C ASN C 219 -4.32 17.28 -3.81
N GLY C 220 -3.28 17.96 -3.34
CA GLY C 220 -1.91 17.63 -3.70
C GLY C 220 -1.41 18.25 -4.98
N GLN C 221 -2.22 19.03 -5.67
CA GLN C 221 -1.84 19.67 -6.91
C GLN C 221 -1.54 21.14 -6.66
N ALA C 222 -0.44 21.64 -7.25
CA ALA C 222 -0.01 23.01 -7.05
C ALA C 222 -1.01 23.98 -7.66
N ALA C 223 -1.41 24.98 -6.88
CA ALA C 223 -2.42 25.96 -7.28
C ALA C 223 -1.97 27.36 -6.91
N MET C 224 -2.81 28.34 -7.22
CA MET C 224 -2.57 29.73 -6.85
C MET C 224 -3.78 30.26 -6.10
N HIS C 225 -3.54 31.19 -5.18
CA HIS C 225 -4.62 31.77 -4.40
C HIS C 225 -5.48 32.68 -5.27
N ASP C 226 -6.79 32.69 -4.99
CA ASP C 226 -7.71 33.46 -5.81
C ASP C 226 -7.61 34.96 -5.56
N GLN C 227 -7.33 35.37 -4.33
CA GLN C 227 -7.13 36.79 -4.08
C GLN C 227 -5.79 37.29 -4.61
N LYS C 228 -4.85 36.39 -4.91
CA LYS C 228 -3.63 36.77 -5.60
C LYS C 228 -3.89 36.99 -7.08
N ILE C 229 -4.84 36.23 -7.65
CA ILE C 229 -5.22 36.39 -9.05
C ILE C 229 -5.89 37.73 -9.27
N GLY C 230 -6.78 38.13 -8.35
CA GLY C 230 -7.53 39.36 -8.51
C GLY C 230 -6.72 40.63 -8.31
N ASN C 231 -5.54 40.53 -7.68
CA ASN C 231 -4.69 41.70 -7.53
C ASN C 231 -4.04 42.09 -8.85
N ALA C 232 -3.78 41.13 -9.72
CA ALA C 232 -3.17 41.45 -11.00
C ALA C 232 -4.17 42.08 -11.96
N ILE C 233 -5.46 41.78 -11.78
CA ILE C 233 -6.48 42.30 -12.69
C ILE C 233 -6.67 43.81 -12.48
N ARG C 234 -6.74 44.25 -11.22
CA ARG C 234 -7.02 45.65 -10.92
C ARG C 234 -5.76 46.48 -10.70
N THR C 235 -4.66 46.14 -11.37
CA THR C 235 -3.45 46.98 -11.34
C THR C 235 -3.53 47.97 -12.50
N ILE C 236 -4.42 48.95 -12.34
CA ILE C 236 -4.77 49.85 -13.43
C ILE C 236 -4.50 51.30 -13.05
N ASP C 237 -4.10 51.54 -11.80
CA ASP C 237 -4.04 52.90 -11.26
C ASP C 237 -2.77 53.59 -11.72
N THR C 238 -2.90 54.58 -12.61
CA THR C 238 -1.79 55.39 -13.07
C THR C 238 -2.08 56.88 -12.90
N TRP C 239 -2.94 57.24 -11.96
CA TRP C 239 -3.44 58.61 -11.86
C TRP C 239 -2.99 59.33 -10.61
N TYR C 240 -2.12 58.73 -9.79
CA TYR C 240 -1.63 59.41 -8.60
C TYR C 240 -0.57 60.45 -8.99
N GLU C 241 -0.16 61.24 -8.02
CA GLU C 241 0.81 62.30 -8.27
C GLU C 241 2.20 61.71 -8.51
N ASP C 242 2.87 62.22 -9.56
CA ASP C 242 4.15 61.72 -10.08
C ASP C 242 4.05 60.24 -10.42
N ALA C 243 3.17 59.92 -11.37
CA ALA C 243 2.89 58.55 -11.73
C ALA C 243 3.94 58.01 -12.69
N THR C 244 4.53 56.86 -12.34
CA THR C 244 5.49 56.18 -13.20
C THR C 244 5.00 54.81 -13.61
N THR C 245 4.58 53.97 -12.66
CA THR C 245 4.17 52.60 -12.91
C THR C 245 2.78 52.37 -12.34
N PRO C 246 1.98 51.47 -12.94
CA PRO C 246 0.66 51.18 -12.38
C PRO C 246 0.74 50.42 -11.06
N ILE C 247 -0.16 50.78 -10.15
CA ILE C 247 -0.31 50.09 -8.87
C ILE C 247 -1.74 49.60 -8.74
N ALA C 248 -2.04 48.90 -7.65
CA ALA C 248 -3.38 48.37 -7.44
C ALA C 248 -4.34 49.48 -7.01
N VAL C 249 -5.63 49.25 -7.25
CA VAL C 249 -6.66 50.19 -6.84
C VAL C 249 -6.93 49.98 -5.36
N GLU C 250 -6.76 51.05 -4.57
CA GLU C 250 -6.82 50.98 -3.12
C GLU C 250 -7.14 52.38 -2.61
N PRO C 251 -7.95 52.53 -1.55
CA PRO C 251 -8.34 53.87 -1.09
C PRO C 251 -7.21 54.75 -0.60
N TYR C 252 -6.07 54.20 -0.24
CA TYR C 252 -4.91 55.02 0.10
C TYR C 252 -3.76 54.84 -0.89
N GLY C 253 -3.93 53.96 -1.89
CA GLY C 253 -2.89 53.72 -2.88
C GLY C 253 -1.61 53.16 -2.32
N SER C 254 -1.71 52.32 -1.28
CA SER C 254 -0.54 51.90 -0.54
C SER C 254 -0.11 50.50 -0.97
N VAL C 255 1.21 50.32 -1.05
CA VAL C 255 1.80 49.01 -1.27
C VAL C 255 2.65 48.68 -0.05
N VAL C 256 2.45 47.47 0.50
CA VAL C 256 3.14 47.10 1.73
C VAL C 256 4.57 46.64 1.51
N ARG C 257 4.94 46.31 0.27
CA ARG C 257 6.32 45.93 -0.01
C ARG C 257 7.25 47.13 0.09
N ASN C 258 6.88 48.24 -0.55
CA ASN C 258 7.72 49.43 -0.52
C ASN C 258 7.58 50.22 0.77
N GLY C 259 6.49 50.05 1.50
CA GLY C 259 6.27 50.79 2.73
C GLY C 259 5.87 52.24 2.55
N VAL C 260 5.12 52.57 1.49
CA VAL C 260 4.73 53.94 1.21
C VAL C 260 3.30 53.94 0.68
N ALA C 261 2.55 54.98 1.04
CA ALA C 261 1.22 55.22 0.51
C ALA C 261 1.30 56.35 -0.51
N TYR C 262 1.01 56.04 -1.77
CA TYR C 262 1.14 57.04 -2.82
C TYR C 262 -0.01 58.03 -2.83
N ARG C 263 -1.22 57.59 -2.49
CA ARG C 263 -2.41 58.43 -2.59
C ARG C 263 -2.76 59.10 -1.27
N ALA C 264 -2.31 58.57 -0.14
CA ALA C 264 -2.66 59.13 1.15
C ALA C 264 -1.80 60.32 1.50
N GLY C 265 -2.37 61.25 2.27
CA GLY C 265 -1.63 62.33 2.86
C GLY C 265 -1.59 63.63 2.09
N ASN C 266 -2.18 63.69 0.90
CA ASN C 266 -2.13 64.91 0.10
C ASN C 266 -3.49 65.26 -0.48
N LYS C 267 -4.55 64.99 0.31
CA LYS C 267 -5.95 65.33 -0.02
C LYS C 267 -6.41 64.70 -1.34
N THR C 268 -5.95 63.48 -1.62
CA THR C 268 -6.18 62.86 -2.91
C THR C 268 -6.79 61.47 -2.76
N ASP C 269 -6.95 60.99 -1.53
CA ASP C 269 -7.41 59.63 -1.25
C ASP C 269 -8.91 59.50 -1.53
N LEU C 270 -9.47 58.32 -1.25
CA LEU C 270 -10.84 58.02 -1.63
C LEU C 270 -11.84 58.77 -0.75
N PHE C 271 -11.60 58.80 0.56
CA PHE C 271 -12.60 59.32 1.49
C PHE C 271 -12.75 60.84 1.39
N THR C 272 -11.67 61.54 1.05
CA THR C 272 -11.79 62.98 0.79
C THR C 272 -12.51 63.23 -0.53
N LEU C 273 -12.22 62.43 -1.55
CA LEU C 273 -12.85 62.58 -2.86
C LEU C 273 -14.32 62.18 -2.83
N MET C 274 -14.67 61.14 -2.05
CA MET C 274 -16.04 60.68 -1.98
C MET C 274 -16.95 61.67 -1.29
N ASP C 275 -16.48 62.31 -0.21
CA ASP C 275 -17.29 63.27 0.51
C ASP C 275 -17.49 64.55 -0.28
N GLY C 276 -16.49 64.95 -1.07
CA GLY C 276 -16.63 66.15 -1.89
C GLY C 276 -17.64 65.97 -3.01
N ALA C 277 -17.70 64.79 -3.62
CA ALA C 277 -18.60 64.54 -4.72
C ALA C 277 -20.06 64.47 -4.29
N VAL C 278 -20.32 64.07 -3.05
CA VAL C 278 -21.68 64.05 -2.53
C VAL C 278 -22.20 65.47 -2.31
N ASN C 279 -21.35 66.35 -1.76
CA ASN C 279 -21.74 67.70 -1.39
C ASN C 279 -21.92 68.63 -2.59
N GLY C 280 -21.55 68.21 -3.80
CA GLY C 280 -21.81 68.98 -4.99
C GLY C 280 -20.58 69.46 -5.74
N LYS C 281 -19.37 69.10 -5.30
CA LYS C 281 -18.18 69.48 -6.04
C LYS C 281 -18.06 68.67 -7.34
N SER C 282 -17.41 69.28 -8.32
CA SER C 282 -17.25 68.66 -9.63
C SER C 282 -15.96 67.87 -9.68
N LEU C 283 -16.07 66.58 -9.96
CA LEU C 283 -14.90 65.71 -10.02
C LEU C 283 -14.18 65.86 -11.35
N THR C 284 -12.87 65.61 -11.33
CA THR C 284 -12.04 65.58 -12.52
C THR C 284 -12.41 64.33 -13.35
N GLU C 285 -12.15 64.39 -14.66
CA GLU C 285 -12.51 63.31 -15.56
C GLU C 285 -11.69 62.05 -15.33
N GLU C 286 -10.57 62.12 -14.62
CA GLU C 286 -9.70 60.96 -14.42
C GLU C 286 -9.84 60.31 -13.05
N ASP C 287 -10.27 61.02 -12.02
CA ASP C 287 -10.46 60.38 -10.72
C ASP C 287 -11.89 59.94 -10.48
N GLN C 288 -12.80 60.19 -11.42
CA GLN C 288 -14.12 59.55 -11.38
C GLN C 288 -13.99 58.05 -11.59
N MET C 289 -13.05 57.64 -12.43
CA MET C 289 -12.79 56.22 -12.62
C MET C 289 -12.03 55.62 -11.45
N PHE C 290 -11.37 56.45 -10.64
CA PHE C 290 -10.70 55.94 -9.45
C PHE C 290 -11.71 55.57 -8.38
N VAL C 291 -12.71 56.44 -8.16
CA VAL C 291 -13.76 56.16 -7.17
C VAL C 291 -14.64 55.00 -7.63
N THR C 292 -14.90 54.90 -8.93
CA THR C 292 -15.71 53.82 -9.47
C THR C 292 -15.00 52.48 -9.37
N ALA C 293 -13.67 52.47 -9.49
CA ALA C 293 -12.92 51.23 -9.37
C ALA C 293 -12.89 50.73 -7.93
N ASN C 294 -13.03 51.64 -6.96
CA ASN C 294 -13.06 51.22 -5.57
C ASN C 294 -14.39 50.56 -5.19
N LEU C 295 -15.49 50.96 -5.84
CA LEU C 295 -16.76 50.32 -5.58
C LEU C 295 -16.80 48.92 -6.18
N ILE C 296 -16.06 48.71 -7.27
CA ILE C 296 -15.92 47.37 -7.84
C ILE C 296 -15.10 46.49 -6.91
N ARG C 297 -14.07 47.06 -6.28
CA ARG C 297 -13.24 46.30 -5.34
C ARG C 297 -14.02 45.98 -4.06
N GLY C 298 -14.71 46.97 -3.51
CA GLY C 298 -15.50 46.76 -2.30
C GLY C 298 -14.86 47.32 -1.06
N GLY C 299 -15.28 46.86 0.11
CA GLY C 299 -14.64 47.27 1.34
C GLY C 299 -15.54 47.92 2.36
N VAL C 300 -14.95 48.67 3.29
CA VAL C 300 -15.68 49.36 4.34
C VAL C 300 -15.41 50.85 4.21
N PHE C 301 -16.48 51.64 4.06
CA PHE C 301 -16.39 53.10 4.04
C PHE C 301 -17.43 53.65 5.01
N GLY C 302 -17.07 53.70 6.29
CA GLY C 302 -17.99 54.13 7.32
C GLY C 302 -17.25 54.85 8.45
N GLY C 303 -17.99 55.72 9.12
CA GLY C 303 -17.44 56.50 10.22
C GLY C 303 -17.21 55.68 11.46
N THR G 2 -68.35 50.25 23.70
CA THR G 2 -67.05 49.56 23.67
C THR G 2 -66.06 50.23 24.62
N LYS G 3 -65.11 50.97 24.03
CA LYS G 3 -64.01 51.65 24.73
C LYS G 3 -63.22 50.65 25.58
N LEU G 4 -62.59 49.72 24.86
CA LEU G 4 -61.80 48.66 25.46
C LEU G 4 -60.35 48.79 25.00
N LYS G 5 -59.43 48.54 25.93
CA LYS G 5 -58.01 48.75 25.70
C LYS G 5 -57.27 47.42 25.61
N ALA G 6 -56.05 47.50 25.08
CA ALA G 6 -55.26 46.30 24.86
C ALA G 6 -54.70 45.75 26.19
N PRO G 7 -54.50 44.44 26.27
CA PRO G 7 -53.81 43.88 27.44
C PRO G 7 -52.31 44.19 27.44
N ALA G 8 -51.62 43.76 28.49
CA ALA G 8 -50.20 44.08 28.62
C ALA G 8 -49.36 43.32 27.60
N VAL G 9 -49.56 42.01 27.49
CA VAL G 9 -48.78 41.18 26.58
C VAL G 9 -49.75 40.35 25.74
N LEU G 10 -49.59 40.43 24.42
CA LEU G 10 -50.20 39.46 23.51
C LEU G 10 -49.10 38.57 22.95
N ALA G 11 -49.46 37.34 22.58
CA ALA G 11 -48.47 36.40 22.07
C ALA G 11 -49.11 35.50 21.03
N TYR G 12 -48.49 35.43 19.85
CA TYR G 12 -48.94 34.58 18.76
C TYR G 12 -47.76 33.75 18.30
N SER G 13 -48.00 32.47 18.03
CA SER G 13 -46.93 31.56 17.64
C SER G 13 -46.56 31.76 16.17
N ARG G 14 -45.54 31.04 15.74
CA ARG G 14 -45.04 31.12 14.38
C ARG G 14 -45.75 30.07 13.53
N LYS G 15 -46.53 30.53 12.54
CA LYS G 15 -47.32 29.62 11.72
C LYS G 15 -46.55 29.06 10.54
N ILE G 16 -45.39 29.61 10.20
CA ILE G 16 -44.58 29.14 9.08
C ILE G 16 -43.25 28.67 9.64
N ASN G 17 -43.02 27.37 9.63
CA ASN G 17 -41.83 26.80 10.26
C ASN G 17 -40.90 26.23 9.19
N PRO G 18 -39.78 26.89 8.89
CA PRO G 18 -38.76 26.28 8.03
C PRO G 18 -37.71 25.58 8.87
N THR G 19 -36.95 24.72 8.20
CA THR G 19 -35.78 24.08 8.79
C THR G 19 -34.53 24.66 8.15
N ASN G 20 -33.38 24.38 8.77
CA ASN G 20 -32.12 24.87 8.25
C ASN G 20 -31.71 24.06 7.03
N ALA G 21 -31.43 24.75 5.93
CA ALA G 21 -31.12 24.07 4.68
C ALA G 21 -29.72 23.46 4.72
N LEU G 22 -29.44 22.60 3.75
CA LEU G 22 -28.12 22.00 3.64
C LEU G 22 -27.57 22.30 2.25
N MET G 23 -26.24 22.17 2.12
CA MET G 23 -25.56 22.48 0.87
C MET G 23 -24.86 21.24 0.33
N PHE G 24 -25.03 20.97 -0.97
CA PHE G 24 -24.43 19.82 -1.62
C PHE G 24 -23.86 20.24 -2.96
N ALA G 25 -22.91 19.46 -3.45
CA ALA G 25 -22.29 19.68 -4.76
C ALA G 25 -22.65 18.51 -5.66
N VAL G 26 -23.33 18.79 -6.77
CA VAL G 26 -23.71 17.74 -7.72
C VAL G 26 -23.36 18.16 -9.12
N ASN G 27 -23.89 17.45 -10.12
CA ASN G 27 -23.69 17.87 -11.50
C ASN G 27 -25.05 18.12 -12.11
N TRP G 28 -25.10 18.98 -13.12
CA TRP G 28 -26.37 19.28 -13.77
C TRP G 28 -26.87 18.05 -14.50
N SER G 29 -25.95 17.21 -14.94
CA SER G 29 -26.36 15.97 -15.60
C SER G 29 -26.76 14.95 -14.53
N ASP G 30 -25.77 14.50 -13.74
CA ASP G 30 -26.05 13.52 -12.71
C ASP G 30 -26.28 14.16 -11.37
N ARG G 31 -27.54 14.32 -10.98
CA ARG G 31 -27.86 14.92 -9.70
C ARG G 31 -28.09 13.86 -8.64
N ASP G 32 -27.09 13.00 -8.44
CA ASP G 32 -27.23 11.92 -7.48
C ASP G 32 -25.99 11.85 -6.60
N ASN G 33 -24.88 12.38 -7.11
CA ASN G 33 -23.65 12.38 -6.34
C ASN G 33 -23.66 13.55 -5.37
N THR G 34 -24.47 13.45 -4.31
CA THR G 34 -24.62 14.56 -3.38
C THR G 34 -23.45 14.64 -2.41
N THR G 35 -22.34 15.22 -2.86
CA THR G 35 -21.18 15.36 -1.99
C THR G 35 -21.34 16.61 -1.14
N ALA G 36 -20.99 16.52 0.14
CA ALA G 36 -21.17 17.65 1.02
C ALA G 36 -20.13 18.74 0.72
N VAL G 37 -20.45 19.97 1.14
CA VAL G 37 -19.59 21.12 0.95
C VAL G 37 -19.08 21.51 2.33
N MET G 38 -17.78 21.30 2.58
CA MET G 38 -17.19 21.51 3.89
C MET G 38 -16.59 22.91 3.99
N VAL G 39 -16.51 23.40 5.23
CA VAL G 39 -16.05 24.75 5.52
C VAL G 39 -14.58 24.70 5.90
N GLY G 40 -13.75 25.41 5.15
CA GLY G 40 -12.33 25.47 5.41
C GLY G 40 -11.94 26.68 6.23
N THR G 41 -10.63 26.91 6.31
CA THR G 41 -10.09 28.04 7.06
C THR G 41 -8.81 28.49 6.38
N LYS G 42 -8.74 29.77 6.00
CA LYS G 42 -7.57 30.31 5.33
C LYS G 42 -7.10 31.59 6.02
N THR G 43 -5.87 31.97 5.72
CA THR G 43 -5.24 33.17 6.27
C THR G 43 -4.80 34.05 5.11
N VAL G 44 -5.17 35.32 5.16
CA VAL G 44 -5.03 36.23 4.04
C VAL G 44 -4.34 37.51 4.50
N ALA G 45 -3.41 37.99 3.68
CA ALA G 45 -2.60 39.17 3.97
C ALA G 45 -3.10 40.32 3.11
N GLY G 46 -3.57 41.38 3.75
CA GLY G 46 -4.00 42.56 3.02
C GLY G 46 -3.56 43.86 3.64
N THR G 47 -4.11 44.97 3.17
CA THR G 47 -3.85 46.30 3.71
C THR G 47 -4.98 46.70 4.66
N GLN G 48 -4.73 47.74 5.45
CA GLN G 48 -5.73 48.19 6.42
C GLN G 48 -6.79 49.01 5.71
N SER G 49 -6.40 50.19 5.24
CA SER G 49 -7.33 51.04 4.50
C SER G 49 -8.67 51.28 5.16
N VAL G 50 -8.67 51.72 6.41
CA VAL G 50 -9.92 52.04 7.10
C VAL G 50 -10.14 53.54 6.97
N ARG G 51 -11.35 54.02 7.27
CA ARG G 51 -11.59 55.45 7.23
C ARG G 51 -10.70 56.16 8.22
N GLY G 52 -10.28 57.38 7.89
CA GLY G 52 -9.34 58.13 8.74
C GLY G 52 -8.07 57.33 8.97
N ASN G 53 -7.42 57.50 10.13
CA ASN G 53 -6.17 56.79 10.45
C ASN G 53 -5.25 56.61 9.25
N PRO G 54 -4.95 57.72 8.56
CA PRO G 54 -4.09 57.65 7.37
C PRO G 54 -2.64 57.42 7.72
N ASN G 55 -2.29 57.54 8.99
CA ASN G 55 -0.91 57.29 9.43
C ASN G 55 -0.59 55.82 9.29
N ASP G 56 -1.59 54.96 9.51
CA ASP G 56 -1.38 53.53 9.37
C ASP G 56 -1.83 53.05 8.01
N ALA G 57 -1.30 53.67 6.97
CA ALA G 57 -1.65 53.23 5.62
C ALA G 57 -0.38 52.80 4.92
N ASP G 58 0.47 52.05 5.62
CA ASP G 58 1.69 51.53 5.02
C ASP G 58 1.94 50.16 5.57
N LYS G 59 1.08 49.72 6.49
CA LYS G 59 1.24 48.41 7.11
C LYS G 59 0.23 47.42 6.57
N GLY G 60 0.38 46.16 6.95
CA GLY G 60 -0.52 45.12 6.50
C GLY G 60 -1.21 44.51 7.70
N ASN G 61 -2.35 43.88 7.46
CA ASN G 61 -3.08 43.21 8.54
C ASN G 61 -3.32 41.76 8.14
N ILE G 62 -2.98 40.85 9.06
CA ILE G 62 -3.11 39.42 8.80
C ILE G 62 -4.45 38.95 9.34
N GLN G 63 -5.29 38.37 8.47
CA GLN G 63 -6.64 38.03 8.89
C GLN G 63 -6.96 36.58 8.58
N THR G 64 -7.59 35.90 9.53
CA THR G 64 -7.99 34.51 9.36
C THR G 64 -9.49 34.44 9.14
N VAL G 65 -9.91 33.84 8.02
CA VAL G 65 -11.32 33.75 7.68
C VAL G 65 -11.68 32.32 7.34
N ASN G 66 -12.97 32.05 7.20
CA ASN G 66 -13.47 30.78 6.70
C ASN G 66 -13.92 30.94 5.26
N PHE G 67 -14.04 29.81 4.56
CA PHE G 67 -14.42 29.83 3.16
C PHE G 67 -15.11 28.51 2.83
N ALA G 68 -15.90 28.54 1.74
CA ALA G 68 -16.60 27.36 1.27
C ALA G 68 -16.73 27.46 -0.24
N ASN G 69 -15.97 26.64 -0.96
CA ASN G 69 -15.98 26.63 -2.41
C ASN G 69 -16.47 25.28 -2.93
N LEU G 70 -17.04 25.30 -4.13
CA LEU G 70 -17.35 24.07 -4.83
C LEU G 70 -16.06 23.41 -5.30
N PRO G 71 -16.00 22.08 -5.32
CA PRO G 71 -14.83 21.41 -5.89
C PRO G 71 -14.79 21.58 -7.40
N HIS G 72 -13.60 21.36 -7.96
CA HIS G 72 -13.35 21.60 -9.37
C HIS G 72 -13.93 20.51 -10.28
N ASN G 73 -14.48 19.44 -9.72
CA ASN G 73 -15.09 18.39 -10.52
C ASN G 73 -16.57 18.58 -10.75
N LYS G 74 -17.24 19.41 -9.95
CA LYS G 74 -18.68 19.60 -10.04
C LYS G 74 -19.01 21.08 -10.16
N ASN G 75 -20.18 21.37 -10.74
CA ASN G 75 -20.53 22.76 -11.03
C ASN G 75 -21.99 23.07 -10.72
N THR G 76 -22.59 22.37 -9.76
CA THR G 76 -24.00 22.57 -9.44
C THR G 76 -24.17 22.57 -7.93
N LEU G 77 -24.81 23.62 -7.41
CA LEU G 77 -25.13 23.71 -5.99
C LEU G 77 -26.53 23.19 -5.74
N LEU G 78 -26.67 22.40 -4.67
CA LEU G 78 -27.92 21.80 -4.27
C LEU G 78 -28.28 22.31 -2.89
N VAL G 79 -29.50 22.82 -2.74
CA VAL G 79 -29.99 23.33 -1.46
C VAL G 79 -31.26 22.57 -1.10
N LYS G 80 -31.28 21.96 0.07
CA LYS G 80 -32.40 21.14 0.52
C LYS G 80 -32.94 21.67 1.85
N TYR G 81 -34.27 21.86 1.92
CA TYR G 81 -34.92 22.18 3.18
C TYR G 81 -36.39 21.80 3.11
N ASN G 82 -37.07 21.90 4.26
CA ASN G 82 -38.50 21.67 4.39
C ASN G 82 -39.18 22.94 4.86
N VAL G 83 -40.44 23.12 4.48
CA VAL G 83 -41.26 24.23 4.96
C VAL G 83 -42.60 23.67 5.41
N LYS G 84 -43.01 23.99 6.64
CA LYS G 84 -44.29 23.55 7.19
C LYS G 84 -45.21 24.74 7.41
N PHE G 85 -46.43 24.64 6.91
CA PHE G 85 -47.47 25.63 7.13
C PHE G 85 -48.49 25.05 8.11
N VAL G 86 -48.74 25.77 9.20
CA VAL G 86 -49.62 25.32 10.27
C VAL G 86 -50.76 26.32 10.41
N GLY G 87 -51.99 25.82 10.40
CA GLY G 87 -53.18 26.66 10.49
C GLY G 87 -53.49 27.11 11.89
N ASP G 88 -54.77 27.44 12.11
CA ASP G 88 -55.31 27.96 13.38
C ASP G 88 -54.58 29.22 13.82
N VAL G 89 -54.70 30.26 13.00
CA VAL G 89 -53.89 31.47 13.14
C VAL G 89 -54.54 32.48 14.08
N PHE G 90 -55.74 32.17 14.57
CA PHE G 90 -56.48 33.09 15.41
C PHE G 90 -56.49 32.72 16.89
N LYS G 91 -55.93 31.58 17.27
CA LYS G 91 -55.87 31.22 18.68
C LYS G 91 -54.72 31.95 19.36
N ALA G 92 -55.01 32.61 20.48
CA ALA G 92 -53.97 33.38 21.19
C ALA G 92 -53.23 32.54 22.23
N GLU G 93 -51.98 32.89 22.49
CA GLU G 93 -51.20 32.17 23.49
C GLU G 93 -51.27 32.91 24.82
N LEU G 94 -51.10 34.22 24.79
CA LEU G 94 -51.18 35.02 26.01
C LEU G 94 -52.06 36.23 25.78
N GLY G 95 -52.70 36.72 26.84
CA GLY G 95 -53.53 37.90 26.72
C GLY G 95 -54.62 37.79 25.69
N GLY G 96 -55.44 36.75 25.78
CA GLY G 96 -56.53 36.55 24.83
C GLY G 96 -57.68 37.48 25.15
N GLY G 97 -58.47 37.13 26.17
CA GLY G 97 -59.60 37.96 26.56
C GLY G 97 -60.58 38.21 25.43
N GLU G 98 -61.13 39.42 25.38
CA GLU G 98 -62.08 39.76 24.33
C GLU G 98 -61.35 40.47 23.19
N TYR G 99 -60.20 41.06 23.49
CA TYR G 99 -59.44 41.79 22.48
C TYR G 99 -59.17 40.93 21.25
N SER G 100 -58.90 39.65 21.46
CA SER G 100 -58.62 38.76 20.34
C SER G 100 -59.88 38.32 19.62
N ASN G 101 -61.00 38.18 20.34
CA ASN G 101 -62.24 37.73 19.70
C ASN G 101 -62.84 38.81 18.81
N THR G 102 -62.83 40.07 19.26
CA THR G 102 -63.36 41.15 18.44
C THR G 102 -62.45 41.49 17.27
N LEU G 103 -61.18 41.06 17.31
CA LEU G 103 -60.29 41.18 16.17
C LEU G 103 -60.47 40.00 15.21
N GLN G 104 -60.73 38.81 15.75
CA GLN G 104 -60.99 37.64 14.91
C GLN G 104 -62.28 37.80 14.11
N THR G 105 -63.33 38.30 14.77
CA THR G 105 -64.60 38.51 14.09
C THR G 105 -64.59 39.72 13.16
N ALA G 106 -63.57 40.57 13.21
CA ALA G 106 -63.44 41.69 12.30
C ALA G 106 -62.41 41.46 11.20
N LEU G 107 -61.76 40.29 11.18
CA LEU G 107 -60.75 39.98 10.18
C LEU G 107 -60.99 38.61 9.57
N GLU G 108 -62.24 38.17 9.51
CA GLU G 108 -62.59 36.86 8.96
C GLU G 108 -62.98 36.94 7.49
N ASN G 109 -62.85 38.11 6.87
CA ASN G 109 -63.19 38.30 5.46
C ASN G 109 -62.01 38.89 4.70
N THR G 110 -60.81 38.35 4.93
CA THR G 110 -59.61 38.84 4.29
C THR G 110 -59.37 38.07 2.99
N ASP G 111 -58.19 38.25 2.40
CA ASP G 111 -57.81 37.62 1.14
C ASP G 111 -56.62 36.70 1.43
N PHE G 112 -56.92 35.45 1.82
CA PHE G 112 -55.87 34.48 2.09
C PHE G 112 -55.19 33.97 0.83
N GLY G 113 -55.86 34.09 -0.32
CA GLY G 113 -55.27 33.61 -1.56
C GLY G 113 -54.04 34.38 -1.98
N THR G 114 -54.08 35.71 -1.85
CA THR G 114 -52.92 36.54 -2.18
C THR G 114 -51.75 36.27 -1.24
N LEU G 115 -52.04 36.13 0.06
CA LEU G 115 -50.98 35.87 1.05
C LEU G 115 -50.34 34.51 0.82
N ALA G 116 -51.15 33.47 0.59
CA ALA G 116 -50.62 32.15 0.30
C ALA G 116 -49.86 32.10 -1.02
N TYR G 117 -50.35 32.82 -2.05
CA TYR G 117 -49.67 32.86 -3.33
C TYR G 117 -48.30 33.54 -3.22
N ARG G 118 -48.22 34.63 -2.46
CA ARG G 118 -46.92 35.29 -2.31
C ARG G 118 -45.98 34.49 -1.42
N TYR G 119 -46.51 33.81 -0.40
CA TYR G 119 -45.70 32.95 0.46
C TYR G 119 -45.10 31.78 -0.31
N VAL G 120 -45.87 31.16 -1.19
CA VAL G 120 -45.31 30.11 -2.04
C VAL G 120 -44.37 30.67 -3.11
N TYR G 121 -44.73 31.81 -3.74
CA TYR G 121 -43.94 32.37 -4.81
C TYR G 121 -42.58 32.90 -4.35
N ASN G 122 -42.45 33.28 -3.08
CA ASN G 122 -41.13 33.61 -2.55
C ASN G 122 -40.22 32.39 -2.51
N ILE G 123 -40.76 31.21 -2.18
CA ILE G 123 -39.98 29.98 -2.26
C ILE G 123 -39.72 29.60 -3.72
N ALA G 124 -40.72 29.80 -4.59
CA ALA G 124 -40.62 29.34 -5.97
C ALA G 124 -39.62 30.16 -6.78
N ALA G 125 -39.56 31.46 -6.53
CA ALA G 125 -38.65 32.33 -7.28
C ALA G 125 -37.20 32.23 -6.79
N GLY G 126 -36.94 31.50 -5.71
CA GLY G 126 -35.59 31.41 -5.18
C GLY G 126 -35.10 32.67 -4.50
N ARG G 127 -35.96 33.31 -3.70
CA ARG G 127 -35.53 34.48 -2.94
C ARG G 127 -34.75 34.10 -1.69
N THR G 128 -34.70 32.80 -1.36
CA THR G 128 -34.03 32.32 -0.15
C THR G 128 -32.53 32.08 -0.36
N LEU G 129 -31.91 32.75 -1.33
CA LEU G 129 -30.53 32.46 -1.70
C LEU G 129 -29.58 33.64 -1.63
N TRP G 130 -29.98 34.84 -2.09
CA TRP G 130 -29.35 36.12 -1.73
C TRP G 130 -27.92 36.39 -2.13
N ARG G 131 -27.13 35.35 -2.36
CA ARG G 131 -25.83 35.52 -2.96
C ARG G 131 -25.63 34.29 -3.84
N ASN G 132 -26.36 33.23 -3.50
CA ASN G 132 -26.31 32.02 -4.32
C ASN G 132 -27.08 32.20 -5.61
N ARG G 133 -28.11 33.03 -5.60
CA ARG G 133 -28.86 33.33 -6.81
C ARG G 133 -28.09 34.25 -7.74
N VAL G 134 -27.33 35.19 -7.19
CA VAL G 134 -26.60 36.16 -7.99
C VAL G 134 -25.36 35.50 -8.56
N GLY G 135 -25.26 35.50 -9.89
CA GLY G 135 -24.16 34.86 -10.60
C GLY G 135 -24.50 33.52 -11.19
N ALA G 136 -25.59 32.90 -10.75
CA ALA G 136 -25.99 31.61 -11.28
C ALA G 136 -26.62 31.76 -12.65
N GLU G 137 -26.31 30.82 -13.55
CA GLU G 137 -26.83 30.90 -14.92
C GLU G 137 -28.29 30.47 -14.97
N SER G 138 -28.58 29.24 -14.59
CA SER G 138 -29.94 28.71 -14.66
C SER G 138 -30.27 28.02 -13.34
N ILE G 139 -31.34 28.47 -12.70
CA ILE G 139 -31.81 27.89 -11.46
C ILE G 139 -32.91 26.88 -11.79
N GLU G 140 -33.14 25.94 -10.88
CA GLU G 140 -34.20 24.94 -11.09
C GLU G 140 -34.71 24.50 -9.73
N THR G 141 -36.01 24.71 -9.46
CA THR G 141 -36.60 24.40 -8.17
C THR G 141 -37.52 23.20 -8.29
N VAL G 142 -37.48 22.32 -7.30
CA VAL G 142 -38.32 21.12 -7.24
C VAL G 142 -39.05 21.13 -5.90
N ILE G 143 -40.37 21.07 -5.94
CA ILE G 143 -41.21 21.09 -4.75
C ILE G 143 -41.98 19.78 -4.67
N THR G 144 -41.82 19.07 -3.56
CA THR G 144 -42.57 17.85 -3.29
C THR G 144 -43.53 18.14 -2.15
N VAL G 145 -44.82 18.23 -2.47
CA VAL G 145 -45.88 18.38 -1.49
C VAL G 145 -46.91 17.28 -1.74
N ASN G 146 -47.28 16.57 -0.66
CA ASN G 146 -48.24 15.46 -0.54
C ASN G 146 -48.29 14.52 -1.75
N ASP G 147 -47.13 13.89 -2.02
CA ASP G 147 -46.83 12.97 -3.14
C ASP G 147 -47.32 13.49 -4.50
N GLN G 148 -47.18 14.80 -4.71
CA GLN G 148 -47.40 15.41 -6.02
C GLN G 148 -46.19 16.29 -6.31
N THR G 149 -45.28 15.78 -7.13
CA THR G 149 -44.01 16.46 -7.39
C THR G 149 -44.19 17.49 -8.51
N PHE G 150 -43.69 18.71 -8.28
CA PHE G 150 -43.69 19.76 -9.27
C PHE G 150 -42.26 20.13 -9.61
N THR G 151 -42.10 20.94 -10.66
CA THR G 151 -40.79 21.45 -11.04
C THR G 151 -40.97 22.79 -11.75
N PHE G 152 -40.14 23.76 -11.41
CA PHE G 152 -40.18 25.08 -12.03
C PHE G 152 -38.87 25.32 -12.79
N SER G 153 -38.89 26.31 -13.67
CA SER G 153 -37.73 26.61 -14.50
C SER G 153 -37.12 27.96 -14.18
N ASP G 154 -37.88 29.05 -14.32
CA ASP G 154 -37.34 30.39 -14.10
C ASP G 154 -38.49 31.35 -13.84
N LEU G 155 -38.40 32.09 -12.74
CA LEU G 155 -39.41 33.08 -12.38
C LEU G 155 -38.71 34.42 -12.13
N LEU G 156 -39.51 35.48 -12.11
CA LEU G 156 -39.01 36.81 -11.79
C LEU G 156 -39.16 37.06 -10.30
N VAL G 157 -38.05 37.38 -9.64
CA VAL G 157 -38.04 37.55 -8.19
C VAL G 157 -38.78 38.80 -7.76
N ASN G 158 -38.56 39.91 -8.48
CA ASN G 158 -39.03 41.22 -8.00
C ASN G 158 -40.54 41.39 -8.15
N GLU G 159 -41.11 40.96 -9.26
CA GLU G 159 -42.52 41.19 -9.55
C GLU G 159 -43.30 39.89 -9.44
N PHE G 160 -44.47 39.97 -8.80
CA PHE G 160 -45.33 38.80 -8.58
C PHE G 160 -46.15 38.55 -9.84
N ASP G 161 -45.55 37.81 -10.77
CA ASP G 161 -46.19 37.49 -12.04
C ASP G 161 -47.08 36.26 -11.90
N GLU G 162 -48.24 36.31 -12.56
CA GLU G 162 -49.23 35.25 -12.45
C GLU G 162 -48.87 34.06 -13.33
N ASP G 163 -49.07 32.86 -12.78
CA ASP G 163 -48.90 31.63 -13.53
C ASP G 163 -49.75 30.54 -12.89
N VAL G 164 -50.03 29.50 -13.67
CA VAL G 164 -50.97 28.47 -13.22
C VAL G 164 -50.31 27.39 -12.38
N ASP G 165 -48.98 27.36 -12.32
CA ASP G 165 -48.29 26.35 -11.53
C ASP G 165 -48.34 26.64 -10.04
N VAL G 166 -48.22 27.92 -9.67
CA VAL G 166 -48.14 28.28 -8.26
C VAL G 166 -49.53 28.29 -7.62
N ALA G 167 -50.58 28.44 -8.45
CA ALA G 167 -51.93 28.65 -7.93
C ALA G 167 -52.51 27.40 -7.27
N GLU G 168 -52.13 26.21 -7.73
CA GLU G 168 -52.60 24.97 -7.12
C GLU G 168 -52.06 24.81 -5.70
N ILE G 169 -50.75 25.01 -5.53
CA ILE G 169 -50.12 24.92 -4.21
C ILE G 169 -50.62 26.05 -3.31
N ALA G 170 -50.87 27.24 -3.89
CA ALA G 170 -51.42 28.35 -3.12
C ALA G 170 -52.83 28.06 -2.62
N ASP G 171 -53.66 27.43 -3.47
CA ASP G 171 -55.00 27.03 -3.04
C ASP G 171 -54.94 25.91 -2.01
N MET G 172 -53.92 25.05 -2.07
CA MET G 172 -53.74 24.05 -1.03
C MET G 172 -53.34 24.69 0.30
N VAL G 173 -52.48 25.71 0.26
CA VAL G 173 -51.99 26.37 1.47
C VAL G 173 -53.10 27.20 2.12
N ALA G 174 -53.88 27.92 1.29
CA ALA G 174 -54.94 28.78 1.80
C ALA G 174 -56.07 28.01 2.47
N GLY G 175 -56.26 26.75 2.12
CA GLY G 175 -57.23 25.94 2.85
C GLY G 175 -56.75 25.55 4.22
N VAL G 176 -55.43 25.42 4.40
CA VAL G 176 -54.87 25.12 5.71
C VAL G 176 -54.85 26.38 6.58
N LEU G 177 -54.47 27.51 6.00
CA LEU G 177 -54.36 28.74 6.78
C LEU G 177 -55.72 29.32 7.18
N SER G 178 -56.80 28.90 6.53
CA SER G 178 -58.13 29.37 6.90
C SER G 178 -58.82 28.46 7.91
N GLY G 179 -58.56 27.16 7.85
CA GLY G 179 -59.24 26.22 8.73
C GLY G 179 -58.36 25.65 9.82
N GLU G 180 -58.00 24.37 9.68
CA GLU G 180 -57.22 23.69 10.70
C GLU G 180 -56.42 22.57 10.03
N GLY G 181 -55.18 22.41 10.47
CA GLY G 181 -54.33 21.36 9.95
C GLY G 181 -52.92 21.84 9.63
N PHE G 182 -52.19 21.08 8.83
CA PHE G 182 -50.84 21.45 8.45
C PHE G 182 -50.55 20.89 7.07
N VAL G 183 -49.55 21.48 6.42
CA VAL G 183 -49.06 20.98 5.14
C VAL G 183 -47.56 21.21 5.06
N THR G 184 -46.81 20.18 4.71
CA THR G 184 -45.36 20.26 4.63
C THR G 184 -44.93 20.05 3.19
N LEU G 185 -43.95 20.84 2.75
CA LEU G 185 -43.42 20.75 1.40
C LEU G 185 -41.90 20.74 1.45
N LYS G 186 -41.30 19.79 0.74
CA LYS G 186 -39.85 19.62 0.69
C LYS G 186 -39.34 20.33 -0.56
N VAL G 187 -38.40 21.24 -0.38
CA VAL G 187 -37.93 22.11 -1.45
C VAL G 187 -36.46 21.81 -1.73
N GLU G 188 -36.15 21.61 -3.01
CA GLU G 188 -34.78 21.45 -3.49
C GLU G 188 -34.49 22.51 -4.55
N HIS G 189 -33.31 23.09 -4.49
CA HIS G 189 -32.87 24.11 -5.43
C HIS G 189 -31.57 23.67 -6.09
N TYR G 190 -31.52 23.78 -7.42
CA TYR G 190 -30.34 23.47 -8.22
C TYR G 190 -29.85 24.75 -8.85
N MET G 191 -28.58 25.07 -8.66
CA MET G 191 -27.98 26.27 -9.22
C MET G 191 -26.76 25.89 -10.06
N LEU G 192 -26.71 26.41 -11.29
CA LEU G 192 -25.55 26.24 -12.14
C LEU G 192 -24.64 27.46 -11.98
N LEU G 193 -23.47 27.24 -11.38
CA LEU G 193 -22.52 28.32 -11.09
C LEU G 193 -21.25 28.23 -11.91
N GLY G 194 -20.57 27.10 -11.86
CA GLY G 194 -19.30 26.94 -12.54
C GLY G 194 -18.38 26.04 -11.74
N GLU G 195 -17.28 25.66 -12.39
CA GLU G 195 -16.31 24.76 -11.76
C GLU G 195 -15.44 25.56 -10.80
N GLY G 196 -15.57 25.29 -9.51
CA GLY G 196 -14.76 25.95 -8.52
C GLY G 196 -15.24 27.31 -8.08
N SER G 197 -16.55 27.56 -8.12
CA SER G 197 -17.10 28.83 -7.69
C SER G 197 -17.21 28.88 -6.17
N GLU G 198 -17.70 29.99 -5.65
CA GLU G 198 -17.83 30.21 -4.22
C GLU G 198 -19.29 30.18 -3.82
N VAL G 199 -19.61 29.41 -2.79
CA VAL G 199 -20.96 29.36 -2.22
C VAL G 199 -20.95 30.15 -0.91
N PHE G 200 -22.15 30.54 -0.47
CA PHE G 200 -22.29 31.51 0.60
C PHE G 200 -23.21 30.99 1.70
N PRO G 201 -22.66 30.44 2.78
CA PRO G 201 -23.48 30.06 3.93
C PRO G 201 -23.78 31.24 4.83
N SER G 202 -24.40 30.98 5.98
CA SER G 202 -24.73 32.03 6.94
C SER G 202 -23.54 32.35 7.83
N GLN G 203 -23.39 33.62 8.19
CA GLN G 203 -22.27 34.10 8.99
C GLN G 203 -22.72 34.32 10.43
N GLU G 204 -21.86 33.96 11.37
CA GLU G 204 -22.20 33.94 12.78
C GLU G 204 -22.06 35.32 13.43
N PHE G 205 -22.87 35.55 14.47
CA PHE G 205 -22.76 36.69 15.37
C PHE G 205 -21.98 36.21 16.58
N VAL G 206 -20.67 36.03 16.41
CA VAL G 206 -19.86 35.40 17.43
C VAL G 206 -18.71 36.34 17.77
N GLU G 207 -18.12 36.15 18.96
CA GLU G 207 -16.98 36.93 19.42
C GLU G 207 -15.72 36.09 19.56
N ASN G 208 -15.45 35.21 18.60
CA ASN G 208 -14.26 34.36 18.65
C ASN G 208 -12.99 35.19 18.44
N SER G 209 -11.95 34.84 19.18
CA SER G 209 -10.71 35.59 19.15
C SER G 209 -9.75 35.14 18.07
N LYS G 210 -10.02 34.02 17.40
CA LYS G 210 -9.14 33.53 16.36
C LYS G 210 -9.59 33.99 14.97
N LEU G 211 -10.81 33.65 14.58
CA LEU G 211 -11.29 33.90 13.23
C LEU G 211 -11.99 35.24 13.13
N SER G 212 -11.66 35.99 12.08
CA SER G 212 -12.38 37.23 11.80
C SER G 212 -13.77 36.97 11.24
N LYS G 213 -13.94 35.88 10.49
CA LYS G 213 -15.22 35.51 9.91
C LYS G 213 -15.47 34.04 10.14
N GLN G 214 -16.66 33.68 10.61
CA GLN G 214 -17.02 32.30 10.84
C GLN G 214 -18.31 31.98 10.11
N LEU G 215 -18.39 30.76 9.57
CA LEU G 215 -19.56 30.32 8.82
C LEU G 215 -20.27 29.22 9.61
N PHE G 216 -21.58 29.13 9.38
CA PHE G 216 -22.41 28.15 10.07
C PHE G 216 -22.24 26.78 9.45
N ASP G 217 -22.14 25.75 10.29
CA ASP G 217 -21.94 24.40 9.80
C ASP G 217 -22.51 23.39 10.77
N LEU G 218 -23.13 22.34 10.23
CA LEU G 218 -23.55 21.17 10.99
C LEU G 218 -22.60 20.02 10.67
N ASN G 219 -21.76 19.66 11.64
CA ASN G 219 -20.75 18.59 11.53
C ASN G 219 -19.77 18.82 10.38
N GLY G 220 -19.42 20.09 10.13
CA GLY G 220 -18.48 20.46 9.11
C GLY G 220 -19.10 20.89 7.79
N GLN G 221 -20.29 20.38 7.47
CA GLN G 221 -20.92 20.72 6.20
C GLN G 221 -21.66 22.04 6.30
N ALA G 222 -21.48 22.89 5.29
CA ALA G 222 -22.00 24.26 5.32
C ALA G 222 -23.53 24.28 5.24
N ALA G 223 -24.11 25.30 5.88
CA ALA G 223 -25.56 25.39 6.01
C ALA G 223 -25.96 26.82 6.25
N MET G 224 -27.26 27.07 6.19
CA MET G 224 -27.84 28.38 6.46
C MET G 224 -28.77 28.28 7.66
N HIS G 225 -28.95 29.39 8.37
CA HIS G 225 -29.83 29.42 9.53
C HIS G 225 -31.30 29.30 9.10
N ASP G 226 -32.12 28.71 9.97
CA ASP G 226 -33.54 28.59 9.68
C ASP G 226 -34.27 29.92 9.83
N GLN G 227 -33.91 30.70 10.86
CA GLN G 227 -34.48 32.03 11.02
C GLN G 227 -33.99 32.98 9.94
N LYS G 228 -32.84 32.68 9.31
CA LYS G 228 -32.42 33.43 8.14
C LYS G 228 -33.33 33.13 6.95
N ILE G 229 -33.65 31.85 6.73
CA ILE G 229 -34.47 31.43 5.61
C ILE G 229 -35.91 31.93 5.76
N GLY G 230 -36.40 31.97 7.00
CA GLY G 230 -37.76 32.46 7.26
C GLY G 230 -37.99 33.92 6.94
N ASN G 231 -36.94 34.71 6.71
CA ASN G 231 -37.09 36.10 6.30
C ASN G 231 -37.57 36.25 4.86
N ALA G 232 -37.17 35.37 3.96
CA ALA G 232 -37.55 35.49 2.55
C ALA G 232 -39.02 35.17 2.30
N ILE G 233 -39.61 34.28 3.10
CA ILE G 233 -41.02 33.96 2.96
C ILE G 233 -41.88 35.16 3.35
N ARG G 234 -41.47 35.88 4.41
CA ARG G 234 -42.21 37.03 4.89
C ARG G 234 -41.88 38.32 4.14
N THR G 235 -41.34 38.23 2.93
CA THR G 235 -41.05 39.40 2.11
C THR G 235 -42.19 39.58 1.11
N ILE G 236 -43.34 40.03 1.63
CA ILE G 236 -44.55 40.15 0.83
C ILE G 236 -45.11 41.56 0.92
N ASP G 237 -44.48 42.41 1.73
CA ASP G 237 -45.04 43.71 2.06
C ASP G 237 -44.79 44.69 0.92
N THR G 238 -45.82 44.93 0.11
CA THR G 238 -45.75 45.91 -0.97
C THR G 238 -46.80 47.01 -0.82
N TRP G 239 -47.35 47.19 0.38
CA TRP G 239 -48.46 48.10 0.59
C TRP G 239 -48.10 49.30 1.45
N TYR G 240 -46.82 49.51 1.74
CA TYR G 240 -46.43 50.67 2.52
C TYR G 240 -46.45 51.92 1.64
N GLU G 241 -46.31 53.09 2.28
CA GLU G 241 -46.38 54.35 1.57
C GLU G 241 -45.15 54.55 0.70
N ASP G 242 -45.39 54.98 -0.55
CA ASP G 242 -44.39 55.11 -1.62
C ASP G 242 -43.65 53.79 -1.84
N ALA G 243 -44.43 52.75 -2.16
CA ALA G 243 -43.89 51.40 -2.28
C ALA G 243 -43.10 51.23 -3.57
N THR G 244 -41.86 50.76 -3.44
CA THR G 244 -41.01 50.48 -4.58
C THR G 244 -40.63 49.00 -4.65
N THR G 245 -40.09 48.44 -3.57
CA THR G 245 -39.65 47.07 -3.49
C THR G 245 -40.31 46.39 -2.30
N PRO G 246 -40.54 45.07 -2.36
CA PRO G 246 -41.10 44.38 -1.20
C PRO G 246 -40.10 44.32 -0.04
N ILE G 247 -40.61 44.51 1.16
CA ILE G 247 -39.81 44.43 2.37
C ILE G 247 -40.37 43.32 3.26
N ALA G 248 -39.68 43.06 4.36
CA ALA G 248 -40.12 42.05 5.30
C ALA G 248 -41.26 42.57 6.15
N VAL G 249 -42.11 41.65 6.61
CA VAL G 249 -43.27 42.01 7.42
C VAL G 249 -42.80 42.28 8.85
N GLU G 250 -42.84 43.53 9.27
CA GLU G 250 -42.49 43.96 10.61
C GLU G 250 -43.63 44.83 11.14
N PRO G 251 -43.83 44.86 12.47
CA PRO G 251 -44.90 45.71 13.02
C PRO G 251 -44.68 47.20 12.81
N TYR G 252 -43.44 47.64 12.65
CA TYR G 252 -43.15 49.04 12.34
C TYR G 252 -42.64 49.24 10.92
N GLY G 253 -42.51 48.16 10.15
CA GLY G 253 -41.98 48.23 8.80
C GLY G 253 -40.54 48.69 8.76
N SER G 254 -39.71 48.11 9.61
CA SER G 254 -38.35 48.57 9.85
C SER G 254 -37.36 47.67 9.12
N VAL G 255 -36.47 48.28 8.36
CA VAL G 255 -35.31 47.61 7.79
C VAL G 255 -34.08 48.23 8.45
N VAL G 256 -33.57 47.57 9.48
CA VAL G 256 -32.44 48.10 10.24
C VAL G 256 -31.13 47.96 9.49
N ARG G 257 -31.09 47.10 8.46
CA ARG G 257 -29.90 46.99 7.63
C ARG G 257 -29.65 48.26 6.83
N ASN G 258 -30.71 48.85 6.28
CA ASN G 258 -30.60 50.11 5.56
C ASN G 258 -30.64 51.32 6.47
N GLY G 259 -31.22 51.19 7.66
CA GLY G 259 -31.29 52.28 8.60
C GLY G 259 -32.51 53.16 8.49
N VAL G 260 -33.60 52.69 7.88
CA VAL G 260 -34.83 53.46 7.75
C VAL G 260 -36.00 52.60 8.22
N ALA G 261 -37.06 53.29 8.64
CA ALA G 261 -38.31 52.66 9.04
C ALA G 261 -39.41 53.23 8.15
N TYR G 262 -40.06 52.37 7.37
CA TYR G 262 -41.02 52.83 6.39
C TYR G 262 -42.40 53.03 7.00
N ARG G 263 -42.94 51.99 7.64
CA ARG G 263 -44.33 52.01 8.08
C ARG G 263 -44.53 52.86 9.33
N ALA G 264 -43.50 53.02 10.16
CA ALA G 264 -43.65 53.73 11.42
C ALA G 264 -43.64 55.24 11.23
N GLY G 265 -44.40 55.92 12.07
CA GLY G 265 -44.33 57.37 12.16
C GLY G 265 -45.43 58.14 11.44
N ASN G 266 -46.35 57.47 10.74
CA ASN G 266 -47.39 58.18 10.01
C ASN G 266 -48.75 57.53 10.19
N LYS G 267 -49.01 56.99 11.39
CA LYS G 267 -50.28 56.35 11.78
C LYS G 267 -50.66 55.20 10.83
N THR G 268 -49.65 54.43 10.45
CA THR G 268 -49.84 53.34 9.50
C THR G 268 -49.29 52.03 10.04
N ASP G 269 -48.63 52.05 11.20
CA ASP G 269 -48.05 50.86 11.80
C ASP G 269 -49.13 49.95 12.38
N LEU G 270 -48.68 48.87 13.02
CA LEU G 270 -49.60 47.83 13.51
C LEU G 270 -50.45 48.33 14.67
N PHE G 271 -49.86 49.10 15.58
CA PHE G 271 -50.51 49.39 16.84
C PHE G 271 -51.54 50.52 16.74
N THR G 272 -51.72 51.09 15.56
CA THR G 272 -52.84 51.98 15.28
C THR G 272 -53.96 51.25 14.54
N LEU G 273 -53.60 50.44 13.54
CA LEU G 273 -54.59 49.71 12.76
C LEU G 273 -55.26 48.62 13.57
N MET G 274 -54.51 47.97 14.47
CA MET G 274 -55.08 46.91 15.29
C MET G 274 -56.04 47.44 16.34
N ASP G 275 -55.91 48.71 16.73
CA ASP G 275 -56.89 49.33 17.61
C ASP G 275 -58.07 49.89 16.81
N GLY G 276 -57.81 50.42 15.62
CA GLY G 276 -58.89 50.90 14.77
C GLY G 276 -59.83 49.81 14.29
N ALA G 277 -59.28 48.63 14.01
CA ALA G 277 -60.12 47.50 13.62
C ALA G 277 -60.98 47.01 14.76
N VAL G 278 -60.46 47.06 15.99
CA VAL G 278 -61.25 46.68 17.16
C VAL G 278 -62.35 47.71 17.42
N ASN G 279 -62.02 49.00 17.30
CA ASN G 279 -62.92 50.08 17.67
C ASN G 279 -63.91 50.45 16.56
N GLY G 280 -64.16 49.55 15.61
CA GLY G 280 -65.27 49.70 14.69
C GLY G 280 -64.94 50.32 13.34
N LYS G 281 -63.74 50.87 13.17
CA LYS G 281 -63.37 51.48 11.90
C LYS G 281 -63.08 50.42 10.85
N SER G 282 -63.62 50.63 9.65
CA SER G 282 -63.42 49.71 8.55
C SER G 282 -62.09 50.00 7.85
N LEU G 283 -61.36 48.94 7.54
CA LEU G 283 -60.03 49.04 6.96
C LEU G 283 -60.07 48.81 5.45
N THR G 284 -58.97 49.15 4.80
CA THR G 284 -58.79 48.90 3.38
C THR G 284 -58.45 47.41 3.19
N GLU G 285 -58.49 46.94 1.93
CA GLU G 285 -58.15 45.56 1.64
C GLU G 285 -56.67 45.23 1.89
N GLU G 286 -55.77 46.21 1.88
CA GLU G 286 -54.36 45.94 2.10
C GLU G 286 -53.94 45.93 3.58
N ASP G 287 -54.48 46.81 4.41
CA ASP G 287 -54.12 46.78 5.83
C ASP G 287 -54.99 45.80 6.62
N GLN G 288 -55.98 45.18 5.98
CA GLN G 288 -56.53 43.95 6.54
C GLN G 288 -55.61 42.76 6.28
N MET G 289 -54.89 42.76 5.16
CA MET G 289 -53.92 41.71 4.89
C MET G 289 -52.65 41.88 5.68
N PHE G 290 -52.25 43.13 5.96
CA PHE G 290 -51.01 43.38 6.70
C PHE G 290 -51.08 42.87 8.12
N VAL G 291 -52.21 43.10 8.81
CA VAL G 291 -52.37 42.63 10.18
C VAL G 291 -52.37 41.11 10.24
N THR G 292 -53.04 40.47 9.28
CA THR G 292 -53.07 39.01 9.24
C THR G 292 -51.71 38.43 8.89
N ALA G 293 -50.94 39.12 8.04
CA ALA G 293 -49.58 38.68 7.74
C ALA G 293 -48.69 38.79 8.97
N ASN G 294 -48.92 39.83 9.79
CA ASN G 294 -48.21 39.92 11.07
C ASN G 294 -48.63 38.82 12.04
N LEU G 295 -49.89 38.41 12.01
CA LEU G 295 -50.32 37.30 12.86
C LEU G 295 -49.70 35.98 12.41
N ILE G 296 -49.57 35.77 11.10
CA ILE G 296 -48.91 34.58 10.57
C ILE G 296 -47.42 34.62 10.90
N ARG G 297 -46.80 35.81 10.86
CA ARG G 297 -45.43 35.96 11.33
C ARG G 297 -45.31 35.65 12.82
N GLY G 298 -46.27 36.10 13.61
CA GLY G 298 -46.31 35.82 15.03
C GLY G 298 -45.66 36.90 15.87
N GLY G 299 -45.22 36.51 17.05
CA GLY G 299 -44.51 37.45 17.89
C GLY G 299 -45.25 37.75 19.18
N VAL G 300 -44.52 38.32 20.13
CA VAL G 300 -45.16 38.91 21.29
C VAL G 300 -45.30 40.41 21.08
N PHE G 301 -46.24 41.01 21.81
CA PHE G 301 -46.56 42.43 21.68
C PHE G 301 -46.75 42.95 23.10
N GLY G 302 -45.79 43.74 23.56
CA GLY G 302 -45.86 44.28 24.91
C GLY G 302 -46.66 45.56 24.97
N GLY G 303 -46.90 46.00 26.21
CA GLY G 303 -47.65 47.22 26.44
C GLY G 303 -46.83 48.47 26.25
N THR H 2 38.48 -21.72 35.31
CA THR H 2 38.56 -23.01 34.64
C THR H 2 37.25 -23.34 33.95
N LYS H 3 37.23 -24.52 33.31
CA LYS H 3 36.07 -25.07 32.59
C LYS H 3 35.61 -24.11 31.48
N LEU H 4 36.51 -23.90 30.53
CA LEU H 4 36.22 -23.01 29.41
C LEU H 4 35.24 -23.67 28.44
N LYS H 5 34.31 -22.87 27.93
CA LYS H 5 33.26 -23.35 27.05
C LYS H 5 33.65 -23.11 25.59
N ALA H 6 32.84 -23.64 24.69
CA ALA H 6 33.01 -23.40 23.26
C ALA H 6 32.51 -22.01 22.88
N PRO H 7 33.13 -21.37 21.90
CA PRO H 7 32.62 -20.08 21.42
C PRO H 7 31.27 -20.25 20.72
N ALA H 8 30.50 -19.17 20.70
CA ALA H 8 29.15 -19.19 20.15
C ALA H 8 29.13 -19.33 18.63
N VAL H 9 30.25 -19.12 17.95
CA VAL H 9 30.34 -19.28 16.50
C VAL H 9 31.56 -20.15 16.18
N LEU H 10 31.33 -21.45 16.09
CA LEU H 10 32.33 -22.38 15.59
C LEU H 10 31.89 -22.93 14.25
N ALA H 11 32.87 -23.18 13.38
CA ALA H 11 32.57 -23.58 12.02
C ALA H 11 33.75 -24.37 11.47
N TYR H 12 33.44 -25.41 10.70
CA TYR H 12 34.46 -26.21 10.04
C TYR H 12 33.99 -26.52 8.63
N SER H 13 34.83 -26.21 7.65
CA SER H 13 34.48 -26.44 6.27
C SER H 13 34.77 -27.88 5.86
N ARG H 14 34.36 -28.22 4.64
CA ARG H 14 34.60 -29.55 4.10
C ARG H 14 36.08 -29.79 3.83
N LYS H 15 36.51 -31.03 4.01
CA LYS H 15 37.82 -31.47 3.57
C LYS H 15 37.78 -32.47 2.43
N ILE H 16 36.63 -33.09 2.17
CA ILE H 16 36.44 -34.01 1.06
C ILE H 16 35.43 -33.38 0.11
N ASN H 17 35.85 -33.16 -1.13
CA ASN H 17 35.02 -32.49 -2.14
C ASN H 17 34.75 -33.44 -3.30
N PRO H 18 33.57 -34.05 -3.37
CA PRO H 18 33.22 -34.81 -4.57
C PRO H 18 32.42 -33.99 -5.56
N THR H 19 32.61 -34.24 -6.84
CA THR H 19 31.79 -33.60 -7.86
C THR H 19 30.59 -34.48 -8.19
N ASN H 20 29.57 -33.88 -8.79
CA ASN H 20 28.38 -34.61 -9.17
C ASN H 20 28.66 -35.53 -10.34
N ALA H 21 28.29 -36.81 -10.20
CA ALA H 21 28.71 -37.84 -11.13
C ALA H 21 27.91 -37.75 -12.43
N LEU H 22 28.50 -38.30 -13.48
CA LEU H 22 27.86 -38.37 -14.78
C LEU H 22 27.71 -39.84 -15.18
N MET H 23 26.58 -40.16 -15.80
CA MET H 23 26.23 -41.54 -16.11
C MET H 23 26.13 -41.71 -17.62
N PHE H 24 26.83 -42.71 -18.14
CA PHE H 24 26.90 -43.01 -19.57
C PHE H 24 26.54 -44.47 -19.80
N ALA H 25 26.30 -44.81 -21.06
CA ALA H 25 25.98 -46.18 -21.45
C ALA H 25 27.04 -46.66 -22.43
N VAL H 26 27.90 -47.58 -22.00
CA VAL H 26 28.94 -48.14 -22.85
C VAL H 26 28.76 -49.65 -22.92
N ASN H 27 29.50 -50.26 -23.84
CA ASN H 27 29.54 -51.71 -24.00
C ASN H 27 30.61 -52.30 -23.07
N TRP H 28 30.48 -53.59 -22.80
CA TRP H 28 31.44 -54.24 -21.89
C TRP H 28 32.78 -54.48 -22.55
N SER H 29 32.78 -54.93 -23.81
CA SER H 29 34.03 -55.23 -24.49
C SER H 29 34.76 -53.97 -24.93
N ASP H 30 34.01 -52.96 -25.40
CA ASP H 30 34.59 -51.72 -25.89
C ASP H 30 34.30 -50.61 -24.89
N ARG H 31 35.35 -50.02 -24.34
CA ARG H 31 35.23 -49.06 -23.24
C ARG H 31 35.35 -47.62 -23.69
N ASP H 32 35.29 -47.35 -25.00
CA ASP H 32 35.50 -46.01 -25.51
C ASP H 32 34.30 -45.44 -26.27
N ASN H 33 33.23 -46.21 -26.44
CA ASN H 33 32.03 -45.70 -27.11
C ASN H 33 31.04 -45.23 -26.03
N THR H 34 31.21 -43.97 -25.64
CA THR H 34 30.40 -43.37 -24.58
C THR H 34 29.26 -42.58 -25.20
N THR H 35 28.04 -42.85 -24.73
CA THR H 35 26.87 -42.09 -25.13
C THR H 35 26.07 -41.72 -23.89
N ALA H 36 25.23 -40.70 -24.04
CA ALA H 36 24.50 -40.15 -22.91
C ALA H 36 23.22 -40.94 -22.63
N VAL H 37 22.78 -40.89 -21.38
CA VAL H 37 21.52 -41.49 -20.95
C VAL H 37 20.54 -40.34 -20.72
N MET H 38 19.46 -40.31 -21.49
CA MET H 38 18.55 -39.18 -21.52
C MET H 38 17.37 -39.43 -20.58
N VAL H 39 16.93 -38.36 -19.92
CA VAL H 39 15.83 -38.46 -18.96
C VAL H 39 14.52 -38.23 -19.69
N GLY H 40 13.63 -39.22 -19.65
CA GLY H 40 12.35 -39.16 -20.31
C GLY H 40 11.21 -38.86 -19.37
N THR H 41 9.99 -39.11 -19.85
CA THR H 41 8.78 -38.87 -19.06
C THR H 41 7.70 -39.80 -19.56
N LYS H 42 7.13 -40.61 -18.66
CA LYS H 42 6.10 -41.58 -19.00
C LYS H 42 4.92 -41.43 -18.05
N THR H 43 3.88 -42.22 -18.31
CA THR H 43 2.61 -42.14 -17.58
C THR H 43 2.17 -43.53 -17.18
N VAL H 44 1.73 -43.68 -15.94
CA VAL H 44 1.32 -44.95 -15.35
C VAL H 44 -0.11 -44.81 -14.85
N ALA H 45 -0.81 -45.93 -14.72
CA ALA H 45 -2.20 -45.92 -14.30
C ALA H 45 -2.54 -47.15 -13.46
N GLY H 46 -3.47 -46.96 -12.52
CA GLY H 46 -4.01 -48.05 -11.74
C GLY H 46 -3.55 -48.12 -10.30
N THR H 47 -4.17 -49.02 -9.51
CA THR H 47 -3.79 -49.35 -8.13
C THR H 47 -3.78 -48.17 -7.17
N GLN H 48 -4.97 -47.69 -6.80
CA GLN H 48 -5.13 -46.64 -5.78
C GLN H 48 -4.43 -46.99 -4.47
N SER H 49 -4.90 -48.04 -3.79
CA SER H 49 -4.18 -48.80 -2.76
C SER H 49 -3.71 -47.91 -1.60
N VAL H 50 -4.68 -47.38 -0.88
CA VAL H 50 -4.42 -46.47 0.23
C VAL H 50 -4.84 -47.20 1.52
N ARG H 51 -4.10 -46.95 2.61
CA ARG H 51 -4.35 -47.64 3.89
C ARG H 51 -5.81 -47.67 4.29
N GLY H 52 -6.46 -46.52 4.30
CA GLY H 52 -7.88 -46.49 4.60
C GLY H 52 -8.64 -46.54 3.30
N ASN H 53 -9.32 -45.45 2.95
CA ASN H 53 -10.06 -45.38 1.69
C ASN H 53 -10.72 -46.67 1.24
N PRO H 54 -11.51 -47.29 2.12
CA PRO H 54 -12.22 -48.48 1.73
C PRO H 54 -13.27 -48.05 0.74
N ASN H 55 -13.83 -46.86 0.95
CA ASN H 55 -14.80 -46.32 0.01
C ASN H 55 -14.15 -45.92 -1.31
N ASP H 56 -12.95 -45.35 -1.26
CA ASP H 56 -12.22 -44.95 -2.47
C ASP H 56 -11.22 -46.03 -2.88
N ALA H 57 -11.75 -47.24 -3.09
CA ALA H 57 -10.92 -48.38 -3.48
C ALA H 57 -11.16 -48.83 -4.92
N ASP H 58 -12.35 -48.60 -5.47
CA ASP H 58 -12.64 -48.99 -6.84
C ASP H 58 -12.06 -48.02 -7.87
N LYS H 59 -11.61 -46.85 -7.44
CA LYS H 59 -11.10 -45.84 -8.34
C LYS H 59 -9.67 -46.17 -8.74
N GLY H 60 -9.11 -45.36 -9.64
CA GLY H 60 -7.74 -45.51 -10.06
C GLY H 60 -7.08 -44.16 -10.24
N ASN H 61 -5.76 -44.16 -10.12
CA ASN H 61 -4.97 -42.94 -10.28
C ASN H 61 -4.00 -43.08 -11.45
N ILE H 62 -3.80 -41.97 -12.15
CA ILE H 62 -2.98 -41.92 -13.36
C ILE H 62 -1.96 -40.81 -13.16
N GLN H 63 -0.67 -41.18 -13.16
CA GLN H 63 0.38 -40.23 -12.79
C GLN H 63 1.49 -40.21 -13.83
N THR H 64 2.19 -39.08 -13.88
CA THR H 64 3.32 -38.89 -14.80
C THR H 64 4.62 -38.88 -13.99
N VAL H 65 5.58 -39.69 -14.43
CA VAL H 65 6.87 -39.82 -13.73
C VAL H 65 7.99 -39.81 -14.75
N ASN H 66 9.15 -39.31 -14.32
CA ASN H 66 10.35 -39.40 -15.13
C ASN H 66 10.91 -40.81 -15.10
N PHE H 67 11.74 -41.13 -16.10
CA PHE H 67 12.37 -42.44 -16.17
C PHE H 67 13.65 -42.33 -16.97
N ALA H 68 14.63 -43.16 -16.61
CA ALA H 68 15.89 -43.25 -17.33
C ALA H 68 16.21 -44.72 -17.55
N ASN H 69 16.67 -45.05 -18.75
CA ASN H 69 16.82 -46.45 -19.13
C ASN H 69 17.96 -46.59 -20.13
N LEU H 70 18.64 -47.73 -20.07
CA LEU H 70 19.70 -48.01 -21.03
C LEU H 70 19.09 -48.34 -22.40
N PRO H 71 19.80 -48.02 -23.48
CA PRO H 71 19.39 -48.48 -24.81
C PRO H 71 19.58 -49.99 -24.95
N HIS H 72 18.83 -50.57 -25.89
CA HIS H 72 18.78 -52.02 -26.02
C HIS H 72 20.04 -52.61 -26.63
N ASN H 73 20.92 -51.80 -27.23
CA ASN H 73 22.14 -52.30 -27.84
C ASN H 73 23.37 -52.08 -26.94
N LYS H 74 23.16 -51.69 -25.68
CA LYS H 74 24.25 -51.48 -24.73
C LYS H 74 23.91 -52.19 -23.43
N ASN H 75 24.94 -52.64 -22.72
CA ASN H 75 24.71 -53.37 -21.48
C ASN H 75 25.67 -52.99 -20.36
N THR H 76 26.26 -51.79 -20.40
CA THR H 76 27.20 -51.39 -19.36
C THR H 76 26.91 -49.97 -18.91
N LEU H 77 26.76 -49.79 -17.61
CA LEU H 77 26.61 -48.46 -17.03
C LEU H 77 27.98 -47.88 -16.68
N LEU H 78 28.12 -46.57 -16.88
CA LEU H 78 29.35 -45.85 -16.60
C LEU H 78 29.05 -44.72 -15.63
N VAL H 79 29.80 -44.65 -14.54
CA VAL H 79 29.67 -43.56 -13.58
C VAL H 79 31.02 -42.88 -13.43
N LYS H 80 31.08 -41.59 -13.71
CA LYS H 80 32.33 -40.84 -13.67
C LYS H 80 32.23 -39.69 -12.68
N TYR H 81 33.23 -39.56 -11.82
CA TYR H 81 33.32 -38.41 -10.92
C TYR H 81 34.77 -38.22 -10.47
N ASN H 82 35.00 -37.16 -9.69
CA ASN H 82 36.30 -36.84 -9.13
C ASN H 82 36.15 -36.58 -7.64
N VAL H 83 37.18 -36.95 -6.86
CA VAL H 83 37.21 -36.71 -5.43
C VAL H 83 38.46 -35.92 -5.11
N LYS H 84 38.31 -34.82 -4.37
CA LYS H 84 39.42 -33.96 -3.98
C LYS H 84 39.54 -33.94 -2.47
N PHE H 85 40.65 -34.47 -1.95
CA PHE H 85 40.95 -34.41 -0.53
C PHE H 85 41.78 -33.17 -0.24
N VAL H 86 41.37 -32.41 0.77
CA VAL H 86 42.01 -31.15 1.14
C VAL H 86 42.51 -31.28 2.57
N GLY H 87 43.78 -30.94 2.80
CA GLY H 87 44.37 -31.01 4.12
C GLY H 87 44.00 -29.83 5.00
N ASP H 88 44.81 -29.62 6.04
CA ASP H 88 44.63 -28.58 7.06
C ASP H 88 43.27 -28.70 7.74
N VAL H 89 43.06 -29.86 8.40
CA VAL H 89 41.78 -30.19 9.00
C VAL H 89 41.45 -29.38 10.24
N PHE H 90 42.43 -29.06 11.08
CA PHE H 90 42.17 -28.54 12.42
C PHE H 90 41.88 -27.05 12.47
N LYS H 91 42.06 -26.32 11.38
CA LYS H 91 41.88 -24.86 11.39
C LYS H 91 40.40 -24.53 11.21
N ALA H 92 39.81 -23.93 12.24
CA ALA H 92 38.40 -23.55 12.16
C ALA H 92 38.24 -22.23 11.42
N GLU H 93 37.17 -22.12 10.64
CA GLU H 93 36.92 -20.89 9.90
C GLU H 93 36.41 -19.79 10.81
N LEU H 94 35.53 -20.13 11.74
CA LEU H 94 35.01 -19.13 12.68
C LEU H 94 35.28 -19.58 14.11
N GLY H 95 35.52 -18.62 15.00
CA GLY H 95 35.77 -18.94 16.39
C GLY H 95 37.09 -19.64 16.61
N GLY H 96 38.17 -19.08 16.08
CA GLY H 96 39.48 -19.65 16.28
C GLY H 96 40.09 -19.16 17.58
N GLY H 97 40.71 -20.08 18.32
CA GLY H 97 41.69 -19.72 19.33
C GLY H 97 41.25 -20.15 20.71
N GLU H 98 42.20 -20.63 21.53
CA GLU H 98 41.91 -21.07 22.90
C GLU H 98 41.05 -22.33 23.03
N TYR H 99 40.26 -22.64 22.01
CA TYR H 99 39.43 -23.84 22.04
C TYR H 99 39.88 -24.71 20.88
N SER H 100 40.15 -24.09 19.73
CA SER H 100 40.60 -24.83 18.56
C SER H 100 42.05 -25.27 18.69
N ASN H 101 42.88 -24.46 19.35
CA ASN H 101 44.28 -24.81 19.55
C ASN H 101 44.44 -26.01 20.49
N THR H 102 43.69 -26.02 21.60
CA THR H 102 43.80 -27.16 22.51
C THR H 102 43.08 -28.38 21.96
N LEU H 103 42.06 -28.19 21.12
CA LEU H 103 41.46 -29.34 20.43
C LEU H 103 42.40 -29.91 19.38
N GLN H 104 43.22 -29.06 18.76
CA GLN H 104 44.21 -29.54 17.81
C GLN H 104 45.33 -30.29 18.53
N THR H 105 45.85 -29.72 19.62
CA THR H 105 46.96 -30.37 20.32
C THR H 105 46.50 -31.53 21.19
N ALA H 106 45.20 -31.69 21.42
CA ALA H 106 44.71 -32.86 22.13
C ALA H 106 44.43 -34.03 21.18
N LEU H 107 44.14 -33.74 19.91
CA LEU H 107 43.85 -34.76 18.91
C LEU H 107 44.91 -34.84 17.83
N GLU H 108 46.14 -34.43 18.14
CA GLU H 108 47.22 -34.49 17.17
C GLU H 108 47.90 -35.86 17.11
N ASN H 109 47.46 -36.81 17.94
CA ASN H 109 48.06 -38.14 18.01
C ASN H 109 47.05 -39.21 17.66
N THR H 110 46.25 -38.96 16.62
CA THR H 110 45.26 -39.93 16.15
C THR H 110 45.92 -40.88 15.16
N ASP H 111 45.12 -41.71 14.50
CA ASP H 111 45.59 -42.66 13.50
C ASP H 111 44.93 -42.29 12.18
N PHE H 112 45.63 -41.49 11.37
CA PHE H 112 45.11 -41.09 10.07
C PHE H 112 45.13 -42.23 9.06
N GLY H 113 46.01 -43.22 9.25
CA GLY H 113 46.08 -44.34 8.34
C GLY H 113 44.87 -45.25 8.37
N THR H 114 44.18 -45.32 9.51
CA THR H 114 42.94 -46.07 9.57
C THR H 114 41.82 -45.34 8.85
N LEU H 115 41.70 -44.03 9.07
CA LEU H 115 40.63 -43.24 8.47
C LEU H 115 40.80 -43.12 6.97
N ALA H 116 42.05 -43.00 6.50
CA ALA H 116 42.31 -42.94 5.05
C ALA H 116 41.93 -44.25 4.38
N TYR H 117 42.26 -45.38 5.01
CA TYR H 117 41.86 -46.68 4.48
C TYR H 117 40.34 -46.84 4.46
N ARG H 118 39.67 -46.40 5.54
CA ARG H 118 38.22 -46.50 5.61
C ARG H 118 37.54 -45.62 4.58
N TYR H 119 38.13 -44.45 4.28
CA TYR H 119 37.56 -43.56 3.28
C TYR H 119 37.77 -44.11 1.87
N VAL H 120 38.98 -44.58 1.56
CA VAL H 120 39.27 -45.04 0.21
C VAL H 120 38.61 -46.39 -0.09
N TYR H 121 38.39 -47.24 0.92
CA TYR H 121 37.72 -48.51 0.68
C TYR H 121 36.25 -48.36 0.29
N ASN H 122 35.59 -47.28 0.71
CA ASN H 122 34.21 -47.05 0.26
C ASN H 122 34.17 -46.66 -1.21
N ILE H 123 35.17 -45.93 -1.69
CA ILE H 123 35.26 -45.63 -3.11
C ILE H 123 35.62 -46.89 -3.89
N ALA H 124 36.54 -47.69 -3.36
CA ALA H 124 37.03 -48.87 -4.08
C ALA H 124 35.98 -49.96 -4.16
N ALA H 125 35.23 -50.18 -3.08
CA ALA H 125 34.19 -51.22 -3.08
C ALA H 125 32.95 -50.80 -3.86
N GLY H 126 32.71 -49.51 -4.01
CA GLY H 126 31.55 -49.04 -4.74
C GLY H 126 30.29 -48.94 -3.90
N ARG H 127 30.40 -48.32 -2.72
CA ARG H 127 29.21 -48.07 -1.92
C ARG H 127 28.49 -46.81 -2.36
N THR H 128 29.09 -46.04 -3.27
CA THR H 128 28.54 -44.77 -3.76
C THR H 128 27.50 -44.95 -4.86
N LEU H 129 26.87 -46.11 -4.97
CA LEU H 129 25.93 -46.39 -6.04
C LEU H 129 24.50 -46.53 -5.53
N TRP H 130 24.31 -47.39 -4.52
CA TRP H 130 23.15 -47.46 -3.62
C TRP H 130 21.85 -47.98 -4.23
N ARG H 131 21.77 -48.07 -5.55
CA ARG H 131 20.72 -48.87 -6.19
C ARG H 131 21.19 -49.62 -7.40
N ASN H 132 22.24 -49.18 -8.08
CA ASN H 132 22.72 -49.85 -9.28
C ASN H 132 23.61 -51.04 -8.95
N ARG H 133 24.09 -51.13 -7.71
CA ARG H 133 24.85 -52.28 -7.28
C ARG H 133 23.97 -53.52 -7.15
N VAL H 134 22.69 -53.32 -6.82
CA VAL H 134 21.77 -54.43 -6.67
C VAL H 134 21.39 -54.96 -8.04
N GLY H 135 21.58 -56.26 -8.25
CA GLY H 135 21.24 -56.87 -9.52
C GLY H 135 22.25 -56.58 -10.62
N ALA H 136 23.49 -57.03 -10.41
CA ALA H 136 24.54 -56.86 -11.41
C ALA H 136 25.45 -58.08 -11.35
N GLU H 137 26.13 -58.35 -12.46
CA GLU H 137 27.02 -59.50 -12.53
C GLU H 137 28.44 -59.15 -12.08
N SER H 138 28.95 -58.00 -12.47
CA SER H 138 30.30 -57.60 -12.08
C SER H 138 30.38 -56.09 -11.96
N ILE H 139 31.30 -55.63 -11.13
CA ILE H 139 31.55 -54.21 -10.93
C ILE H 139 33.05 -53.99 -11.12
N GLU H 140 33.41 -53.07 -12.01
CA GLU H 140 34.81 -52.79 -12.30
C GLU H 140 35.11 -51.34 -11.95
N THR H 141 36.05 -51.11 -11.05
CA THR H 141 36.35 -49.75 -10.58
C THR H 141 37.74 -49.34 -11.04
N VAL H 142 37.84 -48.20 -11.71
CA VAL H 142 39.11 -47.67 -12.17
C VAL H 142 39.35 -46.35 -11.46
N ILE H 143 40.47 -46.26 -10.74
CA ILE H 143 40.87 -45.07 -10.02
C ILE H 143 42.17 -44.56 -10.62
N THR H 144 42.17 -43.30 -11.05
CA THR H 144 43.37 -42.66 -11.58
C THR H 144 43.82 -41.57 -10.62
N VAL H 145 45.01 -41.76 -10.05
CA VAL H 145 45.65 -40.74 -9.21
C VAL H 145 47.12 -40.67 -9.57
N ASN H 146 47.60 -39.46 -9.86
CA ASN H 146 48.98 -39.13 -10.20
C ASN H 146 49.53 -39.98 -11.35
N ASP H 147 48.70 -40.15 -12.39
CA ASP H 147 48.98 -41.01 -13.55
C ASP H 147 49.30 -42.45 -13.14
N GLN H 148 48.51 -42.96 -12.18
CA GLN H 148 48.66 -44.35 -11.71
C GLN H 148 47.28 -45.00 -11.75
N THR H 149 46.95 -45.59 -12.91
CA THR H 149 45.65 -46.20 -13.10
C THR H 149 45.58 -47.54 -12.38
N PHE H 150 44.56 -47.72 -11.54
CA PHE H 150 44.35 -48.96 -10.81
C PHE H 150 43.07 -49.63 -11.29
N THR H 151 42.93 -50.91 -10.94
CA THR H 151 41.75 -51.67 -11.34
C THR H 151 41.30 -52.54 -10.18
N PHE H 152 40.02 -52.46 -9.83
CA PHE H 152 39.42 -53.20 -8.73
C PHE H 152 38.27 -54.05 -9.29
N SER H 153 38.31 -55.35 -8.99
CA SER H 153 37.40 -56.30 -9.63
C SER H 153 36.29 -56.77 -8.68
N ASP H 154 36.67 -57.18 -7.47
CA ASP H 154 35.68 -57.66 -6.52
C ASP H 154 36.14 -57.35 -5.11
N LEU H 155 35.31 -56.61 -4.37
CA LEU H 155 35.58 -56.28 -2.98
C LEU H 155 34.30 -56.40 -2.18
N LEU H 156 34.46 -56.74 -0.90
CA LEU H 156 33.30 -56.85 -0.02
C LEU H 156 32.78 -55.46 0.34
N VAL H 157 31.47 -55.39 0.58
CA VAL H 157 30.83 -54.09 0.79
C VAL H 157 30.97 -53.64 2.24
N ASN H 158 30.43 -54.41 3.17
CA ASN H 158 30.40 -54.03 4.58
C ASN H 158 31.61 -54.49 5.36
N GLU H 159 32.12 -55.67 5.09
CA GLU H 159 33.27 -56.20 5.82
C GLU H 159 34.55 -55.63 5.23
N PHE H 160 35.36 -54.98 6.07
CA PHE H 160 36.59 -54.36 5.59
C PHE H 160 37.74 -55.35 5.57
N ASP H 161 38.02 -55.94 4.41
CA ASP H 161 39.16 -56.84 4.30
C ASP H 161 40.39 -56.05 3.89
N GLU H 162 41.57 -56.57 4.21
CA GLU H 162 42.80 -55.86 3.88
C GLU H 162 43.24 -56.13 2.45
N ASP H 163 43.33 -55.06 1.66
CA ASP H 163 43.80 -55.16 0.27
C ASP H 163 44.93 -54.17 0.09
N VAL H 164 46.05 -54.61 -0.47
CA VAL H 164 47.22 -53.73 -0.61
C VAL H 164 47.06 -52.54 -1.55
N ASP H 165 46.37 -52.72 -2.67
CA ASP H 165 46.25 -51.63 -3.63
C ASP H 165 45.40 -50.50 -3.06
N VAL H 166 44.41 -50.84 -2.26
CA VAL H 166 43.61 -49.81 -1.61
C VAL H 166 44.50 -49.05 -0.65
N ALA H 167 45.30 -49.77 0.13
CA ALA H 167 46.19 -49.12 1.08
C ALA H 167 47.21 -48.20 0.43
N GLU H 168 47.55 -48.45 -0.83
CA GLU H 168 48.48 -47.59 -1.56
C GLU H 168 47.86 -46.21 -1.76
N ILE H 169 46.65 -46.19 -2.29
CA ILE H 169 45.97 -44.91 -2.45
C ILE H 169 45.77 -44.26 -1.08
N ALA H 170 45.34 -45.05 -0.10
CA ALA H 170 45.12 -44.53 1.24
C ALA H 170 46.35 -43.85 1.83
N ASP H 171 47.53 -44.37 1.52
CA ASP H 171 48.76 -43.78 2.03
C ASP H 171 48.89 -42.31 1.64
N MET H 172 48.82 -42.02 0.34
CA MET H 172 49.01 -40.65 -0.10
C MET H 172 47.89 -39.74 0.40
N VAL H 173 46.76 -40.31 0.77
CA VAL H 173 45.62 -39.54 1.26
C VAL H 173 45.87 -39.15 2.71
N ALA H 174 46.35 -40.09 3.51
CA ALA H 174 46.65 -39.80 4.91
C ALA H 174 47.59 -38.62 5.05
N GLY H 175 48.67 -38.62 4.28
CA GLY H 175 49.62 -37.53 4.33
C GLY H 175 48.98 -36.19 4.03
N VAL H 176 48.20 -36.14 2.96
CA VAL H 176 47.51 -34.90 2.61
C VAL H 176 46.65 -34.42 3.76
N LEU H 177 45.77 -35.28 4.26
CA LEU H 177 44.86 -34.90 5.34
C LEU H 177 45.62 -34.48 6.59
N SER H 178 46.73 -35.15 6.89
CA SER H 178 47.49 -34.83 8.08
C SER H 178 48.03 -33.42 8.05
N GLY H 179 48.79 -33.09 7.02
CA GLY H 179 49.39 -31.77 6.94
C GLY H 179 48.75 -30.83 5.95
N GLU H 180 49.54 -30.39 4.97
CA GLU H 180 49.04 -29.43 3.99
C GLU H 180 48.86 -30.09 2.64
N GLY H 181 48.51 -29.31 1.62
CA GLY H 181 48.39 -29.83 0.28
C GLY H 181 47.03 -30.43 -0.03
N PHE H 182 46.86 -30.87 -1.28
CA PHE H 182 45.60 -31.48 -1.68
C PHE H 182 45.88 -32.62 -2.65
N VAL H 183 44.94 -33.54 -2.79
CA VAL H 183 45.11 -34.60 -3.78
C VAL H 183 43.78 -34.76 -4.52
N THR H 184 43.87 -35.12 -5.80
CA THR H 184 42.69 -35.27 -6.66
C THR H 184 42.76 -36.63 -7.34
N LEU H 185 41.71 -37.43 -7.20
CA LEU H 185 41.68 -38.77 -7.75
C LEU H 185 40.36 -38.99 -8.49
N LYS H 186 40.45 -39.54 -9.70
CA LYS H 186 39.33 -39.65 -10.62
C LYS H 186 38.79 -41.08 -10.62
N VAL H 187 37.47 -41.22 -10.49
CA VAL H 187 36.83 -42.51 -10.26
C VAL H 187 35.90 -42.81 -11.42
N GLU H 188 36.01 -44.01 -11.97
CA GLU H 188 35.13 -44.52 -13.01
C GLU H 188 34.59 -45.89 -12.58
N HIS H 189 33.28 -46.07 -12.70
CA HIS H 189 32.61 -47.32 -12.35
C HIS H 189 31.98 -47.93 -13.59
N TYR H 190 32.23 -49.22 -13.81
CA TYR H 190 31.70 -50.01 -14.91
C TYR H 190 30.75 -51.06 -14.33
N MET H 191 29.51 -51.09 -14.83
CA MET H 191 28.47 -51.95 -14.28
C MET H 191 27.94 -52.83 -15.40
N LEU H 192 27.87 -54.14 -15.17
CA LEU H 192 27.29 -55.06 -16.14
C LEU H 192 25.87 -55.38 -15.68
N LEU H 193 24.89 -54.65 -16.22
CA LEU H 193 23.49 -54.84 -15.87
C LEU H 193 22.77 -55.77 -16.83
N GLY H 194 22.72 -55.40 -18.11
CA GLY H 194 22.04 -56.20 -19.12
C GLY H 194 21.39 -55.31 -20.16
N GLU H 195 20.51 -55.91 -20.95
CA GLU H 195 19.86 -55.21 -22.04
C GLU H 195 18.71 -54.37 -21.51
N GLY H 196 18.88 -53.04 -21.52
CA GLY H 196 17.82 -52.13 -21.15
C GLY H 196 17.40 -52.16 -19.70
N SER H 197 18.34 -52.43 -18.79
CA SER H 197 18.02 -52.40 -17.37
C SER H 197 17.85 -50.96 -16.90
N GLU H 198 16.95 -50.78 -15.93
CA GLU H 198 16.66 -49.45 -15.42
C GLU H 198 17.78 -48.92 -14.54
N VAL H 199 18.22 -47.70 -14.83
CA VAL H 199 19.22 -47.04 -14.03
C VAL H 199 18.53 -46.12 -13.04
N PHE H 200 19.26 -45.67 -12.03
CA PHE H 200 18.67 -44.96 -10.88
C PHE H 200 19.43 -43.68 -10.61
N PRO H 201 19.01 -42.56 -11.20
CA PRO H 201 19.61 -41.26 -10.87
C PRO H 201 19.10 -40.75 -9.54
N SER H 202 19.69 -39.63 -9.11
CA SER H 202 19.24 -38.98 -7.88
C SER H 202 17.91 -38.26 -8.11
N GLN H 203 17.08 -38.24 -7.07
CA GLN H 203 15.79 -37.57 -7.14
C GLN H 203 15.96 -36.09 -6.82
N GLU H 204 14.85 -35.36 -6.68
CA GLU H 204 14.92 -33.94 -6.41
C GLU H 204 13.65 -33.51 -5.68
N PHE H 205 13.80 -32.54 -4.79
CA PHE H 205 12.68 -31.99 -4.01
C PHE H 205 11.82 -31.13 -4.93
N VAL H 206 10.67 -31.66 -5.34
CA VAL H 206 9.72 -30.89 -6.12
C VAL H 206 8.79 -30.15 -5.17
N GLU H 207 8.47 -28.90 -5.51
CA GLU H 207 7.66 -28.08 -4.61
C GLU H 207 6.17 -28.31 -4.77
N ASN H 208 5.61 -27.91 -5.92
CA ASN H 208 4.17 -28.00 -6.14
C ASN H 208 3.85 -28.33 -7.60
N SER H 209 4.72 -29.05 -8.28
CA SER H 209 4.52 -29.30 -9.70
C SER H 209 3.76 -30.60 -9.92
N LYS H 210 3.32 -30.82 -11.16
CA LYS H 210 2.49 -31.96 -11.51
C LYS H 210 3.29 -33.25 -11.68
N LEU H 211 4.61 -33.17 -11.76
CA LEU H 211 5.44 -34.37 -11.91
C LEU H 211 5.57 -35.03 -10.54
N SER H 212 5.21 -36.31 -10.47
CA SER H 212 5.32 -37.06 -9.24
C SER H 212 6.78 -37.33 -8.87
N LYS H 213 7.57 -37.79 -9.84
CA LYS H 213 8.97 -38.14 -9.64
C LYS H 213 9.81 -37.32 -10.61
N GLN H 214 10.43 -36.27 -10.10
CA GLN H 214 11.29 -35.40 -10.92
C GLN H 214 12.74 -35.75 -10.64
N LEU H 215 13.41 -36.37 -11.62
CA LEU H 215 14.78 -36.78 -11.45
C LEU H 215 15.72 -35.59 -11.69
N PHE H 216 17.01 -35.83 -11.42
CA PHE H 216 18.04 -34.81 -11.55
C PHE H 216 18.72 -34.94 -12.90
N ASP H 217 18.97 -33.81 -13.55
CA ASP H 217 19.58 -33.82 -14.87
C ASP H 217 20.49 -32.61 -15.05
N LEU H 218 21.59 -32.83 -15.76
CA LEU H 218 22.53 -31.77 -16.14
C LEU H 218 22.51 -31.69 -17.66
N ASN H 219 21.86 -30.63 -18.18
CA ASN H 219 21.53 -30.49 -19.60
C ASN H 219 20.76 -31.70 -20.12
N GLY H 220 19.79 -32.16 -19.33
CA GLY H 220 18.98 -33.31 -19.70
C GLY H 220 19.74 -34.62 -19.78
N GLN H 221 20.64 -34.85 -18.82
CA GLN H 221 21.40 -36.09 -18.78
C GLN H 221 21.43 -36.56 -17.33
N ALA H 222 21.18 -37.86 -17.13
CA ALA H 222 20.98 -38.41 -15.80
C ALA H 222 22.24 -38.32 -14.95
N ALA H 223 22.07 -37.89 -13.70
CA ALA H 223 23.21 -37.57 -12.85
C ALA H 223 22.80 -37.73 -11.39
N MET H 224 23.80 -37.89 -10.53
CA MET H 224 23.54 -38.01 -9.11
C MET H 224 24.03 -36.75 -8.45
N HIS H 225 23.77 -36.61 -7.15
CA HIS H 225 24.17 -35.41 -6.45
C HIS H 225 25.55 -35.59 -5.86
N ASP H 226 26.18 -34.48 -5.49
CA ASP H 226 27.51 -34.55 -4.88
C ASP H 226 27.39 -34.99 -3.44
N GLN H 227 26.31 -34.58 -2.77
CA GLN H 227 26.11 -34.97 -1.38
C GLN H 227 25.76 -36.45 -1.28
N LYS H 228 25.26 -37.04 -2.36
CA LYS H 228 24.96 -38.45 -2.35
C LYS H 228 26.25 -39.23 -2.26
N ILE H 229 27.24 -38.85 -3.06
CA ILE H 229 28.51 -39.56 -3.06
C ILE H 229 29.22 -39.40 -1.73
N GLY H 230 29.21 -38.20 -1.16
CA GLY H 230 29.91 -37.94 0.09
C GLY H 230 29.33 -38.69 1.28
N ASN H 231 28.00 -38.84 1.31
CA ASN H 231 27.33 -39.63 2.34
C ASN H 231 27.77 -41.08 2.34
N ALA H 232 27.92 -41.70 1.17
CA ALA H 232 28.48 -43.05 1.10
C ALA H 232 29.97 -43.09 1.32
N ILE H 233 30.69 -41.98 1.09
CA ILE H 233 32.11 -41.94 1.40
C ILE H 233 32.33 -41.99 2.91
N ARG H 234 31.58 -41.18 3.67
CA ARG H 234 31.82 -41.11 5.12
C ARG H 234 30.97 -42.09 5.92
N THR H 235 30.61 -43.23 5.35
CA THR H 235 29.90 -44.29 6.06
C THR H 235 30.94 -45.25 6.61
N ILE H 236 31.57 -44.88 7.73
CA ILE H 236 32.68 -45.64 8.29
C ILE H 236 32.46 -45.93 9.77
N ASP H 237 31.39 -45.40 10.35
CA ASP H 237 31.20 -45.41 11.80
C ASP H 237 30.77 -46.79 12.25
N THR H 238 31.69 -47.54 12.83
CA THR H 238 31.37 -48.86 13.35
C THR H 238 31.70 -48.81 14.82
N TRP H 239 32.02 -47.62 15.31
CA TRP H 239 32.45 -47.48 16.70
C TRP H 239 31.36 -46.91 17.58
N TYR H 240 30.12 -47.32 17.37
CA TYR H 240 29.03 -46.84 18.21
C TYR H 240 28.73 -47.74 19.40
N GLU H 241 27.53 -48.29 19.46
CA GLU H 241 27.14 -49.08 20.62
C GLU H 241 27.20 -50.58 20.40
N ASP H 242 26.21 -51.14 19.72
CA ASP H 242 26.15 -52.58 19.53
C ASP H 242 26.44 -53.01 18.10
N ALA H 243 25.60 -52.57 17.17
CA ALA H 243 25.60 -53.12 15.82
C ALA H 243 26.89 -52.84 15.07
N THR H 244 27.27 -53.73 14.17
CA THR H 244 28.52 -53.57 13.46
C THR H 244 28.32 -53.12 12.02
N THR H 245 27.22 -52.44 11.75
CA THR H 245 27.01 -51.89 10.42
C THR H 245 27.66 -50.53 10.36
N PRO H 246 28.38 -50.24 9.28
CA PRO H 246 28.87 -48.86 9.20
C PRO H 246 27.72 -47.90 9.00
N ILE H 247 27.65 -46.82 9.80
CA ILE H 247 26.62 -45.81 9.59
C ILE H 247 27.35 -44.53 9.16
N ALA H 248 26.65 -43.53 8.62
CA ALA H 248 27.36 -42.31 8.26
C ALA H 248 27.72 -41.51 9.50
N VAL H 249 28.82 -40.76 9.39
CA VAL H 249 29.39 -40.03 10.52
C VAL H 249 28.55 -38.77 10.76
N GLU H 250 27.88 -38.73 11.91
CA GLU H 250 27.07 -37.59 12.32
C GLU H 250 27.42 -37.30 13.77
N PRO H 251 27.24 -36.05 14.23
CA PRO H 251 27.47 -35.76 15.67
C PRO H 251 26.52 -36.49 16.61
N TYR H 252 25.29 -36.77 16.19
CA TYR H 252 24.37 -37.55 17.01
C TYR H 252 24.20 -38.98 16.54
N GLY H 253 24.82 -39.35 15.43
CA GLY H 253 24.73 -40.70 14.90
C GLY H 253 23.33 -41.07 14.46
N SER H 254 22.66 -40.16 13.77
CA SER H 254 21.25 -40.31 13.43
C SER H 254 21.08 -40.85 12.02
N VAL H 255 20.36 -41.95 11.90
CA VAL H 255 19.92 -42.48 10.62
C VAL H 255 18.43 -42.18 10.52
N VAL H 256 18.06 -41.26 9.63
CA VAL H 256 16.70 -40.76 9.57
C VAL H 256 15.80 -41.59 8.68
N ARG H 257 16.36 -42.54 7.93
CA ARG H 257 15.51 -43.52 7.25
C ARG H 257 14.91 -44.50 8.23
N ASN H 258 15.59 -44.73 9.36
CA ASN H 258 15.05 -45.58 10.42
C ASN H 258 14.41 -44.79 11.55
N GLY H 259 14.70 -43.48 11.66
CA GLY H 259 14.08 -42.63 12.63
C GLY H 259 14.74 -42.64 14.01
N VAL H 260 15.82 -43.39 14.18
CA VAL H 260 16.47 -43.52 15.47
C VAL H 260 17.87 -42.91 15.42
N ALA H 261 18.37 -42.53 16.59
CA ALA H 261 19.72 -42.03 16.76
C ALA H 261 20.50 -42.98 17.65
N TYR H 262 21.81 -43.06 17.40
CA TYR H 262 22.66 -44.02 18.10
C TYR H 262 23.58 -43.42 19.14
N ARG H 263 23.96 -42.16 18.99
CA ARG H 263 24.84 -41.48 19.95
C ARG H 263 24.08 -40.52 20.86
N ALA H 264 22.75 -40.56 20.85
CA ALA H 264 21.95 -39.58 21.56
C ALA H 264 21.54 -40.13 22.92
N GLY H 265 21.79 -39.35 23.97
CA GLY H 265 21.32 -39.65 25.31
C GLY H 265 22.30 -40.39 26.19
N ASN H 266 23.14 -41.25 25.61
CA ASN H 266 24.03 -42.12 26.38
C ASN H 266 25.42 -41.54 26.55
N LYS H 267 25.56 -40.20 26.47
CA LYS H 267 26.81 -39.47 26.68
C LYS H 267 27.93 -39.93 25.74
N THR H 268 27.57 -40.25 24.50
CA THR H 268 28.50 -40.80 23.52
C THR H 268 28.67 -39.86 22.32
N ASP H 269 27.89 -38.79 22.25
CA ASP H 269 27.86 -37.92 21.08
C ASP H 269 29.12 -37.05 21.00
N LEU H 270 29.14 -36.17 20.00
CA LEU H 270 30.32 -35.35 19.74
C LEU H 270 30.50 -34.27 20.80
N PHE H 271 29.40 -33.61 21.20
CA PHE H 271 29.49 -32.42 22.03
C PHE H 271 29.94 -32.72 23.45
N THR H 272 29.74 -33.95 23.93
CA THR H 272 30.25 -34.33 25.24
C THR H 272 31.72 -34.72 25.16
N LEU H 273 32.09 -35.48 24.13
CA LEU H 273 33.47 -35.94 23.97
C LEU H 273 34.41 -34.79 23.63
N MET H 274 33.94 -33.80 22.87
CA MET H 274 34.77 -32.63 22.56
C MET H 274 35.05 -31.81 23.82
N ASP H 275 34.03 -31.63 24.67
CA ASP H 275 34.23 -30.90 25.92
C ASP H 275 35.09 -31.69 26.90
N GLY H 276 34.99 -33.02 26.87
CA GLY H 276 35.90 -33.83 27.67
C GLY H 276 37.34 -33.77 27.18
N ALA H 277 37.54 -33.71 25.86
CA ALA H 277 38.89 -33.63 25.31
C ALA H 277 39.52 -32.27 25.57
N VAL H 278 38.73 -31.19 25.48
CA VAL H 278 39.26 -29.86 25.68
C VAL H 278 39.62 -29.64 27.15
N ASN H 279 38.75 -30.08 28.06
CA ASN H 279 38.96 -29.85 29.49
C ASN H 279 40.11 -30.67 30.07
N GLY H 280 40.45 -31.80 29.45
CA GLY H 280 41.64 -32.53 29.85
C GLY H 280 41.45 -34.00 30.17
N LYS H 281 40.27 -34.54 29.91
CA LYS H 281 40.02 -35.94 30.19
C LYS H 281 40.70 -36.83 29.15
N SER H 282 40.84 -38.10 29.50
CA SER H 282 41.51 -39.07 28.65
C SER H 282 40.55 -39.63 27.60
N LEU H 283 41.12 -40.11 26.50
CA LEU H 283 40.35 -40.64 25.38
C LEU H 283 40.96 -41.94 24.91
N THR H 284 40.12 -42.80 24.33
CA THR H 284 40.56 -43.99 23.65
C THR H 284 40.75 -43.67 22.16
N GLU H 285 40.91 -44.70 21.33
CA GLU H 285 41.06 -44.47 19.91
C GLU H 285 39.71 -44.25 19.23
N GLU H 286 38.67 -44.96 19.66
CA GLU H 286 37.38 -44.91 18.98
C GLU H 286 36.63 -43.61 19.22
N ASP H 287 36.90 -42.89 20.30
CA ASP H 287 36.32 -41.56 20.50
C ASP H 287 37.30 -40.45 20.13
N GLN H 288 38.47 -40.80 19.60
CA GLN H 288 39.35 -39.82 18.97
C GLN H 288 39.13 -39.78 17.46
N MET H 289 39.09 -40.95 16.83
CA MET H 289 38.85 -41.04 15.40
C MET H 289 37.38 -40.85 15.03
N PHE H 290 36.49 -40.72 16.00
CA PHE H 290 35.14 -40.26 15.73
C PHE H 290 35.10 -38.74 15.59
N VAL H 291 35.74 -38.04 16.53
CA VAL H 291 35.81 -36.59 16.48
C VAL H 291 36.64 -36.11 15.29
N THR H 292 37.72 -36.83 14.96
CA THR H 292 38.52 -36.46 13.80
C THR H 292 37.76 -36.67 12.49
N ALA H 293 37.04 -37.79 12.37
CA ALA H 293 36.21 -38.03 11.20
C ALA H 293 35.01 -37.09 11.12
N ASN H 294 34.54 -36.59 12.25
CA ASN H 294 33.50 -35.57 12.25
C ASN H 294 34.04 -34.21 11.82
N LEU H 295 35.25 -33.84 12.26
CA LEU H 295 35.87 -32.60 11.80
C LEU H 295 36.24 -32.67 10.33
N ILE H 296 36.50 -33.87 9.81
CA ILE H 296 36.66 -34.06 8.37
C ILE H 296 35.36 -33.73 7.65
N ARG H 297 34.23 -34.18 8.22
CA ARG H 297 32.91 -33.93 7.63
C ARG H 297 32.54 -32.45 7.65
N GLY H 298 32.84 -31.77 8.75
CA GLY H 298 32.61 -30.33 8.82
C GLY H 298 31.22 -29.94 9.23
N GLY H 299 31.08 -28.77 9.85
CA GLY H 299 29.79 -28.32 10.31
C GLY H 299 29.94 -27.12 11.21
N VAL H 300 28.86 -26.82 11.94
CA VAL H 300 28.93 -25.83 13.02
C VAL H 300 28.64 -26.54 14.34
N PHE H 301 29.40 -26.17 15.36
CA PHE H 301 29.36 -26.84 16.67
C PHE H 301 29.35 -25.76 17.75
N GLY H 302 28.15 -25.33 18.15
CA GLY H 302 28.02 -24.34 19.19
C GLY H 302 26.73 -23.57 19.15
N GLY H 303 26.12 -23.38 20.32
CA GLY H 303 24.85 -22.67 20.42
C GLY H 303 24.48 -22.31 21.85
N THR I 2 46.01 17.00 25.17
CA THR I 2 47.15 17.88 25.32
C THR I 2 46.94 19.19 24.56
N LYS I 3 47.50 19.28 23.36
CA LYS I 3 47.34 20.49 22.57
C LYS I 3 46.32 20.30 21.45
N LEU I 4 46.79 20.28 20.21
CA LEU I 4 45.89 20.15 19.08
C LEU I 4 45.07 18.87 19.12
N LYS I 5 43.76 19.01 19.20
CA LYS I 5 42.89 17.83 19.21
C LYS I 5 42.08 17.70 17.93
N ALA I 6 41.45 16.54 17.74
CA ALA I 6 40.74 16.28 16.49
C ALA I 6 39.44 17.06 16.36
N PRO I 7 39.17 17.57 15.14
CA PRO I 7 37.87 18.22 14.93
C PRO I 7 36.78 17.18 15.05
N ALA I 8 35.68 17.51 15.71
CA ALA I 8 34.57 16.57 15.87
C ALA I 8 34.25 15.86 14.57
N VAL I 9 34.21 16.63 13.48
CA VAL I 9 33.95 16.03 12.17
C VAL I 9 35.20 15.95 11.32
N LEU I 10 35.95 14.87 11.42
CA LEU I 10 37.11 14.69 10.54
C LEU I 10 36.91 13.40 9.77
N ALA I 11 37.21 13.40 8.47
CA ALA I 11 36.94 12.23 7.65
C ALA I 11 37.95 12.17 6.51
N TYR I 12 38.12 10.96 5.97
CA TYR I 12 38.98 10.74 4.83
C TYR I 12 38.29 9.78 3.88
N SER I 13 38.46 10.02 2.58
CA SER I 13 37.90 9.16 1.56
C SER I 13 38.94 8.12 1.13
N ARG I 14 38.46 6.96 0.69
CA ARG I 14 39.34 5.87 0.32
C ARG I 14 40.08 6.18 -0.98
N LYS I 15 41.27 5.60 -1.13
CA LYS I 15 42.12 5.85 -2.28
C LYS I 15 42.35 4.61 -3.15
N ILE I 16 41.94 3.44 -2.70
CA ILE I 16 42.03 2.22 -3.49
C ILE I 16 40.62 1.83 -3.88
N ASN I 17 40.31 1.88 -5.17
CA ASN I 17 38.96 1.64 -5.66
C ASN I 17 38.95 0.38 -6.52
N PRO I 18 38.48 -0.75 -6.01
CA PRO I 18 38.26 -1.92 -6.87
C PRO I 18 36.83 -2.01 -7.35
N THR I 19 36.59 -2.71 -8.46
CA THR I 19 35.25 -2.98 -8.95
C THR I 19 34.83 -4.39 -8.59
N ASN I 20 33.55 -4.70 -8.78
CA ASN I 20 33.05 -6.04 -8.54
C ASN I 20 33.61 -7.00 -9.58
N ALA I 21 34.29 -8.03 -9.13
CA ALA I 21 34.91 -8.97 -10.04
C ALA I 21 33.86 -9.85 -10.70
N LEU I 22 34.17 -10.32 -11.90
CA LEU I 22 33.29 -11.20 -12.65
C LEU I 22 33.89 -12.60 -12.70
N MET I 23 33.08 -13.57 -13.12
CA MET I 23 33.50 -14.96 -13.15
C MET I 23 33.23 -15.54 -14.52
N PHE I 24 34.24 -16.15 -15.12
CA PHE I 24 34.15 -16.80 -16.42
C PHE I 24 34.76 -18.19 -16.34
N ALA I 25 34.48 -19.01 -17.35
CA ALA I 25 34.99 -20.38 -17.39
C ALA I 25 35.67 -20.60 -18.74
N VAL I 26 36.98 -20.86 -18.71
CA VAL I 26 37.75 -21.10 -19.92
C VAL I 26 38.60 -22.35 -19.72
N ASN I 27 39.11 -22.88 -20.83
CA ASN I 27 40.08 -23.96 -20.78
C ASN I 27 41.47 -23.40 -20.45
N TRP I 28 42.39 -24.29 -20.13
CA TRP I 28 43.72 -23.86 -19.71
C TRP I 28 44.57 -23.37 -20.87
N SER I 29 44.41 -23.96 -22.06
CA SER I 29 45.16 -23.51 -23.23
C SER I 29 44.34 -22.62 -24.16
N ASP I 30 43.01 -22.74 -24.15
CA ASP I 30 42.15 -21.91 -24.97
C ASP I 30 41.65 -20.76 -24.09
N ARG I 31 42.45 -19.70 -24.04
CA ARG I 31 42.23 -18.58 -23.13
C ARG I 31 41.32 -17.50 -23.70
N ASP I 32 40.49 -17.80 -24.68
CA ASP I 32 39.66 -16.79 -25.32
C ASP I 32 38.17 -17.11 -25.29
N ASN I 33 37.80 -18.39 -25.36
CA ASN I 33 36.39 -18.78 -25.45
C ASN I 33 35.76 -18.72 -24.06
N THR I 34 35.42 -17.51 -23.65
CA THR I 34 34.82 -17.31 -22.33
C THR I 34 33.35 -17.69 -22.35
N THR I 35 32.83 -17.99 -21.16
CA THR I 35 31.41 -18.25 -20.98
C THR I 35 31.03 -17.83 -19.56
N ALA I 36 29.74 -17.61 -19.36
CA ALA I 36 29.27 -17.12 -18.08
C ALA I 36 29.09 -18.27 -17.09
N VAL I 37 29.26 -17.97 -15.81
CA VAL I 37 29.05 -18.91 -14.73
C VAL I 37 27.83 -18.44 -13.97
N MET I 38 26.69 -19.07 -14.21
CA MET I 38 25.42 -18.60 -13.68
C MET I 38 25.11 -19.26 -12.33
N VAL I 39 24.19 -18.65 -11.60
CA VAL I 39 23.82 -19.05 -10.25
C VAL I 39 22.52 -19.82 -10.30
N GLY I 40 22.53 -21.05 -9.81
CA GLY I 40 21.37 -21.91 -9.79
C GLY I 40 20.67 -21.92 -8.45
N THR I 41 19.81 -22.93 -8.26
CA THR I 41 19.06 -23.08 -7.02
C THR I 41 18.74 -24.55 -6.85
N LYS I 42 19.20 -25.14 -5.74
CA LYS I 42 18.96 -26.55 -5.47
C LYS I 42 18.36 -26.69 -4.07
N THR I 43 17.90 -27.90 -3.77
CA THR I 43 17.29 -28.19 -2.47
C THR I 43 17.88 -29.49 -1.93
N VAL I 44 18.31 -29.46 -0.68
CA VAL I 44 18.91 -30.62 -0.02
C VAL I 44 18.03 -31.02 1.16
N ALA I 45 18.22 -32.25 1.62
CA ALA I 45 17.44 -32.78 2.73
C ALA I 45 18.35 -33.68 3.55
N GLY I 46 18.91 -33.12 4.63
CA GLY I 46 19.83 -33.87 5.47
C GLY I 46 19.36 -34.04 6.89
N THR I 47 20.25 -33.80 7.85
CA THR I 47 19.98 -33.96 9.28
C THR I 47 20.21 -32.64 9.99
N GLN I 48 19.44 -32.42 11.05
CA GLN I 48 19.64 -31.28 11.93
C GLN I 48 20.25 -31.75 13.25
N SER I 49 21.31 -31.07 13.67
CA SER I 49 22.07 -31.49 14.85
C SER I 49 22.56 -30.23 15.55
N VAL I 50 21.82 -29.76 16.55
CA VAL I 50 22.24 -28.58 17.31
C VAL I 50 23.11 -29.03 18.47
N ARG I 51 23.80 -28.10 19.13
CA ARG I 51 24.58 -28.46 20.31
C ARG I 51 23.66 -29.11 21.33
N GLY I 52 22.51 -28.49 21.57
CA GLY I 52 21.53 -29.08 22.46
C GLY I 52 20.43 -29.70 21.61
N ASN I 53 19.17 -29.51 22.00
CA ASN I 53 18.04 -30.14 21.29
C ASN I 53 18.37 -31.57 20.94
N PRO I 54 18.81 -32.35 21.93
CA PRO I 54 19.22 -33.74 21.70
C PRO I 54 18.22 -34.53 20.86
N ASN I 55 16.94 -34.17 20.95
CA ASN I 55 15.92 -34.82 20.14
C ASN I 55 16.07 -34.32 18.72
N ASP I 56 16.87 -35.01 17.91
CA ASP I 56 17.15 -34.53 16.57
C ASP I 56 17.23 -35.64 15.55
N ALA I 57 16.58 -36.77 15.83
CA ALA I 57 16.55 -37.87 14.87
C ALA I 57 15.20 -37.87 14.19
N ASP I 58 14.58 -36.71 14.09
CA ASP I 58 13.26 -36.60 13.48
C ASP I 58 13.32 -36.90 12.00
N LYS I 59 13.75 -35.94 11.20
CA LYS I 59 13.84 -36.13 9.77
C LYS I 59 14.91 -35.22 9.22
N GLY I 60 14.96 -34.01 9.74
CA GLY I 60 15.93 -33.04 9.27
C GLY I 60 15.26 -31.87 8.60
N ASN I 61 16.06 -30.99 8.01
CA ASN I 61 15.50 -29.81 7.35
C ASN I 61 15.60 -29.91 5.86
N ILE I 62 14.57 -29.45 5.16
CA ILE I 62 14.64 -29.42 3.71
C ILE I 62 15.11 -28.04 3.34
N GLN I 63 16.41 -27.87 3.15
CA GLN I 63 16.95 -26.54 2.91
C GLN I 63 17.24 -26.16 1.47
N THR I 64 16.66 -25.05 1.02
CA THR I 64 16.93 -24.57 -0.32
C THR I 64 18.14 -23.64 -0.29
N VAL I 65 19.10 -23.89 -1.18
CA VAL I 65 20.33 -23.12 -1.25
C VAL I 65 20.59 -22.74 -2.71
N ASN I 66 21.50 -21.78 -2.89
CA ASN I 66 22.03 -21.45 -4.20
C ASN I 66 23.38 -22.14 -4.39
N PHE I 67 23.78 -22.26 -5.65
CA PHE I 67 25.01 -22.96 -5.99
C PHE I 67 25.49 -22.44 -7.33
N ALA I 68 26.77 -22.70 -7.61
CA ALA I 68 27.37 -22.37 -8.90
C ALA I 68 28.53 -23.31 -9.15
N ASN I 69 28.56 -23.92 -10.33
CA ASN I 69 29.61 -24.85 -10.70
C ASN I 69 30.08 -24.58 -12.12
N LEU I 70 31.32 -24.96 -12.40
CA LEU I 70 31.83 -24.93 -13.75
C LEU I 70 31.14 -26.00 -14.61
N PRO I 71 30.96 -25.75 -15.90
CA PRO I 71 30.46 -26.81 -16.79
C PRO I 71 31.51 -27.89 -16.99
N HIS I 72 31.04 -29.06 -17.41
CA HIS I 72 31.90 -30.24 -17.48
C HIS I 72 32.86 -30.23 -18.66
N ASN I 73 32.70 -29.32 -19.62
CA ASN I 73 33.61 -29.26 -20.76
C ASN I 73 34.72 -28.22 -20.61
N LYS I 74 34.68 -27.39 -19.57
CA LYS I 74 35.69 -26.38 -19.32
C LYS I 74 36.21 -26.51 -17.91
N ASN I 75 37.52 -26.30 -17.73
CA ASN I 75 38.16 -26.64 -16.45
C ASN I 75 39.13 -25.56 -15.99
N THR I 76 38.74 -24.29 -16.11
CA THR I 76 39.58 -23.22 -15.59
C THR I 76 38.69 -22.05 -15.23
N LEU I 77 38.80 -21.57 -14.00
CA LEU I 77 38.01 -20.41 -13.56
C LEU I 77 38.80 -19.13 -13.80
N LEU I 78 38.10 -18.11 -14.29
CA LEU I 78 38.66 -16.82 -14.66
C LEU I 78 37.98 -15.74 -13.82
N VAL I 79 38.78 -14.85 -13.25
CA VAL I 79 38.26 -13.75 -12.43
C VAL I 79 38.83 -12.45 -12.97
N LYS I 80 37.95 -11.50 -13.32
CA LYS I 80 38.34 -10.22 -13.86
C LYS I 80 37.92 -9.09 -12.93
N TYR I 81 38.85 -8.17 -12.66
CA TYR I 81 38.48 -6.92 -11.99
C TYR I 81 39.50 -5.84 -12.36
N ASN I 82 39.23 -4.61 -11.88
CA ASN I 82 40.13 -3.48 -12.16
C ASN I 82 40.33 -2.69 -10.87
N VAL I 83 41.56 -2.30 -10.58
CA VAL I 83 41.84 -1.50 -9.39
C VAL I 83 42.29 -0.09 -9.77
N LYS I 84 41.99 0.89 -8.94
CA LYS I 84 42.44 2.26 -9.21
C LYS I 84 43.11 2.87 -7.99
N PHE I 85 44.37 3.28 -8.14
CA PHE I 85 45.11 3.86 -7.03
C PHE I 85 45.20 5.37 -7.18
N VAL I 86 44.31 6.10 -6.53
CA VAL I 86 44.31 7.56 -6.62
C VAL I 86 45.28 8.18 -5.62
N GLY I 87 45.75 9.39 -5.88
CA GLY I 87 46.72 10.02 -5.01
C GLY I 87 46.22 10.89 -3.88
N ASP I 88 46.87 12.02 -3.62
CA ASP I 88 46.50 12.94 -2.52
C ASP I 88 45.91 12.26 -1.28
N VAL I 89 46.70 11.44 -0.60
CA VAL I 89 46.19 10.69 0.54
C VAL I 89 46.12 11.45 1.85
N PHE I 90 46.61 12.69 1.87
CA PHE I 90 46.63 13.45 3.12
C PHE I 90 45.56 14.53 3.16
N LYS I 91 45.00 14.91 2.02
CA LYS I 91 44.02 15.99 2.00
C LYS I 91 42.71 15.50 2.61
N ALA I 92 42.35 16.08 3.75
CA ALA I 92 41.12 15.65 4.45
C ALA I 92 39.84 16.04 3.73
N GLU I 93 38.81 15.23 3.87
CA GLU I 93 37.53 15.55 3.26
C GLU I 93 36.79 16.53 4.15
N LEU I 94 36.24 16.04 5.26
CA LEU I 94 35.58 16.92 6.21
C LEU I 94 36.62 17.44 7.18
N GLY I 95 36.29 18.49 7.93
CA GLY I 95 37.25 19.08 8.84
C GLY I 95 38.39 19.71 8.07
N GLY I 96 39.61 19.56 8.59
CA GLY I 96 40.77 20.11 7.91
C GLY I 96 41.16 21.47 8.42
N GLY I 97 42.46 21.75 8.43
CA GLY I 97 42.99 22.88 9.16
C GLY I 97 43.72 22.45 10.43
N GLU I 98 44.86 23.07 10.71
CA GLU I 98 45.63 22.76 11.93
C GLU I 98 45.90 21.28 12.14
N TYR I 99 45.05 20.61 12.93
CA TYR I 99 45.24 19.19 13.23
C TYR I 99 45.65 18.33 12.04
N SER I 100 44.89 18.39 10.95
CA SER I 100 45.19 17.56 9.79
C SER I 100 46.32 18.14 8.94
N ASN I 101 46.55 19.44 9.05
CA ASN I 101 47.59 20.08 8.24
C ASN I 101 48.98 19.86 8.80
N THR I 102 49.09 19.68 10.12
CA THR I 102 50.39 19.41 10.72
C THR I 102 50.67 17.92 10.70
N LEU I 103 49.62 17.12 10.54
CA LEU I 103 49.80 15.68 10.47
C LEU I 103 50.53 15.34 9.18
N GLN I 104 50.23 16.06 8.10
CA GLN I 104 50.85 15.76 6.82
C GLN I 104 52.29 16.25 6.72
N THR I 105 52.73 17.06 7.69
CA THR I 105 54.11 17.51 7.70
C THR I 105 54.89 16.59 8.63
N ALA I 106 54.21 15.58 9.15
CA ALA I 106 54.85 14.64 10.07
C ALA I 106 54.70 13.22 9.57
N LEU I 107 53.97 13.04 8.48
CA LEU I 107 53.74 11.70 7.95
C LEU I 107 54.25 11.62 6.53
N GLU I 108 55.05 12.59 6.12
CA GLU I 108 55.58 12.59 4.77
C GLU I 108 56.76 11.64 4.67
N ASN I 109 57.44 11.44 5.80
CA ASN I 109 58.59 10.56 5.82
C ASN I 109 58.19 9.10 5.77
N THR I 110 56.89 8.84 5.61
CA THR I 110 56.39 7.48 5.56
C THR I 110 56.94 6.75 4.34
N ASP I 111 57.44 5.54 4.55
CA ASP I 111 57.94 4.75 3.42
C ASP I 111 56.78 4.26 2.57
N PHE I 112 56.46 4.99 1.52
CA PHE I 112 55.35 4.61 0.65
C PHE I 112 55.75 3.42 -0.21
N GLY I 113 57.05 3.28 -0.47
CA GLY I 113 57.53 2.18 -1.28
C GLY I 113 57.18 0.81 -0.72
N THR I 114 57.34 0.63 0.58
CA THR I 114 57.01 -0.64 1.20
C THR I 114 55.53 -0.91 1.12
N LEU I 115 54.71 0.07 1.48
CA LEU I 115 53.27 -0.08 1.39
C LEU I 115 52.87 -0.46 -0.02
N ALA I 116 53.35 0.30 -1.00
CA ALA I 116 53.03 0.01 -2.39
C ALA I 116 53.36 -1.42 -2.77
N TYR I 117 54.57 -1.86 -2.45
CA TYR I 117 54.99 -3.22 -2.77
C TYR I 117 53.99 -4.23 -2.23
N ARG I 118 53.71 -4.17 -0.95
CA ARG I 118 52.81 -5.13 -0.33
C ARG I 118 51.40 -5.12 -0.94
N TYR I 119 50.89 -3.94 -1.26
CA TYR I 119 49.57 -3.84 -1.89
C TYR I 119 49.56 -4.63 -3.18
N VAL I 120 50.46 -4.29 -4.10
CA VAL I 120 50.52 -4.99 -5.38
C VAL I 120 50.79 -6.48 -5.20
N TYR I 121 51.66 -6.82 -4.27
CA TYR I 121 51.95 -8.23 -4.01
C TYR I 121 50.68 -9.02 -3.72
N ASN I 122 49.83 -8.51 -2.84
CA ASN I 122 48.59 -9.21 -2.49
C ASN I 122 47.71 -9.48 -3.70
N ILE I 123 47.58 -8.49 -4.58
CA ILE I 123 46.81 -8.68 -5.80
C ILE I 123 47.46 -9.73 -6.69
N ALA I 124 48.78 -9.69 -6.80
CA ALA I 124 49.49 -10.62 -7.69
C ALA I 124 49.76 -12.00 -7.09
N ALA I 125 49.48 -12.19 -5.82
CA ALA I 125 49.66 -13.49 -5.20
C ALA I 125 48.36 -14.25 -5.25
N GLY I 126 47.25 -13.53 -5.39
CA GLY I 126 45.97 -14.18 -5.47
C GLY I 126 45.28 -14.26 -4.12
N ARG I 127 45.54 -13.27 -3.27
CA ARG I 127 44.89 -13.24 -1.96
C ARG I 127 43.43 -12.87 -2.12
N THR I 128 43.10 -12.17 -3.20
CA THR I 128 41.74 -11.73 -3.44
C THR I 128 40.80 -12.87 -3.86
N LEU I 129 41.36 -14.03 -4.18
CA LEU I 129 40.54 -15.17 -4.60
C LEU I 129 40.06 -15.98 -3.42
N TRP I 130 40.81 -15.94 -2.32
CA TRP I 130 40.44 -16.67 -1.10
C TRP I 130 40.02 -18.13 -1.28
N ARG I 131 38.75 -18.45 -1.08
CA ARG I 131 38.31 -19.84 -1.16
C ARG I 131 38.53 -20.48 -2.53
N ASN I 132 38.30 -19.72 -3.59
CA ASN I 132 38.50 -20.24 -4.95
C ASN I 132 39.95 -20.68 -5.16
N ARG I 133 40.89 -19.92 -4.61
CA ARG I 133 42.30 -20.26 -4.76
C ARG I 133 42.61 -21.62 -4.14
N VAL I 134 42.05 -21.89 -2.96
CA VAL I 134 42.27 -23.17 -2.30
C VAL I 134 41.73 -24.34 -3.12
N GLY I 135 42.59 -25.30 -3.44
CA GLY I 135 42.16 -26.47 -4.19
C GLY I 135 42.61 -26.46 -5.63
N ALA I 136 43.04 -25.30 -6.11
CA ALA I 136 43.47 -25.18 -7.50
C ALA I 136 44.88 -25.65 -7.70
N GLU I 137 45.25 -25.92 -8.95
CA GLU I 137 46.60 -26.36 -9.25
C GLU I 137 47.51 -25.18 -9.54
N SER I 138 47.24 -24.45 -10.61
CA SER I 138 48.12 -23.34 -10.99
C SER I 138 47.38 -22.01 -11.02
N ILE I 139 47.95 -20.99 -10.38
CA ILE I 139 47.30 -19.68 -10.33
C ILE I 139 48.00 -18.65 -11.21
N GLU I 140 47.73 -18.67 -12.50
CA GLU I 140 48.33 -17.68 -13.40
C GLU I 140 47.60 -16.35 -13.30
N THR I 141 48.32 -15.30 -12.93
CA THR I 141 47.70 -13.98 -12.84
C THR I 141 48.39 -12.96 -13.75
N VAL I 142 47.60 -12.09 -14.37
CA VAL I 142 48.15 -11.09 -15.27
C VAL I 142 47.68 -9.68 -14.95
N ILE I 143 48.62 -8.77 -14.67
CA ILE I 143 48.27 -7.39 -14.39
C ILE I 143 48.74 -6.50 -15.53
N THR I 144 47.81 -5.81 -16.19
CA THR I 144 48.17 -4.91 -17.28
C THR I 144 48.12 -3.46 -16.84
N VAL I 145 49.25 -2.77 -16.92
CA VAL I 145 49.29 -1.36 -16.54
C VAL I 145 49.93 -0.58 -17.68
N ASN I 146 49.28 0.48 -18.15
CA ASN I 146 49.77 1.26 -19.32
C ASN I 146 50.61 0.48 -20.34
N ASP I 147 49.97 -0.42 -21.09
CA ASP I 147 50.67 -1.24 -22.09
C ASP I 147 51.87 -2.01 -21.59
N GLN I 148 51.77 -2.59 -20.39
CA GLN I 148 52.85 -3.40 -19.85
C GLN I 148 52.21 -4.55 -19.11
N THR I 149 52.18 -5.72 -19.74
CA THR I 149 51.59 -6.88 -19.11
C THR I 149 52.60 -7.58 -18.24
N PHE I 150 52.20 -7.91 -17.01
CA PHE I 150 53.11 -8.59 -16.11
C PHE I 150 52.51 -9.92 -15.71
N THR I 151 53.22 -11.01 -15.98
CA THR I 151 52.69 -12.34 -15.69
C THR I 151 53.32 -12.97 -14.47
N PHE I 152 52.51 -13.35 -13.50
CA PHE I 152 53.01 -13.99 -12.30
C PHE I 152 52.35 -15.35 -12.22
N SER I 153 52.97 -16.29 -11.50
CA SER I 153 52.41 -17.64 -11.44
C SER I 153 52.54 -18.30 -10.08
N ASP I 154 53.74 -18.33 -9.51
CA ASP I 154 53.93 -19.04 -8.24
C ASP I 154 54.38 -18.15 -7.10
N LEU I 155 53.71 -17.02 -6.90
CA LEU I 155 54.03 -16.15 -5.76
C LEU I 155 53.31 -16.65 -4.51
N LEU I 156 54.03 -16.71 -3.39
CA LEU I 156 53.43 -17.19 -2.15
C LEU I 156 52.49 -16.17 -1.55
N VAL I 157 51.24 -16.56 -1.31
CA VAL I 157 50.23 -15.62 -0.80
C VAL I 157 50.60 -14.80 0.42
N ASN I 158 50.89 -15.47 1.54
CA ASN I 158 51.17 -14.75 2.77
C ASN I 158 52.53 -14.07 2.80
N GLU I 159 53.59 -14.87 2.74
CA GLU I 159 54.93 -14.32 2.81
C GLU I 159 55.23 -13.37 1.66
N PHE I 160 55.58 -12.14 2.00
CA PHE I 160 55.90 -11.15 0.98
C PHE I 160 57.28 -11.41 0.42
N ASP I 161 57.37 -12.15 -0.68
CA ASP I 161 58.67 -12.47 -1.26
C ASP I 161 59.16 -11.32 -2.12
N GLU I 162 60.46 -11.31 -2.40
CA GLU I 162 61.04 -10.23 -3.20
C GLU I 162 61.19 -10.54 -4.67
N ASP I 163 60.11 -10.41 -5.43
CA ASP I 163 60.20 -10.61 -6.87
C ASP I 163 60.34 -9.26 -7.55
N VAL I 164 60.60 -9.26 -8.86
CA VAL I 164 60.82 -8.00 -9.55
C VAL I 164 59.65 -7.61 -10.45
N ASP I 165 58.74 -8.54 -10.71
CA ASP I 165 57.62 -8.25 -11.57
C ASP I 165 56.66 -7.29 -10.90
N VAL I 166 56.35 -7.53 -9.63
CA VAL I 166 55.48 -6.62 -8.90
C VAL I 166 56.23 -5.39 -8.41
N ALA I 167 57.56 -5.45 -8.37
CA ALA I 167 58.35 -4.30 -7.96
C ALA I 167 58.19 -3.17 -8.95
N GLU I 168 58.18 -3.49 -10.24
CA GLU I 168 57.99 -2.47 -11.26
C GLU I 168 56.64 -1.79 -11.11
N ILE I 169 55.59 -2.57 -10.93
CA ILE I 169 54.27 -2.00 -10.73
C ILE I 169 54.26 -1.14 -9.48
N ALA I 170 54.89 -1.61 -8.40
CA ALA I 170 54.94 -0.85 -7.16
C ALA I 170 55.65 0.48 -7.31
N ASP I 171 56.60 0.59 -8.23
CA ASP I 171 57.26 1.87 -8.46
C ASP I 171 56.25 2.88 -8.94
N MET I 172 55.42 2.50 -9.91
CA MET I 172 54.39 3.40 -10.40
C MET I 172 53.39 3.73 -9.29
N VAL I 173 53.08 2.76 -8.44
CA VAL I 173 52.12 2.97 -7.36
C VAL I 173 52.68 3.95 -6.31
N ALA I 174 53.97 3.88 -6.03
CA ALA I 174 54.60 4.83 -5.12
C ALA I 174 54.74 6.21 -5.75
N GLY I 175 54.79 6.30 -7.07
CA GLY I 175 54.81 7.58 -7.72
C GLY I 175 53.49 8.32 -7.75
N VAL I 176 52.39 7.68 -7.38
CA VAL I 176 51.08 8.31 -7.32
C VAL I 176 50.57 8.44 -5.89
N LEU I 177 50.83 7.45 -5.03
CA LEU I 177 50.40 7.55 -3.64
C LEU I 177 51.19 8.60 -2.85
N SER I 178 52.35 9.02 -3.34
CA SER I 178 53.09 10.12 -2.73
C SER I 178 52.59 11.47 -3.25
N GLY I 179 52.46 11.60 -4.57
CA GLY I 179 52.04 12.84 -5.17
C GLY I 179 50.58 12.87 -5.59
N GLU I 180 50.31 13.30 -6.82
CA GLU I 180 48.96 13.44 -7.32
C GLU I 180 48.82 12.69 -8.63
N GLY I 181 47.62 12.22 -8.91
CA GLY I 181 47.33 11.50 -10.14
C GLY I 181 46.47 10.27 -9.85
N PHE I 182 46.51 9.32 -10.79
CA PHE I 182 45.82 8.05 -10.62
C PHE I 182 46.46 7.04 -11.56
N VAL I 183 46.19 5.76 -11.28
CA VAL I 183 46.65 4.67 -12.15
C VAL I 183 45.65 3.53 -12.08
N THR I 184 45.33 2.94 -13.24
CA THR I 184 44.38 1.84 -13.35
C THR I 184 45.14 0.55 -13.68
N LEU I 185 44.90 -0.49 -12.90
CA LEU I 185 45.41 -1.82 -13.17
C LEU I 185 44.25 -2.72 -13.59
N LYS I 186 44.48 -3.55 -14.61
CA LYS I 186 43.48 -4.52 -15.07
C LYS I 186 44.00 -5.90 -14.69
N VAL I 187 43.24 -6.61 -13.85
CA VAL I 187 43.72 -7.84 -13.22
C VAL I 187 42.85 -9.00 -13.67
N GLU I 188 43.49 -10.07 -14.16
CA GLU I 188 42.83 -11.32 -14.51
C GLU I 188 43.50 -12.47 -13.78
N HIS I 189 42.70 -13.37 -13.23
CA HIS I 189 43.20 -14.55 -12.53
C HIS I 189 42.70 -15.81 -13.23
N TYR I 190 43.60 -16.74 -13.49
CA TYR I 190 43.28 -18.05 -14.06
C TYR I 190 43.66 -19.11 -13.04
N MET I 191 42.68 -19.92 -12.63
CA MET I 191 42.99 -21.03 -11.73
C MET I 191 42.45 -22.34 -12.29
N LEU I 192 43.27 -23.39 -12.14
CA LEU I 192 43.02 -24.71 -12.72
C LEU I 192 42.30 -25.57 -11.68
N LEU I 193 40.98 -25.39 -11.61
CA LEU I 193 40.19 -26.12 -10.61
C LEU I 193 39.98 -27.57 -11.03
N GLY I 194 39.32 -27.78 -12.16
CA GLY I 194 39.05 -29.13 -12.63
C GLY I 194 37.77 -29.15 -13.44
N GLU I 195 37.46 -30.33 -13.96
CA GLU I 195 36.28 -30.50 -14.80
C GLU I 195 35.04 -30.56 -13.92
N GLY I 196 34.20 -29.54 -14.02
CA GLY I 196 32.97 -29.49 -13.23
C GLY I 196 33.18 -29.33 -11.74
N SER I 197 34.11 -28.50 -11.33
CA SER I 197 34.38 -28.27 -9.92
C SER I 197 33.37 -27.29 -9.34
N GLU I 198 33.61 -26.84 -8.11
CA GLU I 198 32.73 -25.90 -7.44
C GLU I 198 33.41 -24.56 -7.32
N VAL I 199 32.66 -23.49 -7.58
CA VAL I 199 33.17 -22.13 -7.44
C VAL I 199 32.44 -21.48 -6.26
N PHE I 200 33.06 -20.43 -5.73
CA PHE I 200 32.61 -19.81 -4.48
C PHE I 200 32.51 -18.31 -4.64
N PRO I 201 31.36 -17.79 -5.08
CA PRO I 201 31.17 -16.34 -5.13
C PRO I 201 30.89 -15.78 -3.74
N SER I 202 30.76 -14.45 -3.66
CA SER I 202 30.51 -13.80 -2.38
C SER I 202 29.05 -13.99 -1.96
N GLN I 203 28.83 -14.41 -0.72
CA GLN I 203 27.47 -14.57 -0.22
C GLN I 203 27.02 -13.23 0.33
N GLU I 204 25.72 -12.96 0.26
CA GLU I 204 25.21 -11.67 0.72
C GLU I 204 24.46 -11.80 2.03
N PHE I 205 23.96 -10.68 2.52
CA PHE I 205 23.21 -10.69 3.77
C PHE I 205 21.79 -11.18 3.55
N VAL I 206 21.41 -12.24 4.26
CA VAL I 206 20.04 -12.73 4.17
C VAL I 206 19.18 -11.95 5.15
N GLU I 207 18.57 -10.89 4.68
CA GLU I 207 17.72 -10.07 5.55
C GLU I 207 16.49 -10.85 5.97
N ASN I 208 15.82 -11.47 5.00
CA ASN I 208 14.63 -12.25 5.31
C ASN I 208 14.96 -13.73 5.45
N SER I 209 14.16 -14.58 4.83
CA SER I 209 14.39 -16.02 4.92
C SER I 209 14.50 -16.66 3.56
N LYS I 210 13.51 -17.45 3.18
CA LYS I 210 13.54 -18.15 1.88
C LYS I 210 14.83 -18.91 1.64
N LEU I 211 15.66 -18.40 0.73
CA LEU I 211 16.93 -19.03 0.44
C LEU I 211 17.81 -19.03 1.67
N SER I 212 18.21 -20.21 2.14
CA SER I 212 19.13 -20.28 3.27
C SER I 212 20.44 -19.62 2.85
N LYS I 213 20.88 -19.91 1.64
CA LYS I 213 22.09 -19.28 1.13
C LYS I 213 21.78 -18.58 -0.17
N GLN I 214 21.97 -17.27 -0.21
CA GLN I 214 21.76 -16.52 -1.44
C GLN I 214 23.04 -15.89 -1.93
N LEU I 215 23.39 -16.12 -3.18
CA LEU I 215 24.66 -15.61 -3.69
C LEU I 215 24.53 -14.31 -4.49
N PHE I 216 25.63 -13.58 -4.63
CA PHE I 216 25.64 -12.32 -5.33
C PHE I 216 25.69 -12.55 -6.84
N ASP I 217 24.85 -11.85 -7.58
CA ASP I 217 24.77 -12.02 -9.02
C ASP I 217 24.57 -10.68 -9.70
N LEU I 218 25.23 -10.50 -10.85
CA LEU I 218 25.08 -9.32 -11.70
C LEU I 218 24.44 -9.79 -13.00
N ASN I 219 23.13 -9.56 -13.13
CA ASN I 219 22.29 -10.04 -14.23
C ASN I 219 22.39 -11.56 -14.42
N GLY I 220 22.45 -12.29 -13.31
CA GLY I 220 22.50 -13.74 -13.34
C GLY I 220 23.89 -14.34 -13.30
N GLN I 221 24.93 -13.54 -13.51
CA GLN I 221 26.30 -14.05 -13.53
C GLN I 221 26.92 -13.92 -12.14
N ALA I 222 27.59 -14.99 -11.71
CA ALA I 222 28.16 -15.02 -10.36
C ALA I 222 29.31 -14.02 -10.23
N ALA I 223 29.33 -13.30 -9.12
CA ALA I 223 30.27 -12.20 -8.93
C ALA I 223 30.64 -12.10 -7.46
N MET I 224 31.59 -11.21 -7.17
CA MET I 224 32.03 -10.95 -5.81
C MET I 224 31.92 -9.45 -5.54
N HIS I 225 31.80 -9.10 -4.26
CA HIS I 225 31.74 -7.70 -3.87
C HIS I 225 33.10 -7.05 -4.05
N ASP I 226 33.10 -5.73 -4.23
CA ASP I 226 34.36 -5.00 -4.36
C ASP I 226 35.05 -4.85 -3.02
N GLN I 227 34.27 -4.76 -1.93
CA GLN I 227 34.86 -4.61 -0.60
C GLN I 227 35.55 -5.89 -0.14
N LYS I 228 35.09 -7.05 -0.63
CA LYS I 228 35.74 -8.31 -0.32
C LYS I 228 37.11 -8.43 -0.99
N ILE I 229 37.30 -7.73 -2.10
CA ILE I 229 38.61 -7.63 -2.75
C ILE I 229 39.48 -6.58 -2.07
N GLY I 230 38.86 -5.44 -1.71
CA GLY I 230 39.61 -4.38 -1.04
C GLY I 230 40.06 -4.76 0.36
N ASN I 231 39.39 -5.72 0.99
CA ASN I 231 39.89 -6.29 2.23
C ASN I 231 41.20 -7.04 2.01
N ALA I 232 41.25 -7.87 0.97
CA ALA I 232 42.42 -8.68 0.72
C ALA I 232 43.58 -7.89 0.13
N ILE I 233 43.31 -6.74 -0.49
CA ILE I 233 44.38 -5.91 -1.01
C ILE I 233 45.21 -5.31 0.12
N ARG I 234 44.53 -4.80 1.15
CA ARG I 234 45.20 -4.05 2.21
C ARG I 234 45.71 -4.92 3.36
N THR I 235 45.65 -6.24 3.25
CA THR I 235 46.10 -7.12 4.33
C THR I 235 47.62 -7.12 4.40
N ILE I 236 48.19 -6.14 5.10
CA ILE I 236 49.63 -5.92 5.12
C ILE I 236 50.14 -5.76 6.54
N ASP I 237 49.25 -5.80 7.53
CA ASP I 237 49.57 -5.42 8.90
C ASP I 237 50.34 -6.54 9.59
N THR I 238 51.65 -6.35 9.75
CA THR I 238 52.51 -7.28 10.50
C THR I 238 53.37 -6.52 11.49
N TRP I 239 52.76 -5.60 12.24
CA TRP I 239 53.50 -4.80 13.21
C TRP I 239 52.92 -4.85 14.61
N TYR I 240 51.80 -5.52 14.83
CA TYR I 240 51.31 -5.76 16.18
C TYR I 240 52.21 -6.76 16.88
N GLU I 241 52.13 -6.77 18.22
CA GLU I 241 52.97 -7.67 18.99
C GLU I 241 52.50 -9.12 18.83
N ASP I 242 53.45 -10.04 18.92
CA ASP I 242 53.29 -11.47 18.64
C ASP I 242 52.70 -11.69 17.24
N ALA I 243 53.32 -11.06 16.25
CA ALA I 243 52.84 -11.10 14.87
C ALA I 243 53.15 -12.46 14.26
N THR I 244 52.13 -13.14 13.77
CA THR I 244 52.29 -14.42 13.08
C THR I 244 51.87 -14.32 11.62
N THR I 245 50.64 -13.86 11.37
CA THR I 245 50.08 -13.70 10.04
C THR I 245 49.60 -12.27 9.86
N PRO I 246 49.63 -11.75 8.63
CA PRO I 246 49.09 -10.39 8.40
C PRO I 246 47.59 -10.33 8.58
N ILE I 247 47.12 -9.20 9.10
CA ILE I 247 45.70 -8.95 9.30
C ILE I 247 45.34 -7.68 8.53
N ALA I 248 44.03 -7.38 8.50
CA ALA I 248 43.55 -6.21 7.81
C ALA I 248 43.90 -4.95 8.58
N VAL I 249 44.23 -3.88 7.85
CA VAL I 249 44.55 -2.60 8.48
C VAL I 249 43.26 -1.97 8.99
N GLU I 250 43.13 -1.86 10.31
CA GLU I 250 41.96 -1.30 10.96
C GLU I 250 42.44 -0.36 12.05
N PRO I 251 41.62 0.59 12.49
CA PRO I 251 42.03 1.45 13.62
C PRO I 251 42.28 0.72 14.93
N TYR I 252 41.63 -0.42 15.17
CA TYR I 252 41.89 -1.20 16.38
C TYR I 252 42.50 -2.57 16.06
N GLY I 253 42.81 -2.84 14.81
CA GLY I 253 43.36 -4.13 14.42
C GLY I 253 42.41 -5.29 14.67
N SER I 254 41.13 -5.08 14.41
CA SER I 254 40.10 -6.00 14.87
C SER I 254 39.65 -6.93 13.76
N VAL I 255 39.48 -8.20 14.10
CA VAL I 255 38.82 -9.18 13.24
C VAL I 255 37.60 -9.69 14.00
N VAL I 256 36.49 -9.88 13.30
CA VAL I 256 35.25 -10.23 13.98
C VAL I 256 34.96 -11.72 13.92
N ARG I 257 35.62 -12.46 13.04
CA ARG I 257 35.43 -13.91 13.01
C ARG I 257 36.27 -14.63 14.05
N ASN I 258 37.16 -13.93 14.74
CA ASN I 258 37.93 -14.51 15.83
C ASN I 258 37.58 -13.92 17.19
N GLY I 259 36.88 -12.80 17.24
CA GLY I 259 36.46 -12.23 18.51
C GLY I 259 37.55 -11.59 19.32
N VAL I 260 38.61 -11.12 18.66
CA VAL I 260 39.75 -10.51 19.33
C VAL I 260 40.20 -9.28 18.54
N ALA I 261 40.66 -8.27 19.25
CA ALA I 261 41.22 -7.07 18.62
C ALA I 261 42.67 -6.96 19.04
N TYR I 262 43.59 -7.05 18.08
CA TYR I 262 45.01 -7.15 18.40
C TYR I 262 45.62 -5.82 18.81
N ARG I 263 45.22 -4.73 18.14
CA ARG I 263 45.83 -3.44 18.33
C ARG I 263 45.09 -2.57 19.36
N ALA I 264 44.32 -3.19 20.25
CA ALA I 264 43.51 -2.45 21.21
C ALA I 264 43.91 -2.78 22.63
N GLY I 265 43.87 -1.77 23.50
CA GLY I 265 44.02 -1.97 24.93
C GLY I 265 45.43 -1.87 25.47
N ASN I 266 46.44 -1.70 24.63
CA ASN I 266 47.83 -1.67 25.09
C ASN I 266 48.60 -0.51 24.47
N LYS I 267 47.90 0.62 24.28
CA LYS I 267 48.48 1.93 23.94
C LYS I 267 49.19 1.92 22.59
N THR I 268 48.60 1.27 21.58
CA THR I 268 49.20 1.20 20.26
C THR I 268 48.20 1.36 19.12
N ASP I 269 46.95 1.71 19.41
CA ASP I 269 45.94 1.86 18.38
C ASP I 269 46.17 3.16 17.58
N LEU I 270 45.22 3.44 16.68
CA LEU I 270 45.41 4.54 15.72
C LEU I 270 45.36 5.90 16.40
N PHE I 271 44.38 6.09 17.28
CA PHE I 271 44.07 7.43 17.78
C PHE I 271 45.14 7.93 18.74
N THR I 272 45.68 7.03 19.57
CA THR I 272 46.81 7.38 20.43
C THR I 272 48.04 7.74 19.62
N LEU I 273 48.27 7.00 18.53
CA LEU I 273 49.41 7.29 17.66
C LEU I 273 49.26 8.64 16.97
N MET I 274 48.03 8.97 16.51
CA MET I 274 47.79 10.28 15.91
C MET I 274 47.97 11.41 16.92
N ASP I 275 47.40 11.27 18.11
CA ASP I 275 47.49 12.32 19.11
C ASP I 275 48.87 12.43 19.74
N GLY I 276 49.71 11.41 19.61
CA GLY I 276 51.11 11.54 19.99
C GLY I 276 51.93 12.14 18.87
N ALA I 277 51.58 11.84 17.62
CA ALA I 277 52.33 12.37 16.49
C ALA I 277 52.10 13.86 16.30
N VAL I 278 50.87 14.32 16.50
CA VAL I 278 50.55 15.74 16.27
C VAL I 278 51.17 16.60 17.36
N ASN I 279 51.13 16.15 18.62
CA ASN I 279 51.55 16.95 19.76
C ASN I 279 53.07 17.05 19.92
N GLY I 280 53.86 16.49 19.02
CA GLY I 280 55.29 16.73 19.00
C GLY I 280 56.17 15.53 19.27
N LYS I 281 55.62 14.37 19.64
CA LYS I 281 56.44 13.20 19.88
C LYS I 281 56.92 12.60 18.56
N SER I 282 57.99 11.81 18.65
CA SER I 282 58.56 11.15 17.49
C SER I 282 57.88 9.81 17.24
N LEU I 283 58.00 9.35 16.00
CA LEU I 283 57.43 8.08 15.57
C LEU I 283 58.54 7.17 15.06
N THR I 284 58.33 5.87 15.18
CA THR I 284 59.28 4.92 14.61
C THR I 284 59.07 4.81 13.10
N GLU I 285 59.90 3.97 12.48
CA GLU I 285 59.78 3.77 11.04
C GLU I 285 58.56 2.94 10.66
N GLU I 286 58.22 1.91 11.43
CA GLU I 286 57.20 0.94 11.04
C GLU I 286 55.82 1.22 11.63
N ASP I 287 55.63 2.39 12.26
CA ASP I 287 54.29 2.77 12.67
C ASP I 287 53.83 4.07 12.01
N GLN I 288 54.71 4.77 11.29
CA GLN I 288 54.23 5.78 10.36
C GLN I 288 53.45 5.15 9.22
N MET I 289 53.89 3.99 8.77
CA MET I 289 53.27 3.26 7.67
C MET I 289 51.95 2.63 8.06
N PHE I 290 51.64 2.54 9.35
CA PHE I 290 50.32 2.15 9.82
C PHE I 290 49.33 3.30 9.76
N VAL I 291 49.73 4.49 10.22
CA VAL I 291 48.86 5.65 10.16
C VAL I 291 48.64 6.08 8.71
N THR I 292 49.66 5.96 7.87
CA THR I 292 49.48 6.25 6.44
C THR I 292 48.55 5.26 5.76
N ALA I 293 48.67 3.97 6.09
CA ALA I 293 47.76 2.97 5.54
C ALA I 293 46.34 3.14 6.04
N ASN I 294 46.16 3.69 7.24
CA ASN I 294 44.83 4.02 7.72
C ASN I 294 44.25 5.28 7.10
N LEU I 295 45.09 6.28 6.79
CA LEU I 295 44.61 7.43 6.04
C LEU I 295 44.25 7.07 4.62
N ILE I 296 44.91 6.06 4.03
CA ILE I 296 44.49 5.54 2.75
C ILE I 296 43.11 4.87 2.85
N ARG I 297 42.84 4.16 3.95
CA ARG I 297 41.54 3.50 4.12
C ARG I 297 40.42 4.51 4.32
N GLY I 298 40.62 5.50 5.19
CA GLY I 298 39.61 6.49 5.47
C GLY I 298 38.79 6.19 6.71
N GLY I 299 37.71 6.95 6.86
CA GLY I 299 36.79 6.77 7.96
C GLY I 299 36.80 7.96 8.91
N VAL I 300 35.89 7.90 9.88
CA VAL I 300 35.75 8.98 10.85
C VAL I 300 36.87 8.89 11.88
N PHE I 301 37.69 9.92 11.96
CA PHE I 301 38.71 10.03 13.00
C PHE I 301 38.43 11.31 13.77
N GLY I 302 37.48 11.24 14.70
CA GLY I 302 37.04 12.44 15.39
C GLY I 302 36.31 12.13 16.66
N GLY I 303 36.35 13.09 17.59
CA GLY I 303 35.78 12.92 18.91
C GLY I 303 34.27 12.90 18.94
N THR J 2 21.45 62.40 8.23
CA THR J 2 22.42 61.59 7.51
C THR J 2 22.55 60.21 8.15
N LYS J 3 23.35 59.36 7.51
CA LYS J 3 23.61 57.96 7.91
C LYS J 3 22.30 57.17 8.00
N LEU J 4 21.69 57.01 6.83
CA LEU J 4 20.40 56.35 6.75
C LEU J 4 20.54 54.85 6.98
N LYS J 5 19.56 54.29 7.69
CA LYS J 5 19.56 52.87 8.03
C LYS J 5 18.91 52.06 6.93
N ALA J 6 19.31 50.79 6.83
CA ALA J 6 18.69 49.87 5.90
C ALA J 6 17.26 49.56 6.34
N PRO J 7 16.35 49.27 5.39
CA PRO J 7 14.98 48.89 5.75
C PRO J 7 14.88 47.58 6.54
N ALA J 8 13.68 47.32 7.07
CA ALA J 8 13.49 46.16 7.93
C ALA J 8 13.53 44.86 7.15
N VAL J 9 12.99 44.85 5.93
CA VAL J 9 13.02 43.67 5.07
C VAL J 9 13.64 44.04 3.73
N LEU J 10 14.54 43.20 3.25
CA LEU J 10 15.04 43.27 1.88
C LEU J 10 15.10 41.87 1.30
N ALA J 11 15.10 41.80 -0.02
CA ALA J 11 15.11 40.52 -0.70
C ALA J 11 15.72 40.70 -2.07
N TYR J 12 16.32 39.62 -2.57
CA TYR J 12 16.87 39.58 -3.92
C TYR J 12 16.72 38.15 -4.43
N SER J 13 16.08 38.00 -5.58
CA SER J 13 15.88 36.65 -6.10
C SER J 13 17.14 36.13 -6.76
N ARG J 14 17.12 34.84 -7.10
CA ARG J 14 18.21 34.23 -7.83
C ARG J 14 18.29 34.78 -9.24
N LYS J 15 19.52 34.97 -9.71
CA LYS J 15 19.75 35.29 -11.11
C LYS J 15 20.39 34.14 -11.87
N ILE J 16 20.80 33.08 -11.19
CA ILE J 16 21.35 31.87 -11.81
C ILE J 16 20.46 30.71 -11.39
N ASN J 17 19.75 30.13 -12.35
CA ASN J 17 18.81 29.06 -12.06
C ASN J 17 19.25 27.78 -12.76
N PRO J 18 19.91 26.85 -12.07
CA PRO J 18 20.19 25.55 -12.68
C PRO J 18 19.12 24.52 -12.33
N THR J 19 18.86 23.64 -13.29
CA THR J 19 18.01 22.50 -13.04
C THR J 19 18.84 21.36 -12.46
N ASN J 20 18.18 20.42 -11.79
CA ASN J 20 18.87 19.29 -11.21
C ASN J 20 19.34 18.34 -12.31
N ALA J 21 20.63 18.00 -12.28
CA ALA J 21 21.27 17.26 -13.36
C ALA J 21 20.83 15.81 -13.34
N LEU J 22 21.04 15.14 -14.48
CA LEU J 22 20.72 13.73 -14.63
C LEU J 22 21.95 12.98 -15.12
N MET J 23 22.01 11.70 -14.75
CA MET J 23 23.15 10.84 -15.05
C MET J 23 22.74 9.75 -16.04
N PHE J 24 23.56 9.54 -17.05
CA PHE J 24 23.37 8.50 -18.05
C PHE J 24 24.71 7.79 -18.29
N ALA J 25 24.65 6.64 -18.96
CA ALA J 25 25.84 5.85 -19.26
C ALA J 25 25.92 5.62 -20.76
N VAL J 26 26.99 6.11 -21.39
CA VAL J 26 27.24 5.90 -22.81
C VAL J 26 28.68 5.41 -22.99
N ASN J 27 29.03 5.10 -24.23
CA ASN J 27 30.39 4.75 -24.60
C ASN J 27 31.11 5.97 -25.17
N TRP J 28 32.44 5.90 -25.18
CA TRP J 28 33.24 7.03 -25.62
C TRP J 28 33.20 7.22 -27.14
N SER J 29 33.09 6.13 -27.89
CA SER J 29 32.93 6.21 -29.34
C SER J 29 31.48 6.25 -29.78
N ASP J 30 30.57 5.75 -28.96
CA ASP J 30 29.13 5.74 -29.25
C ASP J 30 28.49 6.77 -28.32
N ARG J 31 28.39 8.00 -28.81
CA ARG J 31 28.01 9.14 -27.98
C ARG J 31 26.51 9.38 -27.97
N ASP J 32 25.68 8.43 -28.37
CA ASP J 32 24.24 8.68 -28.48
C ASP J 32 23.35 7.62 -27.84
N ASN J 33 23.83 6.40 -27.62
CA ASN J 33 23.02 5.35 -27.02
C ASN J 33 23.04 5.51 -25.51
N THR J 34 22.06 6.23 -24.98
CA THR J 34 22.02 6.56 -23.56
C THR J 34 21.14 5.56 -22.80
N THR J 35 21.68 5.03 -21.71
CA THR J 35 20.91 4.21 -20.79
C THR J 35 20.92 4.83 -19.40
N ALA J 36 19.91 4.50 -18.61
CA ALA J 36 19.74 5.11 -17.31
C ALA J 36 20.64 4.45 -16.27
N VAL J 37 21.13 5.24 -15.32
CA VAL J 37 21.92 4.75 -14.20
C VAL J 37 21.01 4.79 -12.99
N MET J 38 20.69 3.61 -12.45
CA MET J 38 19.71 3.49 -11.39
C MET J 38 20.38 3.23 -10.04
N VAL J 39 19.65 3.53 -8.98
CA VAL J 39 20.15 3.48 -7.61
C VAL J 39 19.70 2.17 -6.98
N GLY J 40 20.66 1.41 -6.44
CA GLY J 40 20.38 0.14 -5.81
C GLY J 40 20.71 0.16 -4.33
N THR J 41 20.30 -0.90 -3.65
CA THR J 41 20.44 -1.05 -2.20
C THR J 41 21.28 -2.28 -1.89
N LYS J 42 22.18 -2.16 -0.93
CA LYS J 42 22.97 -3.30 -0.49
C LYS J 42 23.16 -3.27 1.01
N THR J 43 23.46 -4.45 1.57
CA THR J 43 23.68 -4.63 3.00
C THR J 43 25.10 -5.11 3.21
N VAL J 44 25.81 -4.49 4.14
CA VAL J 44 27.24 -4.64 4.30
C VAL J 44 27.55 -5.01 5.75
N ALA J 45 28.33 -6.07 5.94
CA ALA J 45 28.91 -6.41 7.22
C ALA J 45 30.28 -5.75 7.34
N GLY J 46 30.60 -5.27 8.54
CA GLY J 46 31.87 -4.61 8.77
C GLY J 46 32.32 -4.62 10.21
N THR J 47 32.99 -3.55 10.63
CA THR J 47 33.46 -3.40 12.00
C THR J 47 33.01 -2.06 12.55
N GLN J 48 32.93 -1.96 13.88
CA GLN J 48 32.61 -0.70 14.54
C GLN J 48 33.86 -0.21 15.28
N SER J 49 34.23 1.03 15.01
CA SER J 49 35.47 1.60 15.56
C SER J 49 35.33 3.10 15.59
N VAL J 50 35.07 3.65 16.78
CA VAL J 50 34.97 5.09 16.98
C VAL J 50 36.10 5.52 17.90
N ARG J 51 36.17 6.81 18.17
CA ARG J 51 37.22 7.35 19.04
C ARG J 51 36.79 7.34 20.51
N GLY J 52 36.29 6.18 20.94
CA GLY J 52 35.80 5.85 22.27
C GLY J 52 35.44 4.38 22.25
N ASN J 53 35.09 3.81 23.41
CA ASN J 53 34.54 2.47 23.55
C ASN J 53 35.47 1.40 22.99
N PRO J 54 36.64 1.29 23.60
CA PRO J 54 37.64 0.30 23.18
C PRO J 54 37.23 -1.13 23.46
N ASN J 55 36.21 -1.36 24.31
CA ASN J 55 35.71 -2.69 24.59
C ASN J 55 34.71 -3.18 23.54
N ASP J 56 34.34 -2.34 22.58
CA ASP J 56 33.43 -2.73 21.50
C ASP J 56 34.17 -3.05 20.22
N ALA J 57 35.49 -3.19 20.26
CA ALA J 57 36.27 -3.40 19.05
C ALA J 57 36.09 -4.81 18.48
N ASP J 58 35.81 -5.79 19.34
CA ASP J 58 35.72 -7.19 18.92
C ASP J 58 34.33 -7.58 18.46
N LYS J 59 33.51 -6.63 18.01
CA LYS J 59 32.16 -6.89 17.56
C LYS J 59 31.95 -6.23 16.21
N GLY J 60 31.16 -6.87 15.36
CA GLY J 60 30.85 -6.34 14.05
C GLY J 60 29.60 -5.48 14.05
N ASN J 61 29.22 -5.03 12.86
CA ASN J 61 27.97 -4.30 12.69
C ASN J 61 27.44 -4.53 11.28
N ILE J 62 26.13 -4.34 11.14
CA ILE J 62 25.43 -4.56 9.88
C ILE J 62 24.81 -3.23 9.46
N GLN J 63 25.17 -2.75 8.27
CA GLN J 63 24.69 -1.45 7.81
C GLN J 63 24.18 -1.55 6.38
N THR J 64 23.08 -0.87 6.10
CA THR J 64 22.45 -0.88 4.78
C THR J 64 22.69 0.45 4.09
N VAL J 65 23.24 0.40 2.88
CA VAL J 65 23.60 1.60 2.13
C VAL J 65 23.03 1.52 0.73
N ASN J 66 23.10 2.64 0.02
CA ASN J 66 22.74 2.73 -1.39
C ASN J 66 23.99 2.88 -2.23
N PHE J 67 23.86 2.50 -3.51
CA PHE J 67 24.99 2.53 -4.42
C PHE J 67 24.50 2.79 -5.84
N ALA J 68 25.42 3.29 -6.67
CA ALA J 68 25.14 3.55 -8.08
C ALA J 68 26.40 3.25 -8.87
N ASN J 69 26.34 2.23 -9.73
CA ASN J 69 27.47 1.79 -10.53
C ASN J 69 27.12 1.84 -12.01
N LEU J 70 28.15 1.99 -12.84
CA LEU J 70 27.97 1.85 -14.28
C LEU J 70 27.85 0.38 -14.66
N PRO J 71 27.12 0.07 -15.73
CA PRO J 71 27.15 -1.30 -16.26
C PRO J 71 28.50 -1.63 -16.87
N HIS J 72 28.79 -2.91 -16.96
CA HIS J 72 30.12 -3.37 -17.35
C HIS J 72 30.41 -3.22 -18.83
N ASN J 73 29.42 -2.97 -19.67
CA ASN J 73 29.63 -2.76 -21.10
C ASN J 73 29.72 -1.28 -21.47
N LYS J 74 29.64 -0.38 -20.48
CA LYS J 74 29.70 1.06 -20.71
C LYS J 74 30.85 1.64 -19.92
N ASN J 75 31.50 2.67 -20.47
CA ASN J 75 32.64 3.25 -19.79
C ASN J 75 32.69 4.77 -19.88
N THR J 76 31.52 5.42 -19.99
CA THR J 76 31.51 6.88 -20.05
C THR J 76 30.23 7.36 -19.38
N LEU J 77 30.36 8.36 -18.52
CA LEU J 77 29.22 8.94 -17.83
C LEU J 77 28.81 10.26 -18.47
N LEU J 78 27.51 10.42 -18.67
CA LEU J 78 26.86 11.61 -19.18
C LEU J 78 26.20 12.35 -18.02
N VAL J 79 26.50 13.64 -17.90
CA VAL J 79 25.80 14.50 -16.93
C VAL J 79 25.11 15.61 -17.70
N LYS J 80 23.79 15.69 -17.59
CA LYS J 80 22.99 16.63 -18.36
C LYS J 80 22.26 17.61 -17.46
N TYR J 81 22.39 18.90 -17.75
CA TYR J 81 21.58 19.90 -17.06
C TYR J 81 21.43 21.15 -17.91
N ASN J 82 20.62 22.08 -17.43
CA ASN J 82 20.34 23.35 -18.10
C ASN J 82 20.49 24.49 -17.10
N VAL J 83 21.07 25.59 -17.55
CA VAL J 83 21.33 26.75 -16.71
C VAL J 83 20.65 27.97 -17.33
N LYS J 84 19.92 28.74 -16.52
CA LYS J 84 19.24 29.94 -16.99
C LYS J 84 19.82 31.16 -16.28
N PHE J 85 20.26 32.14 -17.05
CA PHE J 85 20.73 33.40 -16.51
C PHE J 85 19.67 34.48 -16.74
N VAL J 86 19.32 35.19 -15.67
CA VAL J 86 18.25 36.18 -15.69
C VAL J 86 18.83 37.53 -15.30
N GLY J 87 18.53 38.56 -16.09
CA GLY J 87 19.03 39.90 -15.83
C GLY J 87 18.24 40.63 -14.75
N ASP J 88 18.42 41.96 -14.73
CA ASP J 88 17.85 42.90 -13.76
C ASP J 88 18.25 42.52 -12.33
N VAL J 89 19.56 42.66 -12.07
CA VAL J 89 20.16 42.16 -10.84
C VAL J 89 20.10 43.19 -9.72
N PHE J 90 19.47 44.34 -9.96
CA PHE J 90 19.41 45.40 -8.97
C PHE J 90 18.00 45.68 -8.44
N LYS J 91 16.97 45.08 -9.01
CA LYS J 91 15.60 45.35 -8.58
C LYS J 91 15.27 44.46 -7.39
N ALA J 92 15.20 45.05 -6.19
CA ALA J 92 14.82 44.30 -5.02
C ALA J 92 13.32 44.02 -5.02
N GLU J 93 12.93 42.86 -4.48
CA GLU J 93 11.53 42.48 -4.43
C GLU J 93 10.84 42.85 -3.13
N LEU J 94 11.59 42.99 -2.05
CA LEU J 94 11.01 43.41 -0.78
C LEU J 94 11.74 44.66 -0.35
N GLY J 95 11.01 45.66 0.11
CA GLY J 95 11.64 46.92 0.46
C GLY J 95 11.95 47.69 -0.81
N GLY J 96 12.98 48.50 -0.78
CA GLY J 96 13.38 49.23 -1.97
C GLY J 96 12.82 50.64 -2.05
N GLY J 97 13.67 51.59 -2.38
CA GLY J 97 13.38 52.99 -2.13
C GLY J 97 14.38 53.64 -1.21
N GLU J 98 15.13 54.62 -1.71
CA GLU J 98 16.11 55.36 -0.89
C GLU J 98 17.28 54.53 -0.36
N TYR J 99 17.27 53.22 -0.59
CA TYR J 99 18.39 52.39 -0.16
C TYR J 99 18.88 51.59 -1.35
N SER J 100 17.99 50.82 -1.96
CA SER J 100 18.37 50.07 -3.15
C SER J 100 18.56 50.98 -4.35
N ASN J 101 17.77 52.05 -4.44
CA ASN J 101 17.88 52.97 -5.57
C ASN J 101 19.16 53.80 -5.54
N THR J 102 19.76 53.99 -4.36
CA THR J 102 21.06 54.66 -4.28
C THR J 102 22.20 53.67 -4.15
N LEU J 103 21.92 52.40 -3.87
CA LEU J 103 22.94 51.36 -4.04
C LEU J 103 23.13 51.00 -5.51
N GLN J 104 22.06 51.11 -6.31
CA GLN J 104 22.15 50.82 -7.73
C GLN J 104 23.04 51.82 -8.47
N THR J 105 22.95 53.10 -8.09
CA THR J 105 23.79 54.11 -8.73
C THR J 105 25.22 54.11 -8.23
N ALA J 106 25.52 53.40 -7.15
CA ALA J 106 26.90 53.26 -6.67
C ALA J 106 27.60 52.04 -7.23
N LEU J 107 26.88 51.16 -7.92
CA LEU J 107 27.44 49.94 -8.48
C LEU J 107 27.12 49.82 -9.96
N GLU J 108 27.19 50.91 -10.70
CA GLU J 108 26.98 50.88 -12.14
C GLU J 108 28.27 50.74 -12.92
N ASN J 109 29.42 50.75 -12.24
CA ASN J 109 30.71 50.66 -12.90
C ASN J 109 31.43 49.34 -12.64
N THR J 110 30.73 48.33 -12.13
CA THR J 110 31.35 47.05 -11.84
C THR J 110 31.66 46.31 -13.12
N ASP J 111 32.80 45.62 -13.14
CA ASP J 111 33.26 44.89 -14.32
C ASP J 111 32.45 43.61 -14.42
N PHE J 112 31.40 43.63 -15.23
CA PHE J 112 30.61 42.43 -15.47
C PHE J 112 31.33 41.45 -16.39
N GLY J 113 32.33 41.91 -17.14
CA GLY J 113 33.05 41.03 -18.05
C GLY J 113 33.93 40.02 -17.36
N THR J 114 34.32 40.28 -16.12
CA THR J 114 35.09 39.33 -15.31
C THR J 114 34.19 38.36 -14.56
N LEU J 115 33.09 38.86 -13.97
CA LEU J 115 32.14 38.00 -13.29
C LEU J 115 31.46 37.04 -14.27
N ALA J 116 31.07 37.54 -15.44
CA ALA J 116 30.46 36.69 -16.46
C ALA J 116 31.43 35.71 -17.06
N TYR J 117 32.73 36.04 -17.06
CA TYR J 117 33.73 35.06 -17.49
C TYR J 117 33.90 33.96 -16.46
N ARG J 118 33.99 34.34 -15.18
CA ARG J 118 34.22 33.37 -14.12
C ARG J 118 33.02 32.52 -13.81
N TYR J 119 31.81 32.98 -14.13
CA TYR J 119 30.63 32.13 -13.92
C TYR J 119 30.56 31.02 -14.96
N VAL J 120 30.93 31.32 -16.22
CA VAL J 120 30.88 30.32 -17.27
C VAL J 120 32.12 29.41 -17.26
N TYR J 121 33.24 29.90 -16.73
CA TYR J 121 34.44 29.07 -16.65
C TYR J 121 34.27 27.91 -15.68
N ASN J 122 33.45 28.09 -14.64
CA ASN J 122 33.17 26.99 -13.71
C ASN J 122 32.24 25.94 -14.31
N ILE J 123 31.54 26.25 -15.40
CA ILE J 123 30.75 25.28 -16.13
C ILE J 123 31.56 24.60 -17.23
N ALA J 124 32.43 25.38 -17.88
CA ALA J 124 33.24 24.83 -18.97
C ALA J 124 34.33 23.90 -18.45
N ALA J 125 34.90 24.20 -17.29
CA ALA J 125 35.95 23.36 -16.74
C ALA J 125 35.39 22.06 -16.18
N GLY J 126 34.25 22.13 -15.51
CA GLY J 126 33.65 20.95 -14.92
C GLY J 126 33.76 20.92 -13.41
N ARG J 127 33.61 22.07 -12.76
CA ARG J 127 33.68 22.15 -11.31
C ARG J 127 32.39 21.69 -10.64
N THR J 128 31.34 21.40 -11.41
CA THR J 128 30.03 21.10 -10.84
C THR J 128 29.86 19.65 -10.41
N LEU J 129 30.96 18.92 -10.17
CA LEU J 129 30.93 17.49 -9.94
C LEU J 129 31.47 17.07 -8.59
N TRP J 130 32.72 17.45 -8.27
CA TRP J 130 33.40 17.27 -6.98
C TRP J 130 33.75 15.85 -6.56
N ARG J 131 33.18 14.83 -7.20
CA ARG J 131 33.69 13.48 -6.98
C ARG J 131 33.71 12.64 -8.24
N ASN J 132 32.89 12.93 -9.24
CA ASN J 132 33.00 12.23 -10.52
C ASN J 132 34.16 12.76 -11.35
N ARG J 133 34.74 13.88 -10.95
CA ARG J 133 35.88 14.44 -11.69
C ARG J 133 37.14 13.61 -11.46
N VAL J 134 37.32 13.08 -10.25
CA VAL J 134 38.53 12.33 -9.93
C VAL J 134 38.41 10.91 -10.49
N GLY J 135 39.54 10.29 -10.76
CA GLY J 135 39.55 8.94 -11.30
C GLY J 135 39.11 8.84 -12.74
N ALA J 136 39.22 9.94 -13.48
CA ALA J 136 38.77 10.01 -14.87
C ALA J 136 39.93 10.37 -15.77
N GLU J 137 40.01 9.72 -16.93
CA GLU J 137 41.10 9.97 -17.86
C GLU J 137 40.90 11.29 -18.59
N SER J 138 39.80 11.42 -19.32
CA SER J 138 39.51 12.63 -20.08
C SER J 138 38.08 13.06 -19.85
N ILE J 139 37.88 14.36 -19.73
CA ILE J 139 36.56 14.98 -19.56
C ILE J 139 36.31 15.86 -20.77
N GLU J 140 35.06 15.87 -21.24
CA GLU J 140 34.74 16.66 -22.42
C GLU J 140 33.36 17.28 -22.26
N THR J 141 33.25 18.60 -22.37
CA THR J 141 32.01 19.29 -22.11
C THR J 141 31.46 19.90 -23.40
N VAL J 142 30.13 19.84 -23.55
CA VAL J 142 29.43 20.40 -24.69
C VAL J 142 28.41 21.41 -24.16
N ILE J 143 28.52 22.66 -24.64
CA ILE J 143 27.64 23.75 -24.23
C ILE J 143 26.87 24.21 -25.46
N THR J 144 25.54 24.18 -25.38
CA THR J 144 24.67 24.61 -26.45
C THR J 144 23.95 25.88 -26.04
N VAL J 145 24.13 26.95 -26.82
CA VAL J 145 23.43 28.21 -26.62
C VAL J 145 22.87 28.67 -27.96
N ASN J 146 21.58 29.03 -27.97
CA ASN J 146 20.73 29.50 -29.07
C ASN J 146 21.02 28.85 -30.44
N ASP J 147 20.99 27.52 -30.45
CA ASP J 147 21.35 26.67 -31.60
C ASP J 147 22.78 26.96 -32.08
N GLN J 148 23.72 26.73 -31.16
CA GLN J 148 25.14 26.91 -31.42
C GLN J 148 25.91 26.08 -30.39
N THR J 149 26.87 25.29 -30.86
CA THR J 149 27.51 24.25 -30.04
C THR J 149 28.98 24.58 -29.84
N PHE J 150 29.44 24.46 -28.58
CA PHE J 150 30.84 24.64 -28.23
C PHE J 150 31.33 23.41 -27.48
N THR J 151 32.58 23.03 -27.73
CA THR J 151 33.18 21.84 -27.15
C THR J 151 34.46 22.22 -26.42
N PHE J 152 34.60 21.75 -25.18
CA PHE J 152 35.73 22.07 -24.34
C PHE J 152 36.37 20.77 -23.86
N SER J 153 37.68 20.64 -24.09
CA SER J 153 38.39 19.40 -23.78
C SER J 153 39.21 19.49 -22.49
N ASP J 154 40.17 20.41 -22.43
CA ASP J 154 41.10 20.47 -21.30
C ASP J 154 41.16 21.89 -20.77
N LEU J 155 40.72 22.07 -19.53
CA LEU J 155 40.79 23.35 -18.84
C LEU J 155 41.22 23.11 -17.40
N LEU J 156 42.13 23.95 -16.91
CA LEU J 156 42.51 23.88 -15.51
C LEU J 156 41.38 24.39 -14.63
N VAL J 157 41.25 23.81 -13.44
CA VAL J 157 40.12 24.06 -12.55
C VAL J 157 40.39 25.24 -11.63
N ASN J 158 41.47 25.18 -10.85
CA ASN J 158 41.73 26.22 -9.86
C ASN J 158 42.26 27.50 -10.48
N GLU J 159 42.87 27.44 -11.65
CA GLU J 159 43.46 28.61 -12.29
C GLU J 159 42.58 29.01 -13.47
N PHE J 160 42.11 30.25 -13.47
CA PHE J 160 41.23 30.74 -14.52
C PHE J 160 42.02 31.10 -15.77
N ASP J 161 42.09 30.18 -16.73
CA ASP J 161 42.84 30.42 -17.95
C ASP J 161 42.08 31.37 -18.88
N GLU J 162 42.78 31.83 -19.91
CA GLU J 162 42.25 32.80 -20.86
C GLU J 162 42.27 32.18 -22.25
N ASP J 163 41.11 31.74 -22.74
CA ASP J 163 40.97 31.19 -24.08
C ASP J 163 39.97 32.02 -24.87
N VAL J 164 39.66 31.55 -26.09
CA VAL J 164 38.91 32.36 -27.04
C VAL J 164 37.45 31.93 -27.19
N ASP J 165 37.05 30.82 -26.59
CA ASP J 165 35.67 30.35 -26.73
C ASP J 165 34.82 30.58 -25.49
N VAL J 166 35.40 30.61 -24.31
CA VAL J 166 34.64 30.95 -23.10
C VAL J 166 34.27 32.43 -23.13
N ALA J 167 35.15 33.28 -23.65
CA ALA J 167 34.90 34.71 -23.75
C ALA J 167 33.79 35.07 -24.73
N GLU J 168 33.43 34.17 -25.64
CA GLU J 168 32.28 34.41 -26.52
C GLU J 168 30.96 34.24 -25.78
N ILE J 169 30.84 33.20 -24.95
CA ILE J 169 29.65 33.03 -24.12
C ILE J 169 29.63 34.08 -23.01
N ALA J 170 30.81 34.52 -22.56
CA ALA J 170 30.89 35.52 -21.51
C ALA J 170 30.32 36.87 -21.96
N ASP J 171 30.46 37.20 -23.26
CA ASP J 171 29.85 38.41 -23.78
C ASP J 171 28.33 38.31 -23.77
N MET J 172 27.78 37.13 -24.10
CA MET J 172 26.34 36.91 -24.04
C MET J 172 25.82 37.00 -22.62
N VAL J 173 26.57 36.47 -21.64
CA VAL J 173 26.14 36.54 -20.25
C VAL J 173 26.24 37.97 -19.72
N ALA J 174 27.31 38.69 -20.07
CA ALA J 174 27.47 40.07 -19.63
C ALA J 174 26.49 41.02 -20.32
N GLY J 175 25.97 40.65 -21.49
CA GLY J 175 24.91 41.42 -22.09
C GLY J 175 23.54 41.14 -21.53
N VAL J 176 23.43 40.21 -20.58
CA VAL J 176 22.18 39.90 -19.90
C VAL J 176 22.20 40.38 -18.45
N LEU J 177 23.30 40.10 -17.73
CA LEU J 177 23.38 40.46 -16.31
C LEU J 177 23.44 41.97 -16.09
N SER J 178 23.98 42.72 -17.05
CA SER J 178 24.05 44.16 -16.92
C SER J 178 22.85 44.87 -17.56
N GLY J 179 21.91 44.12 -18.12
CA GLY J 179 20.77 44.73 -18.80
C GLY J 179 19.44 44.10 -18.45
N GLU J 180 18.70 43.68 -19.46
CA GLU J 180 17.37 43.11 -19.28
C GLU J 180 17.21 41.94 -20.25
N GLY J 181 16.66 40.83 -19.75
CA GLY J 181 16.42 39.65 -20.55
C GLY J 181 16.91 38.41 -19.83
N PHE J 182 17.08 37.34 -20.60
CA PHE J 182 17.57 36.07 -20.07
C PHE J 182 18.36 35.36 -21.17
N VAL J 183 19.11 34.34 -20.75
CA VAL J 183 19.82 33.47 -21.66
C VAL J 183 19.80 32.06 -21.08
N THR J 184 19.96 31.06 -21.94
CA THR J 184 19.88 29.67 -21.54
C THR J 184 21.05 28.89 -22.11
N LEU J 185 21.68 28.07 -21.28
CA LEU J 185 22.75 27.17 -21.68
C LEU J 185 22.31 25.73 -21.43
N LYS J 186 22.64 24.84 -22.35
CA LYS J 186 22.41 23.41 -22.18
C LYS J 186 23.77 22.74 -22.07
N VAL J 187 24.03 22.06 -20.95
CA VAL J 187 25.36 21.57 -20.62
C VAL J 187 25.32 20.05 -20.55
N GLU J 188 26.25 19.41 -21.27
CA GLU J 188 26.43 17.96 -21.22
C GLU J 188 27.90 17.66 -20.93
N HIS J 189 28.15 16.84 -19.91
CA HIS J 189 29.50 16.44 -19.52
C HIS J 189 29.73 14.97 -19.86
N TYR J 190 30.89 14.69 -20.46
CA TYR J 190 31.32 13.37 -20.89
C TYR J 190 32.51 12.97 -20.05
N MET J 191 32.46 11.79 -19.42
CA MET J 191 33.52 11.36 -18.53
C MET J 191 33.97 9.96 -18.90
N LEU J 192 35.27 9.77 -19.08
CA LEU J 192 35.82 8.44 -19.36
C LEU J 192 36.35 7.89 -18.03
N LEU J 193 35.54 7.05 -17.38
CA LEU J 193 35.87 6.48 -16.08
C LEU J 193 36.41 5.05 -16.19
N GLY J 194 35.65 4.16 -16.78
CA GLY J 194 36.03 2.76 -16.87
C GLY J 194 34.81 1.87 -16.85
N GLU J 195 35.05 0.58 -17.03
CA GLU J 195 33.97 -0.39 -17.07
C GLU J 195 33.53 -0.76 -15.66
N GLY J 196 32.27 -0.48 -15.35
CA GLY J 196 31.71 -0.81 -14.05
C GLY J 196 32.28 -0.04 -12.89
N SER J 197 32.51 1.26 -13.07
CA SER J 197 33.06 2.10 -12.01
C SER J 197 31.96 2.54 -11.07
N GLU J 198 32.31 3.38 -10.10
CA GLU J 198 31.37 3.86 -9.09
C GLU J 198 31.14 5.35 -9.30
N VAL J 199 29.87 5.74 -9.37
CA VAL J 199 29.50 7.13 -9.58
C VAL J 199 28.75 7.64 -8.36
N PHE J 200 28.75 8.95 -8.19
CA PHE J 200 28.37 9.59 -6.93
C PHE J 200 27.22 10.57 -7.12
N PRO J 201 25.99 10.19 -6.83
CA PRO J 201 24.88 11.16 -6.84
C PRO J 201 24.87 12.03 -5.60
N SER J 202 23.85 12.86 -5.45
CA SER J 202 23.70 13.67 -4.25
C SER J 202 23.00 12.85 -3.17
N GLN J 203 23.34 13.15 -1.92
CA GLN J 203 22.84 12.41 -0.77
C GLN J 203 21.82 13.25 -0.02
N GLU J 204 20.73 12.62 0.40
CA GLU J 204 19.63 13.31 1.02
C GLU J 204 19.81 13.41 2.55
N PHE J 205 19.00 14.26 3.16
CA PHE J 205 18.92 14.40 4.61
C PHE J 205 17.79 13.50 5.09
N VAL J 206 18.15 12.27 5.44
CA VAL J 206 17.18 11.25 5.82
C VAL J 206 16.90 11.42 7.31
N GLU J 207 15.82 10.82 7.81
CA GLU J 207 15.50 10.77 9.23
C GLU J 207 16.34 9.71 9.94
N ASN J 208 15.94 9.33 11.15
CA ASN J 208 16.81 8.72 12.17
C ASN J 208 17.58 7.46 11.77
N SER J 209 16.89 6.34 11.52
CA SER J 209 17.63 5.10 11.27
C SER J 209 16.79 4.13 10.46
N LYS J 210 16.98 4.13 9.14
CA LYS J 210 16.62 2.99 8.30
C LYS J 210 17.76 2.61 7.37
N LEU J 211 18.47 3.59 6.83
CA LEU J 211 19.61 3.39 5.96
C LEU J 211 20.75 4.30 6.42
N SER J 212 21.97 3.82 6.29
CA SER J 212 23.12 4.65 6.64
C SER J 212 23.48 5.65 5.54
N LYS J 213 22.96 5.47 4.33
CA LYS J 213 23.24 6.38 3.22
C LYS J 213 22.11 6.23 2.21
N GLN J 214 21.34 7.30 2.01
CA GLN J 214 20.26 7.32 1.03
C GLN J 214 20.60 8.35 -0.04
N LEU J 215 20.52 7.93 -1.30
CA LEU J 215 20.88 8.77 -2.43
C LEU J 215 19.64 9.38 -3.07
N PHE J 216 19.84 10.50 -3.75
CA PHE J 216 18.75 11.25 -4.37
C PHE J 216 18.43 10.67 -5.74
N ASP J 217 17.16 10.37 -5.97
CA ASP J 217 16.74 9.73 -7.21
C ASP J 217 15.50 10.40 -7.77
N LEU J 218 15.48 10.59 -9.08
CA LEU J 218 14.32 11.09 -9.82
C LEU J 218 13.76 9.93 -10.63
N ASN J 219 12.62 9.39 -10.17
CA ASN J 219 11.96 8.23 -10.77
C ASN J 219 12.88 7.01 -10.85
N GLY J 220 13.67 6.79 -9.80
CA GLY J 220 14.56 5.65 -9.75
C GLY J 220 15.88 5.84 -10.46
N GLN J 221 16.19 7.03 -10.93
CA GLN J 221 17.41 7.32 -11.67
C GLN J 221 18.29 8.25 -10.86
N ALA J 222 19.59 7.94 -10.82
CA ALA J 222 20.54 8.72 -10.03
C ALA J 222 20.66 10.14 -10.57
N ALA J 223 20.62 11.11 -9.66
CA ALA J 223 20.60 12.51 -10.04
C ALA J 223 21.22 13.35 -8.94
N MET J 224 21.64 14.55 -9.30
CA MET J 224 22.21 15.50 -8.36
C MET J 224 21.20 16.57 -8.01
N HIS J 225 21.54 17.41 -7.03
CA HIS J 225 20.65 18.49 -6.62
C HIS J 225 21.01 19.75 -7.36
N ASP J 226 20.14 20.74 -7.32
CA ASP J 226 20.39 22.00 -8.03
C ASP J 226 21.20 22.96 -7.17
N GLN J 227 20.91 22.99 -5.87
CA GLN J 227 21.66 23.86 -4.96
C GLN J 227 23.09 23.40 -4.90
N LYS J 228 23.33 22.15 -5.30
CA LYS J 228 24.67 21.58 -5.30
C LYS J 228 25.47 22.03 -6.51
N ILE J 229 24.81 22.12 -7.68
CA ILE J 229 25.45 22.68 -8.87
C ILE J 229 25.62 24.18 -8.73
N GLY J 230 24.60 24.86 -8.20
CA GLY J 230 24.64 26.30 -8.02
C GLY J 230 25.70 26.78 -7.06
N ASN J 231 26.11 25.92 -6.12
CA ASN J 231 27.29 26.22 -5.32
C ASN J 231 28.55 26.28 -6.18
N ALA J 232 28.71 25.32 -7.09
CA ALA J 232 29.94 25.23 -7.86
C ALA J 232 30.00 26.24 -8.98
N ILE J 233 28.86 26.74 -9.45
CA ILE J 233 28.88 27.78 -10.48
C ILE J 233 29.46 29.08 -9.93
N ARG J 234 29.08 29.45 -8.71
CA ARG J 234 29.44 30.74 -8.16
C ARG J 234 30.75 30.73 -7.37
N THR J 235 31.49 29.62 -7.36
CA THR J 235 32.76 29.56 -6.63
C THR J 235 33.83 30.36 -7.35
N ILE J 236 33.81 31.68 -7.16
CA ILE J 236 34.67 32.60 -7.90
C ILE J 236 35.43 33.51 -6.95
N ASP J 237 35.13 33.43 -5.66
CA ASP J 237 35.59 34.41 -4.69
C ASP J 237 37.05 34.14 -4.33
N THR J 238 37.97 34.94 -4.88
CA THR J 238 39.39 34.89 -4.57
C THR J 238 39.88 36.22 -4.03
N TRP J 239 39.05 36.92 -3.24
CA TRP J 239 39.34 38.29 -2.87
C TRP J 239 39.51 38.52 -1.37
N TYR J 240 39.52 37.46 -0.56
CA TYR J 240 39.82 37.64 0.86
C TYR J 240 41.32 37.79 1.05
N GLU J 241 41.72 38.09 2.28
CA GLU J 241 43.14 38.24 2.60
C GLU J 241 43.82 36.88 2.60
N ASP J 242 45.06 36.87 2.11
CA ASP J 242 45.85 35.66 1.84
C ASP J 242 45.08 34.67 0.95
N ALA J 243 44.73 35.15 -0.24
CA ALA J 243 43.85 34.42 -1.15
C ALA J 243 44.62 33.29 -1.82
N THR J 244 44.28 32.06 -1.45
CA THR J 244 44.93 30.87 -2.02
C THR J 244 44.02 30.16 -3.02
N THR J 245 42.82 29.78 -2.61
CA THR J 245 41.88 29.05 -3.45
C THR J 245 40.55 29.79 -3.50
N PRO J 246 39.80 29.66 -4.61
CA PRO J 246 38.45 30.23 -4.64
C PRO J 246 37.49 29.55 -3.68
N ILE J 247 36.67 30.36 -3.03
CA ILE J 247 35.60 29.86 -2.16
C ILE J 247 34.27 30.32 -2.73
N ALA J 248 33.17 29.83 -2.17
CA ALA J 248 31.85 30.23 -2.61
C ALA J 248 31.55 31.66 -2.14
N VAL J 249 30.77 32.38 -2.95
CA VAL J 249 30.43 33.76 -2.64
C VAL J 249 29.33 33.74 -1.57
N GLU J 250 29.67 34.21 -0.38
CA GLU J 250 28.78 34.27 0.76
C GLU J 250 28.85 35.65 1.38
N PRO J 251 27.80 36.08 2.10
CA PRO J 251 27.89 37.37 2.82
C PRO J 251 28.98 37.41 3.87
N TYR J 252 29.25 36.31 4.55
CA TYR J 252 30.31 36.26 5.55
C TYR J 252 31.50 35.43 5.09
N GLY J 253 31.46 34.87 3.88
CA GLY J 253 32.52 34.00 3.42
C GLY J 253 32.64 32.71 4.19
N SER J 254 31.52 32.19 4.70
CA SER J 254 31.58 31.04 5.59
C SER J 254 31.69 29.74 4.81
N VAL J 255 32.57 28.86 5.26
CA VAL J 255 32.62 27.48 4.80
C VAL J 255 32.41 26.59 6.02
N VAL J 256 31.36 25.76 5.99
CA VAL J 256 31.03 24.94 7.16
C VAL J 256 31.72 23.60 7.15
N ARG J 257 32.34 23.21 6.03
CA ARG J 257 33.12 21.98 6.01
C ARG J 257 34.41 22.14 6.81
N ASN J 258 35.09 23.26 6.64
CA ASN J 258 36.32 23.54 7.37
C ASN J 258 36.07 24.26 8.69
N GLY J 259 34.85 24.72 8.93
CA GLY J 259 34.51 25.37 10.19
C GLY J 259 35.16 26.71 10.44
N VAL J 260 35.27 27.56 9.41
CA VAL J 260 35.84 28.89 9.58
C VAL J 260 34.96 29.92 8.88
N ALA J 261 35.39 31.19 8.92
CA ALA J 261 34.71 32.26 8.21
C ALA J 261 35.78 33.22 7.72
N TYR J 262 36.06 33.19 6.42
CA TYR J 262 37.20 33.91 5.87
C TYR J 262 36.96 35.41 5.81
N ARG J 263 35.71 35.84 5.62
CA ARG J 263 35.41 37.25 5.44
C ARG J 263 34.87 37.92 6.69
N ALA J 264 34.30 37.16 7.62
CA ALA J 264 33.70 37.75 8.80
C ALA J 264 34.73 38.07 9.87
N GLY J 265 34.54 39.20 10.54
CA GLY J 265 35.32 39.56 11.70
C GLY J 265 36.43 40.56 11.48
N ASN J 266 36.58 41.11 10.27
CA ASN J 266 37.64 42.09 10.04
C ASN J 266 37.17 43.24 9.15
N LYS J 267 35.89 43.61 9.26
CA LYS J 267 35.28 44.76 8.56
C LYS J 267 35.42 44.65 7.04
N THR J 268 35.20 43.45 6.52
CA THR J 268 35.37 43.20 5.09
C THR J 268 34.13 42.47 4.54
N ASP J 269 33.17 42.15 5.40
CA ASP J 269 31.99 41.38 5.00
C ASP J 269 31.03 42.23 4.17
N LEU J 270 29.88 41.64 3.82
CA LEU J 270 28.91 42.31 2.97
C LEU J 270 28.26 43.49 3.67
N PHE J 271 27.90 43.33 4.94
CA PHE J 271 27.04 44.31 5.60
C PHE J 271 27.78 45.58 5.99
N THR J 272 29.12 45.59 5.89
CA THR J 272 29.90 46.81 6.03
C THR J 272 30.20 47.46 4.70
N LEU J 273 30.53 46.65 3.68
CA LEU J 273 30.80 47.20 2.34
C LEU J 273 29.55 47.78 1.70
N MET J 274 28.39 47.19 1.94
CA MET J 274 27.15 47.75 1.42
C MET J 274 26.79 49.06 2.11
N ASP J 275 26.96 49.13 3.42
CA ASP J 275 26.63 50.35 4.15
C ASP J 275 27.63 51.47 3.89
N GLY J 276 28.87 51.14 3.54
CA GLY J 276 29.82 52.16 3.14
C GLY J 276 29.47 52.82 1.83
N ALA J 277 29.00 52.02 0.86
CA ALA J 277 28.74 52.55 -0.49
C ALA J 277 27.52 53.45 -0.52
N VAL J 278 26.52 53.16 0.31
CA VAL J 278 25.31 53.99 0.34
C VAL J 278 25.60 55.35 0.94
N ASN J 279 26.38 55.38 2.02
CA ASN J 279 26.66 56.64 2.72
C ASN J 279 27.61 57.55 1.94
N GLY J 280 28.43 56.99 1.05
CA GLY J 280 29.24 57.83 0.18
C GLY J 280 30.70 57.42 0.06
N LYS J 281 31.10 56.37 0.76
CA LYS J 281 32.48 55.92 0.72
C LYS J 281 32.78 55.23 -0.61
N SER J 282 33.91 55.59 -1.22
CA SER J 282 34.31 55.00 -2.49
C SER J 282 34.81 53.58 -2.28
N LEU J 283 34.56 52.74 -3.28
CA LEU J 283 34.94 51.33 -3.26
C LEU J 283 36.05 51.06 -4.27
N THR J 284 36.74 49.95 -4.05
CA THR J 284 37.81 49.51 -4.95
C THR J 284 37.19 48.71 -6.10
N GLU J 285 38.04 48.02 -6.86
CA GLU J 285 37.60 47.34 -8.08
C GLU J 285 37.35 45.85 -7.88
N GLU J 286 37.33 45.37 -6.64
CA GLU J 286 36.98 43.99 -6.37
C GLU J 286 35.86 43.81 -5.35
N ASP J 287 35.70 44.74 -4.40
CA ASP J 287 34.55 44.67 -3.50
C ASP J 287 33.26 45.00 -4.23
N GLN J 288 33.33 45.81 -5.30
CA GLN J 288 32.18 46.01 -6.17
C GLN J 288 31.75 44.70 -6.83
N MET J 289 32.72 43.92 -7.31
CA MET J 289 32.41 42.60 -7.86
C MET J 289 31.88 41.66 -6.78
N PHE J 290 32.38 41.78 -5.55
CA PHE J 290 31.89 40.94 -4.45
C PHE J 290 30.43 41.24 -4.13
N VAL J 291 30.07 42.52 -4.00
CA VAL J 291 28.69 42.90 -3.70
C VAL J 291 27.77 42.58 -4.87
N THR J 292 28.25 42.77 -6.11
CA THR J 292 27.46 42.44 -7.28
C THR J 292 27.21 40.93 -7.39
N ALA J 293 28.23 40.12 -7.08
CA ALA J 293 28.04 38.67 -7.10
C ALA J 293 27.13 38.21 -5.98
N ASN J 294 27.13 38.92 -4.85
CA ASN J 294 26.18 38.61 -3.79
C ASN J 294 24.76 38.99 -4.15
N LEU J 295 24.57 40.09 -4.88
CA LEU J 295 23.23 40.44 -5.36
C LEU J 295 22.76 39.46 -6.43
N ILE J 296 23.67 38.96 -7.27
CA ILE J 296 23.33 37.93 -8.23
C ILE J 296 22.98 36.62 -7.52
N ARG J 297 23.70 36.29 -6.45
CA ARG J 297 23.40 35.11 -5.65
C ARG J 297 22.05 35.21 -4.97
N GLY J 298 21.69 36.40 -4.48
CA GLY J 298 20.45 36.59 -3.77
C GLY J 298 20.66 36.60 -2.27
N GLY J 299 19.55 36.57 -1.55
CA GLY J 299 19.63 36.52 -0.10
C GLY J 299 18.82 37.57 0.60
N VAL J 300 19.02 37.69 1.92
CA VAL J 300 18.25 38.59 2.79
C VAL J 300 19.19 39.57 3.46
N PHE J 301 19.12 40.84 3.10
CA PHE J 301 20.07 41.84 3.55
C PHE J 301 19.32 42.93 4.32
N GLY J 302 19.06 42.66 5.59
CA GLY J 302 18.34 43.63 6.41
C GLY J 302 18.11 43.18 7.83
N GLY J 303 18.35 44.07 8.78
CA GLY J 303 18.19 43.75 10.19
C GLY J 303 16.74 43.77 10.64
N THR K 2 1.22 -56.12 23.16
CA THR K 2 2.17 -55.87 22.09
C THR K 2 1.84 -54.59 21.36
N LYS K 3 0.71 -54.57 20.66
CA LYS K 3 0.28 -53.38 19.91
C LYS K 3 1.40 -52.63 19.18
N LEU K 4 2.13 -53.32 18.32
CA LEU K 4 3.16 -52.67 17.54
C LEU K 4 2.51 -51.96 16.37
N LYS K 5 2.77 -50.67 16.24
CA LYS K 5 2.16 -49.90 15.17
C LYS K 5 3.10 -49.79 13.99
N ALA K 6 2.54 -49.66 12.79
CA ALA K 6 3.36 -49.51 11.60
C ALA K 6 4.03 -48.15 11.59
N PRO K 7 5.31 -48.11 11.21
CA PRO K 7 5.95 -46.79 11.09
C PRO K 7 5.18 -45.96 10.07
N ALA K 8 5.01 -44.67 10.35
CA ALA K 8 4.29 -43.78 9.44
C ALA K 8 4.81 -43.90 8.01
N VAL K 9 6.12 -44.08 7.85
CA VAL K 9 6.70 -44.24 6.53
C VAL K 9 7.42 -45.57 6.35
N LEU K 10 6.67 -46.65 6.20
CA LEU K 10 7.30 -47.94 5.94
C LEU K 10 7.11 -48.29 4.48
N ALA K 11 8.21 -48.47 3.75
CA ALA K 11 8.11 -48.74 2.32
C ALA K 11 8.95 -49.92 1.87
N TYR K 12 8.49 -50.60 0.82
CA TYR K 12 9.22 -51.76 0.29
C TYR K 12 9.45 -51.58 -1.21
N SER K 13 10.33 -52.38 -1.78
CA SER K 13 10.66 -52.23 -3.20
C SER K 13 10.24 -53.44 -4.04
N ARG K 14 10.41 -53.34 -5.35
CA ARG K 14 10.06 -54.44 -6.24
C ARG K 14 11.21 -55.41 -6.40
N LYS K 15 10.91 -56.70 -6.43
CA LYS K 15 11.94 -57.72 -6.57
C LYS K 15 11.97 -58.29 -7.99
N ILE K 16 10.80 -58.60 -8.53
CA ILE K 16 10.73 -59.09 -9.89
C ILE K 16 10.66 -57.92 -10.84
N ASN K 17 11.75 -57.69 -11.58
CA ASN K 17 11.79 -56.54 -12.48
C ASN K 17 11.89 -56.95 -13.95
N PRO K 18 10.80 -56.74 -14.70
CA PRO K 18 10.85 -57.06 -16.13
C PRO K 18 11.29 -55.88 -16.99
N THR K 19 11.61 -56.13 -18.26
CA THR K 19 12.00 -55.06 -19.16
C THR K 19 10.86 -54.84 -20.14
N ASN K 20 11.10 -54.01 -21.16
CA ASN K 20 10.08 -53.79 -22.18
C ASN K 20 10.18 -54.84 -23.26
N ALA K 21 9.06 -55.18 -23.88
CA ALA K 21 9.07 -56.18 -24.95
C ALA K 21 9.48 -55.51 -26.25
N LEU K 22 9.95 -56.31 -27.21
CA LEU K 22 10.35 -55.77 -28.50
C LEU K 22 9.73 -56.61 -29.62
N MET K 23 8.86 -56.01 -30.42
CA MET K 23 8.18 -56.75 -31.47
C MET K 23 9.01 -56.85 -32.75
N PHE K 24 9.24 -58.07 -33.22
CA PHE K 24 10.00 -58.28 -34.45
C PHE K 24 9.27 -59.23 -35.36
N ALA K 25 9.70 -59.31 -36.61
CA ALA K 25 9.02 -60.17 -37.56
C ALA K 25 9.95 -61.17 -38.22
N VAL K 26 9.87 -62.43 -37.83
CA VAL K 26 10.69 -63.46 -38.46
C VAL K 26 9.80 -64.42 -39.19
N ASN K 27 10.35 -65.54 -39.63
CA ASN K 27 9.52 -66.57 -40.24
C ASN K 27 9.62 -67.75 -39.30
N TRP K 28 8.61 -68.61 -39.29
CA TRP K 28 8.60 -69.74 -38.37
C TRP K 28 9.81 -70.62 -38.64
N SER K 29 10.06 -70.89 -39.90
CA SER K 29 11.24 -71.69 -40.26
C SER K 29 12.49 -70.84 -40.17
N ASP K 30 12.46 -69.66 -40.78
CA ASP K 30 13.64 -68.80 -40.79
C ASP K 30 13.62 -67.76 -39.69
N ARG K 31 14.07 -68.15 -38.50
CA ARG K 31 14.09 -67.22 -37.37
C ARG K 31 15.40 -66.47 -37.29
N ASP K 32 15.73 -65.72 -38.33
CA ASP K 32 16.98 -64.98 -38.35
C ASP K 32 16.80 -63.64 -39.06
N ASN K 33 15.63 -63.44 -39.65
CA ASN K 33 15.37 -62.21 -40.36
C ASN K 33 14.48 -61.28 -39.55
N THR K 34 14.84 -61.05 -38.30
CA THR K 34 14.05 -60.20 -37.42
C THR K 34 13.84 -58.85 -38.08
N THR K 35 12.58 -58.44 -38.20
CA THR K 35 12.29 -57.18 -38.88
C THR K 35 11.62 -56.18 -37.98
N ALA K 36 12.18 -54.98 -37.91
CA ALA K 36 11.61 -53.92 -37.10
C ALA K 36 10.15 -53.65 -37.44
N VAL K 37 9.24 -53.95 -36.52
CA VAL K 37 7.84 -53.62 -36.75
C VAL K 37 7.66 -52.19 -36.31
N MET K 38 7.33 -51.30 -37.24
CA MET K 38 7.21 -49.88 -36.89
C MET K 38 5.78 -49.41 -36.72
N VAL K 39 5.62 -48.14 -36.36
CA VAL K 39 4.29 -47.57 -36.16
C VAL K 39 4.03 -46.44 -37.16
N GLY K 40 3.04 -46.60 -38.03
CA GLY K 40 2.70 -45.56 -38.98
C GLY K 40 1.53 -44.72 -38.54
N THR K 41 1.35 -43.61 -39.25
CA THR K 41 0.26 -42.67 -39.00
C THR K 41 -0.76 -42.74 -40.12
N LYS K 42 -1.97 -42.29 -39.81
CA LYS K 42 -3.07 -42.29 -40.78
C LYS K 42 -3.91 -41.04 -40.53
N THR K 43 -4.35 -40.41 -41.62
CA THR K 43 -5.12 -39.14 -41.58
C THR K 43 -5.91 -38.68 -40.37
N VAL K 44 -7.22 -38.87 -40.38
CA VAL K 44 -8.12 -38.47 -39.28
C VAL K 44 -7.71 -37.27 -38.41
N ALA K 45 -8.24 -36.08 -38.70
CA ALA K 45 -8.08 -34.90 -37.84
C ALA K 45 -9.24 -33.94 -38.07
N GLY K 46 -9.62 -33.12 -37.08
CA GLY K 46 -10.68 -32.17 -37.35
C GLY K 46 -12.06 -32.72 -37.08
N THR K 47 -13.06 -31.84 -37.03
CA THR K 47 -14.45 -32.23 -36.82
C THR K 47 -14.60 -33.02 -35.52
N GLN K 48 -14.36 -32.36 -34.39
CA GLN K 48 -14.42 -33.01 -33.08
C GLN K 48 -15.83 -33.56 -32.88
N SER K 49 -16.85 -32.73 -33.11
CA SER K 49 -18.22 -33.17 -33.42
C SER K 49 -18.85 -34.03 -32.32
N VAL K 50 -19.09 -33.41 -31.19
CA VAL K 50 -20.06 -33.91 -30.22
C VAL K 50 -21.35 -33.12 -30.45
N ARG K 51 -22.46 -33.57 -29.86
CA ARG K 51 -23.72 -32.84 -29.99
C ARG K 51 -23.63 -31.55 -29.19
N GLY K 52 -24.08 -30.44 -29.76
CA GLY K 52 -24.01 -29.14 -29.10
C GLY K 52 -22.65 -28.87 -28.48
N ASN K 53 -22.58 -28.80 -27.15
CA ASN K 53 -21.31 -28.57 -26.45
C ASN K 53 -20.49 -27.46 -27.08
N PRO K 54 -21.02 -26.24 -27.06
CA PRO K 54 -20.35 -25.12 -27.71
C PRO K 54 -19.00 -24.80 -27.11
N ASN K 55 -18.72 -25.28 -25.89
CA ASN K 55 -17.42 -25.01 -25.29
C ASN K 55 -16.30 -25.80 -25.94
N ASP K 56 -16.38 -27.14 -25.90
CA ASP K 56 -15.33 -27.98 -26.46
C ASP K 56 -15.63 -28.37 -27.91
N ALA K 57 -15.91 -27.35 -28.71
CA ALA K 57 -16.04 -27.51 -30.16
C ALA K 57 -14.91 -26.82 -30.93
N ASP K 58 -14.26 -25.82 -30.33
CA ASP K 58 -13.11 -25.17 -30.93
C ASP K 58 -11.92 -26.11 -31.10
N LYS K 59 -11.70 -27.01 -30.13
CA LYS K 59 -10.58 -27.98 -30.15
C LYS K 59 -9.56 -27.98 -31.29
N GLY K 60 -8.40 -27.36 -31.07
CA GLY K 60 -7.34 -27.37 -32.07
C GLY K 60 -6.88 -28.78 -32.35
N ASN K 61 -6.55 -29.10 -33.60
CA ASN K 61 -6.20 -30.47 -33.93
C ASN K 61 -4.75 -30.77 -34.25
N ILE K 62 -4.07 -31.50 -33.38
CA ILE K 62 -2.70 -31.93 -33.65
C ILE K 62 -2.77 -33.43 -33.73
N GLN K 63 -3.73 -33.93 -34.52
CA GLN K 63 -4.02 -35.38 -34.60
C GLN K 63 -3.59 -36.28 -35.75
N THR K 64 -3.28 -37.55 -35.44
CA THR K 64 -2.98 -38.54 -36.47
C THR K 64 -3.11 -39.85 -35.70
N VAL K 65 -4.02 -40.75 -36.08
CA VAL K 65 -4.07 -42.03 -35.38
C VAL K 65 -2.82 -42.82 -35.72
N ASN K 66 -2.49 -43.76 -34.85
CA ASN K 66 -1.31 -44.58 -35.06
C ASN K 66 -1.74 -46.02 -35.25
N PHE K 67 -1.06 -46.74 -36.13
CA PHE K 67 -1.39 -48.13 -36.38
C PHE K 67 -0.12 -48.93 -36.63
N ALA K 68 -0.19 -50.24 -36.44
CA ALA K 68 0.97 -51.09 -36.67
C ALA K 68 0.53 -52.44 -37.22
N ASN K 69 1.23 -52.94 -38.23
CA ASN K 69 0.87 -54.22 -38.84
C ASN K 69 2.08 -55.10 -39.08
N LEU K 70 1.86 -56.38 -39.36
CA LEU K 70 2.95 -57.32 -39.61
C LEU K 70 3.45 -57.22 -41.05
N PRO K 71 4.81 -57.16 -41.27
CA PRO K 71 5.19 -57.15 -42.70
C PRO K 71 4.59 -58.30 -43.50
N HIS K 72 4.12 -58.02 -44.71
CA HIS K 72 3.48 -59.05 -45.54
C HIS K 72 4.43 -60.07 -46.15
N ASN K 73 5.70 -60.03 -45.76
CA ASN K 73 6.66 -60.99 -46.27
C ASN K 73 6.88 -62.05 -45.22
N LYS K 74 6.51 -61.76 -43.99
CA LYS K 74 6.73 -62.71 -42.90
C LYS K 74 5.43 -63.04 -42.19
N ASN K 75 5.48 -63.98 -41.24
CA ASN K 75 4.26 -64.42 -40.58
C ASN K 75 4.43 -64.68 -39.09
N THR K 76 5.64 -64.53 -38.58
CA THR K 76 5.89 -64.86 -37.18
C THR K 76 6.28 -63.67 -36.30
N LEU K 77 5.50 -63.43 -35.24
CA LEU K 77 5.83 -62.34 -34.33
C LEU K 77 6.84 -62.78 -33.28
N LEU K 78 7.93 -62.01 -33.15
CA LEU K 78 8.93 -62.31 -32.15
C LEU K 78 8.81 -61.29 -31.03
N VAL K 79 8.35 -61.71 -29.86
CA VAL K 79 8.29 -60.81 -28.72
C VAL K 79 9.50 -61.08 -27.84
N LYS K 80 10.22 -60.04 -27.43
CA LYS K 80 11.45 -60.25 -26.67
C LYS K 80 11.64 -59.39 -25.43
N TYR K 81 11.73 -60.01 -24.26
CA TYR K 81 11.97 -59.26 -23.02
C TYR K 81 12.82 -60.07 -22.04
N ASN K 82 13.27 -59.43 -20.97
CA ASN K 82 14.06 -60.13 -19.95
C ASN K 82 13.45 -59.91 -18.57
N VAL K 83 13.61 -60.89 -17.68
CA VAL K 83 13.09 -60.75 -16.32
C VAL K 83 14.17 -60.95 -15.26
N LYS K 84 14.44 -59.91 -14.48
CA LYS K 84 15.44 -60.02 -13.42
C LYS K 84 14.82 -60.24 -12.06
N PHE K 85 15.01 -61.42 -11.49
CA PHE K 85 14.50 -61.72 -10.16
C PHE K 85 15.60 -61.34 -9.19
N VAL K 86 15.24 -60.68 -8.09
CA VAL K 86 16.23 -60.29 -7.10
C VAL K 86 15.86 -60.80 -5.71
N GLY K 87 16.86 -60.99 -4.85
CA GLY K 87 16.60 -61.55 -3.53
C GLY K 87 16.31 -60.55 -2.43
N ASP K 88 16.58 -60.92 -1.18
CA ASP K 88 16.30 -60.05 -0.03
C ASP K 88 14.90 -59.45 -0.06
N VAL K 89 13.89 -60.30 0.00
CA VAL K 89 12.50 -59.83 -0.08
C VAL K 89 12.03 -59.15 1.21
N PHE K 90 12.93 -59.02 2.17
CA PHE K 90 12.57 -58.40 3.45
C PHE K 90 13.32 -57.10 3.67
N LYS K 91 13.49 -56.32 2.62
CA LYS K 91 14.23 -55.07 2.72
C LYS K 91 13.32 -53.86 2.86
N ALA K 92 13.14 -53.38 4.08
CA ALA K 92 12.32 -52.19 4.30
C ALA K 92 13.15 -50.95 4.06
N GLU K 93 13.03 -50.37 2.87
CA GLU K 93 13.78 -49.17 2.53
C GLU K 93 13.48 -48.06 3.48
N LEU K 94 12.23 -47.62 3.51
CA LEU K 94 11.84 -46.60 4.45
C LEU K 94 11.33 -47.32 5.67
N GLY K 95 11.51 -46.72 6.85
CA GLY K 95 11.08 -47.37 8.08
C GLY K 95 11.99 -48.52 8.46
N GLY K 96 11.42 -49.56 9.05
CA GLY K 96 12.20 -50.71 9.45
C GLY K 96 12.53 -50.67 10.93
N GLY K 97 11.59 -50.20 11.73
CA GLY K 97 11.81 -50.11 13.16
C GLY K 97 11.10 -51.18 13.95
N GLU K 98 11.72 -52.36 14.08
CA GLU K 98 11.11 -53.47 14.82
C GLU K 98 9.65 -53.73 14.52
N TYR K 99 9.29 -53.71 13.24
CA TYR K 99 7.91 -53.98 12.85
C TYR K 99 8.03 -54.80 11.60
N SER K 100 8.89 -54.37 10.69
CA SER K 100 9.12 -55.14 9.49
C SER K 100 9.98 -56.32 9.88
N ASN K 101 10.74 -56.17 10.95
CA ASN K 101 11.57 -57.25 11.45
C ASN K 101 10.69 -58.31 12.09
N THR K 102 9.62 -57.88 12.76
CA THR K 102 8.70 -58.86 13.33
C THR K 102 7.88 -59.52 12.23
N LEU K 103 7.61 -58.79 11.15
CA LEU K 103 6.91 -59.38 10.03
C LEU K 103 7.82 -60.37 9.34
N GLN K 104 9.12 -60.11 9.34
CA GLN K 104 10.07 -61.04 8.76
C GLN K 104 10.06 -62.33 9.55
N THR K 105 10.01 -62.22 10.88
CA THR K 105 9.98 -63.41 11.73
C THR K 105 8.60 -64.05 11.80
N ALA K 106 7.64 -63.53 11.04
CA ALA K 106 6.32 -64.15 10.99
C ALA K 106 6.18 -64.75 9.61
N LEU K 107 6.99 -64.28 8.67
CA LEU K 107 6.90 -64.77 7.30
C LEU K 107 8.13 -65.57 6.91
N GLU K 108 8.67 -66.34 7.84
CA GLU K 108 9.82 -67.17 7.52
C GLU K 108 9.34 -68.53 7.06
N ASN K 109 8.20 -68.97 7.60
CA ASN K 109 7.66 -70.28 7.23
C ASN K 109 6.81 -70.20 5.98
N THR K 110 7.14 -69.27 5.09
CA THR K 110 6.37 -69.11 3.87
C THR K 110 6.88 -70.00 2.75
N ASP K 111 5.99 -70.58 1.98
CA ASP K 111 6.39 -71.45 0.89
C ASP K 111 6.74 -70.67 -0.35
N PHE K 112 8.03 -70.38 -0.53
CA PHE K 112 8.48 -69.66 -1.70
C PHE K 112 8.34 -70.54 -2.94
N GLY K 113 8.42 -71.86 -2.75
CA GLY K 113 8.30 -72.78 -3.86
C GLY K 113 7.04 -72.61 -4.67
N THR K 114 5.90 -72.49 -4.00
CA THR K 114 4.63 -72.30 -4.69
C THR K 114 4.67 -71.04 -5.54
N LEU K 115 4.99 -69.92 -4.92
CA LEU K 115 5.08 -68.66 -5.64
C LEU K 115 6.01 -68.79 -6.83
N ALA K 116 7.21 -69.32 -6.60
CA ALA K 116 8.19 -69.49 -7.67
C ALA K 116 7.61 -70.22 -8.86
N TYR K 117 7.05 -71.41 -8.64
CA TYR K 117 6.45 -72.17 -9.72
C TYR K 117 5.45 -71.34 -10.48
N ARG K 118 4.53 -70.71 -9.77
CA ARG K 118 3.50 -69.92 -10.41
C ARG K 118 4.04 -68.78 -11.28
N TYR K 119 5.07 -68.08 -10.81
CA TYR K 119 5.66 -67.00 -11.60
C TYR K 119 6.19 -67.53 -12.92
N VAL K 120 6.98 -68.61 -12.85
CA VAL K 120 7.50 -69.20 -14.07
C VAL K 120 6.38 -69.71 -14.96
N TYR K 121 5.35 -70.28 -14.36
CA TYR K 121 4.22 -70.78 -15.12
C TYR K 121 3.55 -69.68 -15.93
N ASN K 122 3.41 -68.49 -15.36
CA ASN K 122 2.83 -67.36 -16.09
C ASN K 122 3.61 -67.10 -17.36
N ILE K 123 4.93 -67.03 -17.26
CA ILE K 123 5.77 -66.82 -18.44
C ILE K 123 5.57 -67.94 -19.46
N ALA K 124 5.65 -69.19 -19.02
CA ALA K 124 5.50 -70.33 -19.93
C ALA K 124 4.14 -70.36 -20.61
N ALA K 125 3.10 -69.92 -19.92
CA ALA K 125 1.76 -69.89 -20.52
C ALA K 125 1.64 -68.81 -21.57
N GLY K 126 2.24 -67.65 -21.31
CA GLY K 126 2.16 -66.55 -22.26
C GLY K 126 0.97 -65.67 -21.94
N ARG K 127 1.00 -65.03 -20.78
CA ARG K 127 -0.09 -64.16 -20.38
C ARG K 127 0.22 -62.72 -20.76
N THR K 128 1.49 -62.42 -20.99
CA THR K 128 1.90 -61.05 -21.30
C THR K 128 1.25 -60.45 -22.54
N LEU K 129 1.08 -61.25 -23.59
CA LEU K 129 0.48 -60.78 -24.85
C LEU K 129 -0.80 -60.01 -24.58
N TRP K 130 -1.77 -60.65 -23.91
CA TRP K 130 -3.02 -59.99 -23.52
C TRP K 130 -3.90 -59.44 -24.64
N ARG K 131 -3.49 -59.66 -25.90
CA ARG K 131 -4.27 -59.17 -27.04
C ARG K 131 -3.84 -59.91 -28.28
N ASN K 132 -2.53 -60.12 -28.41
CA ASN K 132 -2.01 -60.83 -29.58
C ASN K 132 -2.22 -62.32 -29.40
N ARG K 133 -2.42 -62.75 -28.16
CA ARG K 133 -2.64 -64.17 -27.88
C ARG K 133 -3.81 -64.72 -28.66
N VAL K 134 -4.91 -63.99 -28.67
CA VAL K 134 -6.11 -64.45 -29.36
C VAL K 134 -5.89 -64.55 -30.88
N GLY K 135 -6.09 -65.75 -31.42
CA GLY K 135 -6.06 -65.96 -32.85
C GLY K 135 -4.75 -66.53 -33.35
N ALA K 136 -3.82 -66.78 -32.45
CA ALA K 136 -2.53 -67.32 -32.84
C ALA K 136 -2.63 -68.79 -33.22
N GLU K 137 -1.77 -69.23 -34.14
CA GLU K 137 -1.79 -70.62 -34.54
C GLU K 137 -0.94 -71.44 -33.59
N SER K 138 0.30 -71.02 -33.38
CA SER K 138 1.20 -71.75 -32.49
C SER K 138 2.10 -70.80 -31.72
N ILE K 139 2.19 -70.97 -30.41
CA ILE K 139 3.08 -70.13 -29.61
C ILE K 139 4.27 -70.93 -29.08
N GLU K 140 5.46 -70.33 -29.09
CA GLU K 140 6.66 -71.04 -28.64
C GLU K 140 7.50 -70.17 -27.72
N THR K 141 7.44 -70.42 -26.41
CA THR K 141 8.15 -69.56 -25.45
C THR K 141 9.50 -70.13 -25.03
N VAL K 142 10.58 -69.55 -25.55
CA VAL K 142 11.91 -70.03 -25.22
C VAL K 142 12.48 -69.26 -24.05
N ILE K 143 12.65 -69.93 -22.91
CA ILE K 143 13.19 -69.28 -21.73
C ILE K 143 14.64 -69.65 -21.48
N THR K 144 15.55 -68.75 -21.79
CA THR K 144 16.96 -69.00 -21.57
C THR K 144 17.39 -68.60 -20.17
N VAL K 145 17.21 -69.49 -19.21
CA VAL K 145 17.63 -69.21 -17.85
C VAL K 145 19.07 -69.69 -17.73
N ASN K 146 19.98 -68.86 -17.25
CA ASN K 146 21.42 -69.20 -17.20
C ASN K 146 21.92 -70.13 -18.31
N ASP K 147 21.89 -69.66 -19.55
CA ASP K 147 22.36 -70.46 -20.69
C ASP K 147 21.68 -71.81 -20.90
N GLN K 148 20.41 -71.92 -20.56
CA GLN K 148 19.68 -73.16 -20.79
C GLN K 148 18.37 -72.81 -21.48
N THR K 149 18.38 -72.78 -22.80
CA THR K 149 17.17 -72.46 -23.54
C THR K 149 16.11 -73.51 -23.28
N PHE K 150 14.97 -73.07 -22.76
CA PHE K 150 13.91 -74.00 -22.43
C PHE K 150 12.65 -73.65 -23.20
N THR K 151 12.43 -74.33 -24.32
CA THR K 151 11.28 -74.02 -25.15
C THR K 151 9.99 -74.61 -24.61
N PHE K 152 9.02 -73.75 -24.34
CA PHE K 152 7.72 -74.22 -23.90
C PHE K 152 6.75 -73.94 -25.02
N SER K 153 5.51 -74.39 -24.87
CA SER K 153 4.53 -74.21 -25.94
C SER K 153 3.12 -74.05 -25.43
N ASP K 154 2.34 -75.13 -25.49
CA ASP K 154 0.94 -75.05 -25.09
C ASP K 154 0.74 -75.32 -23.60
N LEU K 155 0.62 -74.26 -22.82
CA LEU K 155 0.35 -74.43 -21.39
C LEU K 155 -0.86 -73.57 -21.03
N LEU K 156 -1.75 -74.12 -20.23
CA LEU K 156 -2.97 -73.40 -19.86
C LEU K 156 -2.64 -72.10 -19.14
N VAL K 157 -3.44 -71.07 -19.39
CA VAL K 157 -3.21 -69.82 -18.69
C VAL K 157 -3.69 -69.92 -17.25
N ASN K 158 -4.99 -70.05 -17.05
CA ASN K 158 -5.53 -70.08 -15.69
C ASN K 158 -5.12 -71.29 -14.89
N GLU K 159 -5.55 -72.47 -15.32
CA GLU K 159 -5.25 -73.69 -14.57
C GLU K 159 -3.76 -73.94 -14.51
N PHE K 160 -3.23 -74.00 -13.30
CA PHE K 160 -1.81 -74.27 -13.12
C PHE K 160 -1.54 -75.75 -13.32
N ASP K 161 -1.02 -76.11 -14.48
CA ASP K 161 -0.72 -77.51 -14.77
C ASP K 161 0.62 -77.92 -14.19
N GLU K 162 0.90 -79.21 -14.20
CA GLU K 162 2.17 -79.69 -13.68
C GLU K 162 3.19 -79.95 -14.78
N ASP K 163 4.39 -79.43 -14.60
CA ASP K 163 5.45 -79.61 -15.58
C ASP K 163 6.80 -79.65 -14.90
N VAL K 164 7.62 -80.64 -15.25
CA VAL K 164 8.94 -80.79 -14.64
C VAL K 164 9.85 -79.61 -14.98
N ASP K 165 9.82 -79.16 -16.23
CA ASP K 165 10.70 -78.08 -16.64
C ASP K 165 10.35 -76.76 -16.00
N VAL K 166 9.06 -76.48 -15.80
CA VAL K 166 8.69 -75.26 -15.10
C VAL K 166 9.27 -75.33 -13.69
N ALA K 167 9.10 -76.47 -13.03
CA ALA K 167 9.63 -76.65 -11.68
C ALA K 167 11.14 -76.49 -11.62
N GLU K 168 11.84 -76.88 -12.68
CA GLU K 168 13.30 -76.75 -12.71
C GLU K 168 13.70 -75.28 -12.64
N ILE K 169 13.09 -74.46 -13.48
CA ILE K 169 13.38 -73.03 -13.45
C ILE K 169 12.89 -72.45 -12.12
N ALA K 170 11.78 -72.96 -11.61
CA ALA K 170 11.26 -72.50 -10.33
C ALA K 170 12.23 -72.74 -9.19
N ASP K 171 13.01 -73.81 -9.24
CA ASP K 171 14.00 -74.07 -8.21
C ASP K 171 14.96 -72.91 -8.10
N MET K 172 15.53 -72.50 -9.23
CA MET K 172 16.44 -71.36 -9.24
C MET K 172 15.74 -70.11 -8.73
N VAL K 173 14.53 -69.86 -9.23
CA VAL K 173 13.77 -68.69 -8.79
C VAL K 173 13.54 -68.70 -7.27
N ALA K 174 13.13 -69.85 -6.73
CA ALA K 174 12.87 -69.96 -5.29
C ALA K 174 14.11 -69.68 -4.46
N GLY K 175 15.26 -70.16 -4.90
CA GLY K 175 16.50 -69.89 -4.20
C GLY K 175 16.73 -68.40 -4.10
N VAL K 176 16.59 -67.70 -5.22
CA VAL K 176 16.75 -66.25 -5.23
C VAL K 176 15.72 -65.61 -4.30
N LEU K 177 14.46 -66.01 -4.43
CA LEU K 177 13.40 -65.44 -3.59
C LEU K 177 13.65 -65.60 -2.10
N SER K 178 14.07 -66.79 -1.68
CA SER K 178 14.25 -67.05 -0.24
C SER K 178 15.38 -66.23 0.34
N GLY K 179 16.59 -66.44 -0.14
CA GLY K 179 17.75 -65.71 0.37
C GLY K 179 18.03 -64.49 -0.45
N GLU K 180 19.30 -64.26 -0.76
CA GLU K 180 19.66 -63.13 -1.59
C GLU K 180 20.49 -63.59 -2.79
N GLY K 181 20.07 -63.19 -3.98
CA GLY K 181 20.79 -63.55 -5.18
C GLY K 181 20.08 -62.88 -6.33
N PHE K 182 20.42 -63.23 -7.56
CA PHE K 182 19.71 -62.68 -8.70
C PHE K 182 19.74 -63.60 -9.92
N VAL K 183 18.66 -63.63 -10.70
CA VAL K 183 18.62 -64.44 -11.90
C VAL K 183 17.90 -63.73 -13.05
N THR K 184 18.51 -63.72 -14.23
CA THR K 184 17.86 -63.09 -15.37
C THR K 184 17.59 -64.13 -16.45
N LEU K 185 16.34 -64.23 -16.88
CA LEU K 185 16.00 -65.18 -17.93
C LEU K 185 15.58 -64.47 -19.21
N LYS K 186 16.05 -64.96 -20.34
CA LYS K 186 15.74 -64.33 -21.62
C LYS K 186 14.56 -65.00 -22.29
N VAL K 187 13.43 -64.29 -22.36
CA VAL K 187 12.23 -64.89 -22.93
C VAL K 187 11.92 -64.42 -24.34
N GLU K 188 11.83 -65.37 -25.28
CA GLU K 188 11.49 -65.03 -26.65
C GLU K 188 10.26 -65.81 -27.09
N HIS K 189 9.17 -65.11 -27.35
CA HIS K 189 7.94 -65.77 -27.79
C HIS K 189 7.86 -65.82 -29.31
N TYR K 190 7.33 -66.91 -29.84
CA TYR K 190 7.19 -67.04 -31.28
C TYR K 190 5.76 -67.39 -31.60
N MET K 191 5.05 -66.50 -32.29
CA MET K 191 3.64 -66.74 -32.57
C MET K 191 3.32 -66.67 -34.04
N LEU K 192 2.82 -67.78 -34.60
CA LEU K 192 2.44 -67.78 -36.00
C LEU K 192 1.16 -66.98 -36.15
N LEU K 193 1.31 -65.70 -36.51
CA LEU K 193 0.15 -64.84 -36.65
C LEU K 193 -0.31 -64.82 -38.09
N GLY K 194 0.50 -64.22 -38.96
CA GLY K 194 0.15 -64.18 -40.37
C GLY K 194 0.71 -62.96 -41.07
N GLU K 195 0.70 -62.98 -42.40
CA GLU K 195 1.22 -61.86 -43.17
C GLU K 195 0.20 -60.74 -43.25
N GLY K 196 0.54 -59.58 -42.69
CA GLY K 196 -0.39 -58.48 -42.68
C GLY K 196 -1.33 -58.55 -41.50
N SER K 197 -0.85 -59.06 -40.37
CA SER K 197 -1.68 -59.15 -39.18
C SER K 197 -1.48 -57.96 -38.26
N GLU K 198 -2.57 -57.30 -37.89
CA GLU K 198 -2.48 -56.17 -36.99
C GLU K 198 -1.90 -56.58 -35.66
N VAL K 199 -0.69 -56.10 -35.36
CA VAL K 199 -0.10 -56.40 -34.06
C VAL K 199 -0.64 -55.40 -33.07
N PHE K 200 -0.59 -55.73 -31.79
CA PHE K 200 -1.16 -54.85 -30.78
C PHE K 200 -0.12 -54.41 -29.76
N PRO K 201 0.47 -53.21 -29.96
CA PRO K 201 1.43 -52.69 -29.00
C PRO K 201 0.76 -52.01 -27.81
N SER K 202 1.56 -51.51 -26.88
CA SER K 202 1.00 -50.86 -25.70
C SER K 202 0.21 -49.61 -26.04
N GLN K 203 -1.05 -49.55 -25.61
CA GLN K 203 -1.84 -48.35 -25.84
C GLN K 203 -1.38 -47.36 -24.80
N GLU K 204 -1.36 -46.07 -25.14
CA GLU K 204 -0.79 -45.10 -24.21
C GLU K 204 -1.82 -44.11 -23.70
N PHE K 205 -1.57 -43.54 -22.51
CA PHE K 205 -2.53 -42.62 -21.92
C PHE K 205 -2.81 -41.41 -22.78
N VAL K 206 -4.08 -41.20 -23.11
CA VAL K 206 -4.45 -40.00 -23.86
C VAL K 206 -5.07 -39.05 -22.86
N GLU K 207 -4.80 -37.76 -22.98
CA GLU K 207 -5.39 -36.77 -22.09
C GLU K 207 -6.73 -36.26 -22.63
N ASN K 208 -6.98 -34.97 -22.49
CA ASN K 208 -8.23 -34.40 -23.01
C ASN K 208 -8.03 -33.88 -24.42
N SER K 209 -7.63 -34.75 -25.34
CA SER K 209 -7.39 -34.33 -26.70
C SER K 209 -8.44 -34.87 -27.65
N LYS K 210 -8.03 -35.23 -28.86
CA LYS K 210 -8.97 -35.74 -29.85
C LYS K 210 -8.45 -37.04 -30.43
N LEU K 211 -7.52 -37.67 -29.71
CA LEU K 211 -6.94 -38.92 -30.19
C LEU K 211 -7.55 -40.13 -29.52
N SER K 212 -7.65 -41.23 -30.26
CA SER K 212 -8.18 -42.46 -29.70
C SER K 212 -7.14 -43.55 -29.87
N LYS K 213 -6.31 -43.40 -30.89
CA LYS K 213 -5.28 -44.40 -31.15
C LYS K 213 -3.89 -43.85 -30.92
N GLN K 214 -3.45 -43.90 -29.67
CA GLN K 214 -2.11 -43.43 -29.36
C GLN K 214 -1.28 -44.64 -28.96
N LEU K 215 -0.23 -44.91 -29.73
CA LEU K 215 0.56 -46.11 -29.47
C LEU K 215 1.91 -45.83 -28.85
N PHE K 216 2.31 -46.66 -27.89
CA PHE K 216 3.63 -46.51 -27.29
C PHE K 216 4.62 -47.23 -28.17
N ASP K 217 5.65 -46.52 -28.61
CA ASP K 217 6.68 -47.14 -29.42
C ASP K 217 8.04 -46.86 -28.83
N LEU K 218 9.02 -47.69 -29.17
CA LEU K 218 10.37 -47.47 -28.71
C LEU K 218 11.20 -47.07 -29.90
N ASN K 219 11.45 -45.76 -30.06
CA ASN K 219 12.21 -45.26 -31.20
C ASN K 219 11.68 -45.78 -32.53
N GLY K 220 10.37 -45.62 -32.75
CA GLY K 220 9.77 -46.07 -33.98
C GLY K 220 9.69 -47.57 -34.09
N GLN K 221 9.43 -48.25 -32.99
CA GLN K 221 9.27 -49.70 -33.02
C GLN K 221 8.16 -50.15 -32.08
N ALA K 222 7.24 -50.96 -32.58
CA ALA K 222 6.16 -51.46 -31.75
C ALA K 222 6.69 -52.12 -30.51
N ALA K 223 6.25 -51.66 -29.35
CA ALA K 223 6.76 -52.21 -28.09
C ALA K 223 5.67 -52.27 -27.05
N MET K 224 5.86 -53.10 -26.03
CA MET K 224 4.89 -53.19 -24.95
C MET K 224 5.50 -52.64 -23.66
N HIS K 225 4.66 -52.12 -22.78
CA HIS K 225 5.15 -51.52 -21.55
C HIS K 225 5.63 -52.53 -20.53
N ASP K 226 6.61 -52.15 -19.72
CA ASP K 226 7.16 -53.06 -18.72
C ASP K 226 6.17 -53.31 -17.59
N GLN K 227 5.39 -52.30 -17.23
CA GLN K 227 4.43 -52.43 -16.15
C GLN K 227 3.36 -53.46 -16.47
N LYS K 228 2.98 -53.56 -17.74
CA LYS K 228 1.96 -54.52 -18.14
C LYS K 228 2.51 -55.92 -18.08
N ILE K 229 3.77 -56.11 -18.46
CA ILE K 229 4.38 -57.41 -18.36
C ILE K 229 4.39 -57.85 -16.90
N GLY K 230 4.76 -56.95 -15.99
CA GLY K 230 4.76 -57.28 -14.58
C GLY K 230 3.40 -57.68 -14.05
N ASN K 231 2.35 -57.02 -14.52
CA ASN K 231 1.00 -57.35 -14.08
C ASN K 231 0.58 -58.75 -14.51
N ALA K 232 1.12 -59.22 -15.63
CA ALA K 232 0.79 -60.56 -16.11
C ALA K 232 1.42 -61.66 -15.25
N ILE K 233 2.58 -61.39 -14.66
CA ILE K 233 3.18 -62.37 -13.77
C ILE K 233 2.52 -62.30 -12.40
N ARG K 234 1.90 -61.16 -12.10
CA ARG K 234 1.25 -60.98 -10.80
C ARG K 234 -0.14 -61.60 -10.73
N THR K 235 -0.62 -62.18 -11.82
CA THR K 235 -1.95 -62.76 -11.85
C THR K 235 -2.02 -64.14 -11.19
N ILE K 236 -1.90 -64.18 -9.86
CA ILE K 236 -1.89 -65.47 -9.15
C ILE K 236 -2.72 -65.50 -7.87
N ASP K 237 -3.46 -64.43 -7.59
CA ASP K 237 -4.27 -64.38 -6.36
C ASP K 237 -5.40 -65.38 -6.43
N THR K 238 -5.32 -66.45 -5.65
CA THR K 238 -6.35 -67.49 -5.69
C THR K 238 -6.88 -67.78 -4.30
N TRP K 239 -6.67 -66.85 -3.38
CA TRP K 239 -7.08 -67.07 -2.00
C TRP K 239 -7.98 -65.93 -1.57
N TYR K 240 -8.77 -65.40 -2.50
CA TYR K 240 -9.62 -64.26 -2.18
C TYR K 240 -11.07 -64.64 -1.92
N GLU K 241 -11.88 -63.65 -1.56
CA GLU K 241 -13.30 -63.91 -1.32
C GLU K 241 -13.92 -64.45 -2.59
N ASP K 242 -14.56 -65.62 -2.52
CA ASP K 242 -15.13 -66.27 -3.70
C ASP K 242 -14.07 -66.41 -4.78
N ALA K 243 -12.98 -67.09 -4.45
CA ALA K 243 -11.88 -67.26 -5.39
C ALA K 243 -12.28 -67.98 -6.65
N THR K 244 -12.09 -67.33 -7.80
CA THR K 244 -12.42 -67.95 -9.07
C THR K 244 -11.15 -68.04 -9.90
N THR K 245 -10.98 -67.11 -10.83
CA THR K 245 -9.76 -67.10 -11.63
C THR K 245 -8.67 -66.37 -10.87
N PRO K 246 -7.41 -66.80 -11.05
CA PRO K 246 -6.34 -66.05 -10.40
C PRO K 246 -6.36 -64.58 -10.83
N ILE K 247 -6.35 -63.67 -9.87
CA ILE K 247 -6.34 -62.25 -10.20
C ILE K 247 -5.02 -61.58 -9.84
N ALA K 248 -4.85 -60.32 -10.20
CA ALA K 248 -3.61 -59.62 -9.92
C ALA K 248 -3.47 -59.34 -8.43
N VAL K 249 -2.36 -59.75 -7.83
CA VAL K 249 -2.16 -59.54 -6.40
C VAL K 249 -2.04 -58.07 -6.07
N GLU K 250 -3.00 -57.54 -5.32
CA GLU K 250 -2.99 -56.14 -4.95
C GLU K 250 -3.36 -56.07 -3.47
N PRO K 251 -2.85 -55.06 -2.69
CA PRO K 251 -3.27 -55.09 -1.27
C PRO K 251 -4.77 -55.18 -1.02
N TYR K 252 -5.55 -54.47 -1.81
CA TYR K 252 -6.99 -54.47 -1.61
C TYR K 252 -7.67 -55.35 -2.63
N GLY K 253 -6.89 -55.95 -3.52
CA GLY K 253 -7.44 -56.80 -4.58
C GLY K 253 -8.35 -55.99 -5.46
N SER K 254 -8.08 -54.69 -5.58
CA SER K 254 -9.00 -53.83 -6.32
C SER K 254 -8.68 -53.70 -7.79
N VAL K 255 -9.23 -54.59 -8.61
CA VAL K 255 -9.05 -54.44 -10.04
C VAL K 255 -9.96 -53.29 -10.43
N VAL K 256 -9.42 -52.31 -11.14
CA VAL K 256 -10.21 -51.13 -11.48
C VAL K 256 -11.04 -51.29 -12.74
N ARG K 257 -10.79 -52.37 -13.48
CA ARG K 257 -11.53 -52.63 -14.70
C ARG K 257 -12.95 -53.04 -14.36
N ASN K 258 -13.12 -53.79 -13.27
CA ASN K 258 -14.44 -54.18 -12.83
C ASN K 258 -14.89 -53.30 -11.68
N GLY K 259 -13.96 -52.52 -11.13
CA GLY K 259 -14.29 -51.65 -10.01
C GLY K 259 -14.67 -52.46 -8.80
N VAL K 260 -13.83 -53.42 -8.43
CA VAL K 260 -14.15 -54.29 -7.30
C VAL K 260 -13.16 -54.15 -6.17
N ALA K 261 -13.21 -55.07 -5.21
CA ALA K 261 -12.28 -55.06 -4.08
C ALA K 261 -12.21 -56.48 -3.60
N TYR K 262 -11.31 -57.27 -4.16
CA TYR K 262 -11.27 -58.70 -3.83
C TYR K 262 -10.52 -59.09 -2.56
N ARG K 263 -10.03 -58.13 -1.80
CA ARG K 263 -9.39 -58.46 -0.52
C ARG K 263 -10.02 -57.57 0.53
N ALA K 264 -10.38 -56.35 0.13
CA ALA K 264 -11.03 -55.45 1.04
C ALA K 264 -12.49 -55.86 1.16
N GLY K 265 -12.85 -56.50 2.27
CA GLY K 265 -14.21 -56.95 2.47
C GLY K 265 -14.34 -57.72 3.75
N ASN K 266 -13.74 -58.90 3.80
CA ASN K 266 -13.79 -59.70 5.01
C ASN K 266 -12.43 -59.76 5.68
N LYS K 267 -11.86 -58.61 5.99
CA LYS K 267 -10.55 -58.54 6.67
C LYS K 267 -9.50 -59.46 6.06
N THR K 268 -9.37 -59.40 4.73
CA THR K 268 -8.40 -60.25 4.05
C THR K 268 -7.40 -59.34 3.38
N ASP K 269 -7.54 -58.04 3.60
CA ASP K 269 -6.60 -57.10 3.02
C ASP K 269 -5.27 -57.18 3.72
N LEU K 270 -4.22 -56.75 3.05
CA LEU K 270 -2.88 -56.85 3.63
C LEU K 270 -2.79 -56.25 5.02
N PHE K 271 -3.14 -54.98 5.15
CA PHE K 271 -3.02 -54.29 6.44
C PHE K 271 -3.55 -55.10 7.61
N THR K 272 -4.76 -55.62 7.51
CA THR K 272 -5.33 -56.43 8.58
C THR K 272 -4.46 -57.65 8.87
N LEU K 273 -4.24 -58.49 7.87
CA LEU K 273 -3.44 -59.70 8.05
C LEU K 273 -2.07 -59.39 8.62
N MET K 274 -1.40 -58.39 8.05
CA MET K 274 -0.05 -58.04 8.50
C MET K 274 -0.05 -57.62 9.97
N ASP K 275 -0.96 -56.73 10.35
CA ASP K 275 -1.01 -56.26 11.73
C ASP K 275 -1.27 -57.41 12.67
N GLY K 276 -2.20 -58.27 12.30
CA GLY K 276 -2.50 -59.44 13.11
C GLY K 276 -1.28 -60.28 13.35
N ALA K 277 -0.61 -60.68 12.28
CA ALA K 277 0.59 -61.50 12.38
C ALA K 277 1.65 -60.83 13.25
N VAL K 278 1.88 -59.55 13.05
CA VAL K 278 2.88 -58.82 13.84
C VAL K 278 2.54 -58.87 15.33
N ASN K 279 1.31 -58.54 15.68
CA ASN K 279 0.95 -58.50 17.11
C ASN K 279 0.73 -59.86 17.75
N GLY K 280 0.61 -60.91 16.94
CA GLY K 280 0.49 -62.24 17.49
C GLY K 280 -0.73 -63.03 17.07
N LYS K 281 -0.91 -63.25 15.78
CA LYS K 281 -2.03 -64.06 15.30
C LYS K 281 -1.51 -65.03 14.26
N SER K 282 -1.64 -66.32 14.54
CA SER K 282 -1.17 -67.33 13.60
C SER K 282 -2.01 -67.38 12.35
N LEU K 283 -1.42 -67.06 11.19
CA LEU K 283 -2.17 -67.01 9.94
C LEU K 283 -2.14 -68.31 9.17
N THR K 284 -2.92 -68.38 8.10
CA THR K 284 -2.92 -69.57 7.27
C THR K 284 -1.81 -69.44 6.24
N GLU K 285 -1.33 -70.56 5.72
CA GLU K 285 -0.27 -70.53 4.73
C GLU K 285 -0.64 -69.74 3.49
N GLU K 286 -1.84 -69.98 2.97
CA GLU K 286 -2.25 -69.31 1.75
C GLU K 286 -2.50 -67.81 1.90
N ASP K 287 -2.76 -67.35 3.11
CA ASP K 287 -3.02 -65.94 3.34
C ASP K 287 -1.75 -65.23 3.78
N GLN K 288 -0.79 -65.97 4.30
CA GLN K 288 0.48 -65.35 4.66
C GLN K 288 1.33 -65.26 3.42
N MET K 289 1.03 -66.10 2.42
CA MET K 289 1.76 -66.02 1.16
C MET K 289 1.28 -64.80 0.39
N PHE K 290 0.04 -64.39 0.63
CA PHE K 290 -0.47 -63.17 0.00
C PHE K 290 0.35 -62.00 0.51
N VAL K 291 0.63 -61.98 1.80
CA VAL K 291 1.44 -60.90 2.37
C VAL K 291 2.82 -60.89 1.75
N THR K 292 3.45 -62.05 1.64
CA THR K 292 4.77 -62.13 1.01
C THR K 292 4.75 -61.68 -0.44
N ALA K 293 3.68 -62.00 -1.17
CA ALA K 293 3.58 -61.61 -2.57
C ALA K 293 3.53 -60.10 -2.72
N ASN K 294 2.85 -59.42 -1.81
CA ASN K 294 2.78 -57.97 -1.87
C ASN K 294 4.08 -57.34 -1.40
N LEU K 295 4.86 -58.05 -0.59
CA LEU K 295 6.15 -57.54 -0.17
C LEU K 295 7.09 -57.61 -1.37
N ILE K 296 6.95 -58.67 -2.16
CA ILE K 296 7.76 -58.80 -3.37
C ILE K 296 7.37 -57.68 -4.32
N ARG K 297 6.08 -57.43 -4.45
CA ARG K 297 5.60 -56.35 -5.32
C ARG K 297 6.12 -55.00 -4.87
N GLY K 298 6.07 -54.76 -3.56
CA GLY K 298 6.58 -53.50 -3.04
C GLY K 298 5.51 -52.44 -2.93
N GLY K 299 5.82 -51.35 -2.23
CA GLY K 299 4.85 -50.30 -2.04
C GLY K 299 4.91 -49.72 -0.66
N VAL K 300 4.15 -48.67 -0.43
CA VAL K 300 4.11 -48.06 0.90
C VAL K 300 3.08 -48.77 1.77
N PHE K 301 3.56 -49.53 2.74
CA PHE K 301 2.67 -50.26 3.63
C PHE K 301 2.72 -49.65 5.01
N GLY K 302 2.88 -48.34 5.09
CA GLY K 302 2.92 -47.68 6.39
C GLY K 302 1.93 -46.54 6.42
N GLY K 303 1.63 -46.05 7.61
CA GLY K 303 0.69 -44.95 7.74
C GLY K 303 0.17 -44.80 9.15
N TYR L 2 -36.18 -73.20 -36.27
CA TYR L 2 -35.14 -74.02 -36.87
C TYR L 2 -34.10 -74.45 -35.84
N ASN L 3 -33.47 -75.59 -36.10
CA ASN L 3 -32.42 -76.09 -35.22
C ASN L 3 -31.19 -75.19 -35.24
N THR L 4 -30.51 -75.11 -34.10
CA THR L 4 -29.50 -74.09 -33.91
C THR L 4 -28.37 -74.57 -33.00
N ILE L 5 -27.24 -73.87 -33.08
CA ILE L 5 -26.03 -74.17 -32.31
C ILE L 5 -25.62 -72.91 -31.54
N SER L 6 -25.16 -73.09 -30.31
CA SER L 6 -24.63 -72.02 -29.49
C SER L 6 -23.12 -71.87 -29.67
N ILE L 7 -22.67 -70.62 -29.69
CA ILE L 7 -21.24 -70.29 -29.64
C ILE L 7 -21.09 -69.29 -28.50
N THR L 8 -20.28 -69.63 -27.51
CA THR L 8 -20.17 -68.87 -26.27
C THR L 8 -18.76 -68.37 -26.04
N VAL L 9 -18.64 -67.07 -25.80
CA VAL L 9 -17.37 -66.47 -25.42
C VAL L 9 -17.15 -66.74 -23.94
N VAL L 10 -16.10 -67.50 -23.63
CA VAL L 10 -15.71 -67.75 -22.24
C VAL L 10 -15.16 -66.45 -21.66
N ASP L 11 -15.26 -66.32 -20.33
CA ASP L 11 -14.82 -65.13 -19.60
C ASP L 11 -13.36 -64.80 -19.88
N ALA L 12 -13.15 -63.60 -20.41
CA ALA L 12 -11.84 -63.18 -20.92
C ALA L 12 -11.45 -61.91 -20.17
N ASP L 13 -10.57 -62.07 -19.17
CA ASP L 13 -9.99 -60.91 -18.50
C ASP L 13 -9.08 -60.15 -19.45
N ASP L 14 -8.48 -60.86 -20.41
CA ASP L 14 -7.42 -60.30 -21.25
C ASP L 14 -7.96 -59.28 -22.23
N VAL L 15 -9.14 -59.52 -22.77
CA VAL L 15 -9.65 -58.75 -23.89
C VAL L 15 -11.08 -58.33 -23.61
N GLY L 16 -11.57 -57.39 -24.40
CA GLY L 16 -12.99 -57.10 -24.39
C GLY L 16 -13.78 -58.29 -24.88
N VAL L 17 -14.93 -58.51 -24.24
CA VAL L 17 -15.77 -59.66 -24.59
C VAL L 17 -16.38 -59.45 -25.97
N ASN L 18 -16.75 -58.21 -26.28
CA ASN L 18 -17.28 -57.90 -27.60
C ASN L 18 -16.18 -57.94 -28.67
N PHE L 19 -14.92 -57.76 -28.26
CA PHE L 19 -13.83 -57.94 -29.20
C PHE L 19 -13.70 -59.40 -29.62
N VAL L 20 -13.89 -60.33 -28.66
CA VAL L 20 -13.94 -61.74 -29.00
C VAL L 20 -15.16 -62.05 -29.85
N VAL L 21 -16.29 -61.39 -29.56
CA VAL L 21 -17.51 -61.56 -30.35
C VAL L 21 -17.29 -61.11 -31.80
N SER L 22 -16.60 -59.97 -31.98
CA SER L 22 -16.34 -59.44 -33.31
C SER L 22 -15.33 -60.28 -34.06
N LYS L 23 -14.30 -60.80 -33.37
CA LYS L 23 -13.35 -61.70 -34.01
C LYS L 23 -14.00 -63.02 -34.40
N VAL L 24 -14.94 -63.50 -33.57
CA VAL L 24 -15.71 -64.69 -33.88
C VAL L 24 -16.57 -64.46 -35.12
N LEU L 25 -17.23 -63.31 -35.19
CA LEU L 25 -18.06 -62.99 -36.35
C LEU L 25 -17.23 -62.83 -37.63
N SER L 26 -16.04 -62.24 -37.51
CA SER L 26 -15.16 -62.11 -38.67
C SER L 26 -14.66 -63.46 -39.15
N THR L 27 -14.29 -64.35 -38.22
CA THR L 27 -13.82 -65.68 -38.62
C THR L 27 -14.97 -66.55 -39.12
N LEU L 28 -16.18 -66.29 -38.67
CA LEU L 28 -17.24 -67.10 -39.19
C LEU L 28 -17.52 -66.59 -40.58
N HIS L 29 -17.35 -65.30 -40.79
CA HIS L 29 -17.63 -64.72 -42.10
C HIS L 29 -16.58 -65.08 -43.12
N ASN L 30 -15.31 -64.94 -42.75
CA ASN L 30 -14.27 -65.16 -43.73
C ASN L 30 -14.00 -66.62 -44.02
N LYS L 31 -14.41 -67.50 -43.13
CA LYS L 31 -14.23 -68.90 -43.41
C LYS L 31 -15.52 -69.52 -43.79
N GLY L 32 -16.27 -68.87 -44.65
CA GLY L 32 -17.50 -69.45 -45.13
C GLY L 32 -18.62 -69.29 -44.16
N ILE L 33 -19.02 -70.37 -43.52
CA ILE L 33 -20.14 -70.38 -42.57
C ILE L 33 -21.42 -69.73 -43.02
N PHE L 34 -21.48 -68.42 -43.09
CA PHE L 34 -22.66 -67.76 -43.55
C PHE L 34 -22.80 -67.87 -45.04
N ASN L 35 -23.21 -69.01 -45.53
CA ASN L 35 -23.38 -69.22 -46.95
C ASN L 35 -24.54 -68.42 -47.37
N GLY L 36 -25.67 -68.61 -46.74
CA GLY L 36 -26.85 -67.83 -47.03
C GLY L 36 -27.84 -68.40 -46.08
N GLU L 37 -27.33 -69.30 -45.24
CA GLU L 37 -28.20 -69.95 -44.30
C GLU L 37 -27.74 -69.91 -42.86
N VAL L 38 -26.44 -69.73 -42.60
CA VAL L 38 -26.11 -69.73 -41.21
C VAL L 38 -26.21 -68.32 -40.72
N GLY L 39 -26.94 -68.14 -39.63
CA GLY L 39 -27.09 -66.81 -39.10
C GLY L 39 -26.95 -66.82 -37.60
N VAL L 40 -26.28 -65.83 -37.07
CA VAL L 40 -26.13 -65.73 -35.65
C VAL L 40 -27.34 -65.14 -35.00
N THR L 41 -27.48 -65.35 -33.70
CA THR L 41 -28.54 -64.73 -32.95
C THR L 41 -27.91 -64.72 -31.58
N PHE L 42 -28.22 -63.73 -30.79
CA PHE L 42 -27.58 -63.63 -29.52
C PHE L 42 -28.65 -63.63 -28.50
N PRO L 43 -28.86 -64.76 -27.77
CA PRO L 43 -29.87 -64.61 -26.70
C PRO L 43 -29.57 -63.48 -25.68
N ARG L 44 -28.37 -62.89 -25.69
CA ARG L 44 -28.01 -61.83 -24.72
C ARG L 44 -27.76 -60.43 -25.29
N MET L 45 -28.56 -59.97 -26.25
CA MET L 45 -28.38 -58.66 -26.85
C MET L 45 -29.05 -57.63 -26.03
N ASP L 46 -28.27 -56.79 -25.38
CA ASP L 46 -28.84 -55.75 -24.59
C ASP L 46 -28.21 -54.47 -25.04
N LYS L 47 -27.34 -53.92 -24.23
CA LYS L 47 -26.63 -52.74 -24.62
C LYS L 47 -25.55 -53.19 -25.57
N ASN L 48 -24.93 -54.32 -25.28
CA ASN L 48 -23.91 -54.85 -26.14
C ASN L 48 -24.56 -55.89 -26.98
N VAL L 49 -23.77 -56.61 -27.75
CA VAL L 49 -24.32 -57.70 -28.55
C VAL L 49 -24.43 -58.92 -27.63
N GLY L 50 -23.55 -58.98 -26.64
CA GLY L 50 -23.60 -60.09 -25.69
C GLY L 50 -22.38 -60.96 -25.74
N ASP L 51 -22.52 -62.21 -25.32
CA ASP L 51 -21.40 -63.15 -25.37
C ASP L 51 -21.88 -64.47 -25.94
N ILE L 52 -23.17 -64.71 -25.86
CA ILE L 52 -23.71 -65.95 -26.39
C ILE L 52 -24.19 -65.76 -27.81
N ILE L 53 -23.44 -66.32 -28.75
CA ILE L 53 -23.80 -66.26 -30.16
C ILE L 53 -24.54 -67.56 -30.39
N THR L 54 -25.41 -67.65 -31.40
CA THR L 54 -26.17 -68.86 -31.59
C THR L 54 -26.44 -68.98 -33.06
N LEU L 55 -25.83 -69.95 -33.70
CA LEU L 55 -25.97 -70.08 -35.13
C LEU L 55 -27.11 -71.03 -35.44
N PHE L 56 -28.02 -70.66 -36.34
CA PHE L 56 -29.17 -71.53 -36.55
C PHE L 56 -29.53 -72.06 -37.93
N SER L 57 -28.58 -72.60 -38.66
CA SER L 57 -28.89 -73.19 -39.94
C SER L 57 -29.99 -74.23 -39.86
N LYS L 58 -30.97 -74.13 -40.74
CA LYS L 58 -32.02 -75.12 -40.76
C LYS L 58 -31.44 -76.44 -41.19
N THR L 59 -30.51 -76.41 -42.13
CA THR L 59 -29.93 -77.62 -42.62
C THR L 59 -29.14 -78.33 -41.57
N GLY L 60 -29.05 -77.27 -40.79
CA GLY L 60 -28.36 -77.91 -39.70
C GLY L 60 -26.93 -77.47 -39.57
N VAL L 61 -26.56 -76.98 -38.41
CA VAL L 61 -25.21 -76.50 -38.20
C VAL L 61 -24.51 -77.37 -37.19
N ASP L 62 -23.52 -78.12 -37.65
CA ASP L 62 -22.85 -79.05 -36.77
C ASP L 62 -21.63 -78.47 -36.12
N ARG L 63 -21.11 -79.18 -35.14
CA ARG L 63 -20.04 -78.62 -34.35
C ARG L 63 -18.70 -78.90 -34.93
N LYS L 64 -18.52 -80.08 -35.49
CA LYS L 64 -17.22 -80.44 -35.99
C LYS L 64 -16.73 -79.38 -36.94
N VAL L 65 -17.61 -78.88 -37.80
CA VAL L 65 -17.23 -77.81 -38.69
C VAL L 65 -16.88 -76.53 -37.93
N LEU L 66 -17.72 -76.06 -37.03
CA LEU L 66 -17.42 -74.78 -36.39
C LEU L 66 -16.41 -74.85 -35.25
N THR L 67 -15.94 -76.03 -34.89
CA THR L 67 -14.91 -76.09 -33.87
C THR L 67 -13.61 -76.04 -34.61
N SER L 68 -13.64 -76.43 -35.87
CA SER L 68 -12.44 -76.37 -36.68
C SER L 68 -12.38 -75.04 -37.39
N THR L 69 -13.50 -74.33 -37.47
CA THR L 69 -13.51 -73.02 -38.09
C THR L 69 -13.01 -72.04 -37.08
N LEU L 70 -13.62 -72.04 -35.91
CA LEU L 70 -13.19 -71.16 -34.87
C LEU L 70 -12.09 -71.82 -34.07
N ASN L 71 -11.02 -72.24 -34.75
CA ASN L 71 -9.93 -72.90 -34.07
C ASN L 71 -8.98 -71.89 -33.49
N THR L 72 -8.88 -70.73 -34.13
CA THR L 72 -7.99 -69.70 -33.66
C THR L 72 -8.63 -69.09 -32.45
N LEU L 73 -9.90 -69.36 -32.25
CA LEU L 73 -10.64 -68.78 -31.13
C LEU L 73 -10.83 -69.76 -29.97
N THR L 74 -10.34 -71.00 -30.10
CA THR L 74 -10.57 -72.08 -29.14
C THR L 74 -10.05 -71.78 -27.72
N ASP L 75 -9.15 -70.79 -27.58
CA ASP L 75 -8.62 -70.43 -26.27
C ASP L 75 -9.72 -69.92 -25.32
N PHE L 76 -10.70 -69.20 -25.86
CA PHE L 76 -11.75 -68.62 -25.02
C PHE L 76 -13.10 -68.68 -25.71
N ILE L 77 -13.40 -69.78 -26.40
CA ILE L 77 -14.71 -69.95 -27.04
C ILE L 77 -15.33 -71.23 -26.47
N HIS L 78 -16.66 -71.28 -26.43
CA HIS L 78 -17.38 -72.47 -26.01
C HIS L 78 -18.47 -72.77 -27.03
N ILE L 79 -18.45 -74.00 -27.56
CA ILE L 79 -19.39 -74.44 -28.57
C ILE L 79 -20.42 -75.33 -27.90
N GLY L 80 -21.69 -74.96 -28.04
CA GLY L 80 -22.77 -75.77 -27.52
C GLY L 80 -23.14 -76.89 -28.46
N LYS L 81 -24.09 -77.71 -28.02
CA LYS L 81 -24.59 -78.81 -28.82
C LYS L 81 -25.77 -78.34 -29.68
N PRO L 82 -25.99 -78.95 -30.86
CA PRO L 82 -27.10 -78.49 -31.71
C PRO L 82 -28.47 -78.81 -31.14
N LYS L 83 -29.18 -77.76 -30.72
CA LYS L 83 -30.53 -77.85 -30.18
C LYS L 83 -31.52 -77.25 -31.18
N GLU L 84 -32.80 -77.26 -30.80
CA GLU L 84 -33.87 -76.84 -31.69
C GLU L 84 -34.62 -75.65 -31.10
N ALA L 85 -35.15 -74.80 -31.97
CA ALA L 85 -35.96 -73.66 -31.56
C ALA L 85 -36.93 -73.31 -32.68
N ASP L 86 -38.18 -73.00 -32.36
CA ASP L 86 -39.12 -72.75 -33.43
C ASP L 86 -38.87 -71.40 -34.03
N LYS L 87 -38.34 -70.48 -33.23
CA LYS L 87 -38.14 -69.14 -33.72
C LYS L 87 -36.87 -68.53 -33.20
N VAL L 88 -36.18 -67.79 -34.06
CA VAL L 88 -34.96 -67.13 -33.65
C VAL L 88 -35.10 -65.68 -34.01
N LYS L 89 -34.61 -64.79 -33.16
CA LYS L 89 -34.79 -63.37 -33.41
C LYS L 89 -33.75 -62.85 -34.32
N THR L 90 -33.98 -62.88 -35.62
CA THR L 90 -32.94 -62.47 -36.52
C THR L 90 -32.75 -60.98 -36.43
N TYR L 91 -31.51 -60.54 -36.52
CA TYR L 91 -31.24 -59.14 -36.48
C TYR L 91 -30.82 -58.79 -37.90
N ARG L 92 -30.83 -57.52 -38.32
CA ARG L 92 -30.36 -57.18 -39.67
C ARG L 92 -29.32 -56.08 -39.71
N LYS L 93 -28.73 -55.86 -40.87
CA LYS L 93 -27.68 -54.85 -40.87
C LYS L 93 -28.24 -53.47 -41.16
N VAL L 94 -27.98 -52.52 -40.26
CA VAL L 94 -28.36 -51.13 -40.44
C VAL L 94 -27.09 -50.28 -40.43
N ASP L 95 -26.94 -49.43 -41.43
CA ASP L 95 -25.74 -48.63 -41.63
C ASP L 95 -25.99 -47.17 -41.24
N THR L 96 -24.92 -46.48 -40.85
CA THR L 96 -24.99 -45.09 -40.44
C THR L 96 -24.39 -44.21 -41.53
N LYS L 97 -25.08 -43.11 -41.84
CA LYS L 97 -24.63 -42.17 -42.86
C LYS L 97 -24.08 -40.92 -42.21
N SER L 98 -22.90 -40.47 -42.64
CA SER L 98 -22.32 -39.21 -42.19
C SER L 98 -21.52 -38.54 -43.30
N LYS L 99 -22.18 -37.60 -44.00
CA LYS L 99 -21.56 -36.51 -44.76
C LYS L 99 -20.81 -36.97 -46.00
N GLY L 100 -19.53 -37.32 -45.84
CA GLY L 100 -18.63 -37.42 -46.99
C GLY L 100 -18.97 -38.56 -47.94
N LYS L 101 -19.57 -39.62 -47.39
CA LYS L 101 -20.14 -40.70 -48.19
C LYS L 101 -21.12 -40.17 -49.23
N LEU L 102 -22.11 -39.41 -48.78
CA LEU L 102 -23.13 -38.95 -49.71
C LEU L 102 -22.71 -37.67 -50.42
N ILE L 103 -21.67 -36.99 -49.92
CA ILE L 103 -21.05 -35.91 -50.69
C ILE L 103 -20.39 -36.47 -51.94
N ARG L 104 -19.60 -37.54 -51.80
CA ARG L 104 -18.98 -38.12 -52.98
C ARG L 104 -19.99 -38.89 -53.83
N ARG L 105 -21.02 -39.45 -53.19
CA ARG L 105 -22.11 -40.08 -53.93
C ARG L 105 -22.88 -39.05 -54.76
N CYS L 106 -23.07 -37.86 -54.21
CA CYS L 106 -23.81 -36.82 -54.92
C CYS L 106 -23.00 -36.19 -56.03
N ILE L 107 -21.68 -36.04 -55.86
CA ILE L 107 -21.00 -35.42 -57.00
C ILE L 107 -20.69 -36.49 -58.04
N LYS L 108 -20.78 -37.77 -57.67
CA LYS L 108 -20.61 -38.84 -58.64
C LYS L 108 -21.87 -39.07 -59.47
N ARG L 109 -23.04 -39.00 -58.86
CA ARG L 109 -24.29 -39.24 -59.60
C ARG L 109 -24.80 -37.98 -60.29
N LYS L 110 -25.12 -36.95 -59.50
CA LYS L 110 -25.85 -35.80 -60.03
C LYS L 110 -24.98 -34.88 -60.87
N GLY L 111 -23.68 -35.04 -60.73
CA GLY L 111 -22.77 -34.24 -61.50
C GLY L 111 -22.80 -32.86 -60.93
N VAL L 112 -22.99 -32.78 -59.62
CA VAL L 112 -22.95 -31.48 -59.02
C VAL L 112 -21.52 -31.16 -58.66
N SER L 113 -21.33 -30.02 -58.02
CA SER L 113 -19.99 -29.60 -57.71
C SER L 113 -19.82 -29.83 -56.27
N ALA L 114 -18.57 -29.87 -55.83
CA ALA L 114 -18.29 -30.16 -54.45
C ALA L 114 -19.11 -29.22 -53.69
N GLU L 115 -18.96 -27.96 -53.99
CA GLU L 115 -19.68 -26.97 -53.25
C GLU L 115 -21.18 -27.10 -53.44
N THR L 116 -21.64 -27.54 -54.61
CA THR L 116 -23.07 -27.68 -54.74
C THR L 116 -23.58 -28.77 -53.81
N ALA L 117 -22.94 -29.93 -53.81
CA ALA L 117 -23.39 -31.02 -52.96
C ALA L 117 -23.25 -30.64 -51.54
N GLU L 118 -22.17 -29.98 -51.22
CA GLU L 118 -21.93 -29.65 -49.85
C GLU L 118 -23.04 -28.75 -49.40
N SER L 119 -23.48 -27.86 -50.27
CA SER L 119 -24.56 -26.97 -49.92
C SER L 119 -25.89 -27.70 -49.84
N LEU L 120 -26.10 -28.68 -50.72
CA LEU L 120 -27.34 -29.41 -50.72
C LEU L 120 -27.46 -30.21 -49.45
N TYR L 121 -26.36 -30.59 -48.86
CA TYR L 121 -26.41 -31.47 -47.71
C TYR L 121 -26.02 -30.79 -46.44
N GLY L 122 -25.77 -29.51 -46.49
CA GLY L 122 -25.28 -28.81 -45.33
C GLY L 122 -26.09 -28.95 -44.07
N ASN L 123 -27.37 -28.64 -44.16
CA ASN L 123 -28.20 -28.67 -42.97
C ASN L 123 -28.86 -29.99 -42.84
N TYR L 124 -28.12 -31.02 -43.20
CA TYR L 124 -28.65 -32.34 -43.14
C TYR L 124 -27.59 -33.31 -42.70
N LYS L 125 -27.95 -34.59 -42.64
CA LYS L 125 -27.03 -35.65 -42.23
C LYS L 125 -26.40 -35.57 -40.83
N GLY L 126 -25.75 -36.66 -40.43
CA GLY L 126 -25.17 -36.72 -39.11
C GLY L 126 -25.83 -37.87 -38.37
N GLU L 127 -26.07 -38.98 -39.03
CA GLU L 127 -26.78 -40.07 -38.39
C GLU L 127 -25.92 -40.75 -37.34
N LYS L 128 -26.46 -40.92 -36.15
CA LYS L 128 -25.71 -41.61 -35.12
C LYS L 128 -26.53 -42.67 -34.44
N CYS L 129 -26.42 -43.91 -34.90
CA CYS L 129 -27.22 -44.98 -34.34
C CYS L 129 -26.70 -45.35 -33.00
N LYS L 130 -27.60 -45.63 -32.08
CA LYS L 130 -27.17 -45.95 -30.75
C LYS L 130 -27.55 -47.34 -30.50
N LEU L 131 -27.37 -48.16 -31.50
CA LEU L 131 -27.75 -49.53 -31.37
C LEU L 131 -26.62 -50.47 -30.99
N PRO L 132 -26.85 -51.56 -30.22
CA PRO L 132 -25.81 -52.58 -30.08
C PRO L 132 -25.18 -52.94 -31.41
N TYR L 133 -23.90 -53.34 -31.36
CA TYR L 133 -23.04 -53.30 -32.52
C TYR L 133 -21.88 -54.28 -32.35
N ILE L 134 -21.20 -54.55 -33.47
CA ILE L 134 -19.94 -55.29 -33.50
C ILE L 134 -18.96 -54.53 -34.39
N VAL L 135 -17.70 -54.46 -33.96
CA VAL L 135 -16.70 -53.73 -34.75
C VAL L 135 -15.94 -54.71 -35.65
N VAL L 136 -16.13 -54.57 -36.94
CA VAL L 136 -15.78 -55.60 -37.91
C VAL L 136 -14.72 -55.05 -38.86
N ASN L 137 -13.69 -55.87 -39.14
CA ASN L 137 -12.62 -55.52 -40.06
C ASN L 137 -12.93 -56.15 -41.40
N SER L 138 -13.27 -55.32 -42.39
CA SER L 138 -13.55 -55.83 -43.73
C SER L 138 -12.24 -56.16 -44.45
N LYS L 139 -12.33 -57.11 -45.39
CA LYS L 139 -11.17 -57.60 -46.11
C LYS L 139 -11.12 -57.13 -47.56
N SER L 140 -12.27 -57.05 -48.22
CA SER L 140 -12.31 -56.51 -49.59
C SER L 140 -11.97 -55.03 -49.60
N THR L 141 -12.51 -54.28 -48.65
CA THR L 141 -12.10 -52.91 -48.38
C THR L 141 -11.32 -52.88 -47.06
N GLY L 142 -10.13 -52.30 -47.11
CA GLY L 142 -9.16 -52.44 -46.05
C GLY L 142 -9.28 -51.50 -44.87
N GLN L 143 -10.47 -51.34 -44.30
CA GLN L 143 -10.60 -50.54 -43.08
C GLN L 143 -11.49 -51.27 -42.08
N ARG L 144 -11.69 -50.65 -40.92
CA ARG L 144 -12.49 -51.21 -39.84
C ARG L 144 -13.77 -50.37 -39.67
N PHE L 145 -14.84 -51.02 -39.20
CA PHE L 145 -16.12 -50.34 -39.02
C PHE L 145 -16.98 -51.06 -38.00
N SER L 146 -18.02 -50.36 -37.54
CA SER L 146 -18.97 -50.91 -36.58
C SER L 146 -20.26 -51.28 -37.30
N MET L 147 -20.60 -52.57 -37.27
CA MET L 147 -21.85 -53.06 -37.86
C MET L 147 -22.95 -53.03 -36.81
N PHE L 148 -24.03 -52.31 -37.12
CA PHE L 148 -25.12 -52.10 -36.17
C PHE L 148 -26.25 -53.09 -36.43
N LEU L 149 -26.86 -53.58 -35.35
CA LEU L 149 -27.84 -54.66 -35.41
C LEU L 149 -29.11 -54.25 -34.68
N GLU L 150 -30.26 -54.38 -35.35
CA GLU L 150 -31.55 -54.13 -34.73
C GLU L 150 -32.57 -55.20 -35.11
N GLU L 151 -33.51 -55.44 -34.20
CA GLU L 151 -34.48 -56.52 -34.35
C GLU L 151 -35.52 -56.16 -35.39
N CYS L 152 -35.74 -57.06 -36.34
CA CYS L 152 -36.77 -56.89 -37.36
C CYS L 152 -37.40 -58.25 -37.62
N GLU L 153 -38.28 -58.29 -38.62
CA GLU L 153 -38.99 -59.51 -38.96
C GLU L 153 -38.07 -60.51 -39.65
N ASN L 154 -38.44 -61.78 -39.56
CA ASN L 154 -37.66 -62.85 -40.16
C ASN L 154 -37.75 -62.82 -41.68
N SER L 155 -36.64 -63.18 -42.33
CA SER L 155 -36.58 -63.26 -43.78
C SER L 155 -36.04 -64.61 -44.19
N GLU L 156 -36.37 -65.02 -45.41
CA GLU L 156 -35.97 -66.34 -45.90
C GLU L 156 -34.47 -66.42 -46.15
N LYS L 157 -33.88 -65.35 -46.68
CA LYS L 157 -32.48 -65.34 -47.06
C LYS L 157 -31.66 -64.50 -46.08
N PHE L 158 -30.20 -64.84 -46.02
CA PHE L 158 -29.28 -64.16 -45.11
C PHE L 158 -28.05 -63.68 -45.89
N ASN L 159 -27.26 -62.84 -45.20
CA ASN L 159 -26.03 -62.33 -45.80
C ASN L 159 -24.82 -63.06 -45.34
N SER L 160 -23.68 -62.43 -45.48
CA SER L 160 -22.44 -63.10 -45.17
C SER L 160 -21.98 -62.77 -43.82
N TYR L 161 -22.82 -62.13 -43.05
CA TYR L 161 -22.45 -61.86 -41.69
C TYR L 161 -23.51 -62.50 -40.86
N GLY L 162 -24.46 -63.13 -41.52
CA GLY L 162 -25.50 -63.83 -40.81
C GLY L 162 -26.61 -62.96 -40.32
N LEU L 163 -26.87 -61.88 -41.02
CA LEU L 163 -27.95 -61.04 -40.62
C LEU L 163 -28.97 -61.17 -41.71
N CYS L 164 -30.09 -60.48 -41.60
CA CYS L 164 -31.14 -60.66 -42.59
C CYS L 164 -30.99 -59.82 -43.82
N ILE L 165 -31.52 -60.29 -44.93
CA ILE L 165 -31.44 -59.58 -46.18
C ILE L 165 -32.84 -59.28 -46.65
N VAL L 166 -33.10 -58.06 -47.10
CA VAL L 166 -34.40 -57.70 -47.65
C VAL L 166 -35.56 -58.26 -46.88
#